data_1UFW
#
_entry.id   1UFW
#
_cell.length_a   1.000
_cell.length_b   1.000
_cell.length_c   1.000
_cell.angle_alpha   90.00
_cell.angle_beta   90.00
_cell.angle_gamma   90.00
#
_symmetry.space_group_name_H-M   'P 1'
#
_entity_poly.entity_id   1
_entity_poly.type   'polypeptide(L)'
_entity_poly.pdbx_seq_one_letter_code
;GSSGSSGSSFQGPLDATVVVNLQSPTLEEKNEFPEDLRTELMQTLGSYGTIVLVRINQGQMLVTFADSHSALSVLDVDGM
KVKGRAVKISGPSSG
;
_entity_poly.pdbx_strand_id   A
#
# COMPACT_ATOMS: atom_id res chain seq x y z
N GLY A 1 -20.94 17.54 -14.14
CA GLY A 1 -19.92 16.68 -13.59
C GLY A 1 -18.74 17.49 -13.05
N SER A 2 -17.66 16.78 -12.74
CA SER A 2 -16.48 17.43 -12.22
C SER A 2 -15.23 16.83 -12.88
N SER A 3 -14.94 17.32 -14.08
CA SER A 3 -13.79 16.86 -14.82
C SER A 3 -12.58 17.75 -14.54
N GLY A 4 -12.74 19.02 -14.83
CA GLY A 4 -11.68 19.98 -14.60
C GLY A 4 -11.19 19.93 -13.16
N SER A 5 -12.07 20.34 -12.25
CA SER A 5 -11.73 20.34 -10.83
C SER A 5 -10.96 19.06 -10.47
N SER A 6 -11.60 17.93 -10.76
CA SER A 6 -11.00 16.64 -10.47
C SER A 6 -9.57 16.60 -11.01
N GLY A 7 -9.47 16.77 -12.32
CA GLY A 7 -8.17 16.76 -12.98
C GLY A 7 -7.11 17.45 -12.11
N SER A 8 -7.32 18.74 -11.89
CA SER A 8 -6.40 19.52 -11.09
C SER A 8 -6.68 19.31 -9.61
N SER A 9 -6.24 18.16 -9.11
CA SER A 9 -6.43 17.82 -7.71
C SER A 9 -5.19 18.18 -6.90
N PHE A 10 -4.07 17.62 -7.32
CA PHE A 10 -2.81 17.89 -6.64
C PHE A 10 -2.97 17.78 -5.12
N GLN A 11 -2.66 16.60 -4.61
CA GLN A 11 -2.77 16.36 -3.18
C GLN A 11 -2.16 15.00 -2.83
N GLY A 12 -1.01 15.04 -2.19
CA GLY A 12 -0.32 13.81 -1.79
C GLY A 12 1.08 14.12 -1.26
N PRO A 13 1.54 13.26 -0.32
CA PRO A 13 2.86 13.43 0.27
C PRO A 13 3.96 13.01 -0.70
N LEU A 14 4.96 13.88 -0.82
CA LEU A 14 6.07 13.62 -1.72
C LEU A 14 6.66 12.24 -1.41
N ASP A 15 6.44 11.80 -0.18
CA ASP A 15 6.94 10.50 0.25
C ASP A 15 6.30 9.41 -0.60
N ALA A 16 4.98 9.40 -0.61
CA ALA A 16 4.24 8.42 -1.38
C ALA A 16 4.37 7.05 -0.71
N THR A 17 4.24 7.06 0.61
CA THR A 17 4.34 5.83 1.38
C THR A 17 2.96 5.40 1.88
N VAL A 18 2.80 4.09 1.99
CA VAL A 18 1.53 3.53 2.45
C VAL A 18 1.81 2.25 3.24
N VAL A 19 0.94 1.99 4.21
CA VAL A 19 1.07 0.82 5.05
C VAL A 19 0.15 -0.28 4.52
N VAL A 20 0.72 -1.47 4.36
CA VAL A 20 -0.04 -2.60 3.86
C VAL A 20 -0.17 -3.64 4.98
N ASN A 21 -1.38 -4.18 5.11
CA ASN A 21 -1.65 -5.18 6.13
C ASN A 21 -2.54 -6.27 5.53
N LEU A 22 -2.52 -7.43 6.18
CA LEU A 22 -3.33 -8.55 5.72
C LEU A 22 -4.62 -8.60 6.54
N GLN A 23 -5.67 -9.05 5.88
CA GLN A 23 -6.98 -9.16 6.53
C GLN A 23 -7.02 -10.40 7.41
N SER A 24 -6.66 -11.53 6.82
CA SER A 24 -6.66 -12.79 7.54
C SER A 24 -5.30 -13.49 7.37
N PRO A 25 -4.26 -12.89 8.03
CA PRO A 25 -2.91 -13.43 7.95
C PRO A 25 -2.79 -14.68 8.83
N THR A 26 -1.80 -15.50 8.50
CA THR A 26 -1.56 -16.72 9.25
C THR A 26 -0.42 -16.52 10.25
N LEU A 27 0.01 -17.63 10.85
CA LEU A 27 1.08 -17.58 11.83
C LEU A 27 2.35 -17.05 11.16
N GLU A 28 2.60 -17.53 9.95
CA GLU A 28 3.76 -17.12 9.20
C GLU A 28 3.75 -15.60 9.00
N GLU A 29 2.58 -15.09 8.65
CA GLU A 29 2.41 -13.67 8.43
C GLU A 29 2.42 -12.91 9.75
N LYS A 30 1.58 -13.38 10.68
CA LYS A 30 1.48 -12.77 11.98
C LYS A 30 2.88 -12.57 12.56
N ASN A 31 3.79 -13.46 12.14
CA ASN A 31 5.16 -13.39 12.61
C ASN A 31 5.92 -12.34 11.80
N GLU A 32 5.81 -12.44 10.49
CA GLU A 32 6.48 -11.51 9.60
C GLU A 32 6.07 -11.76 8.15
N PHE A 33 5.71 -10.69 7.47
CA PHE A 33 5.30 -10.79 6.07
C PHE A 33 6.15 -11.80 5.32
N PRO A 34 5.44 -12.69 4.56
CA PRO A 34 6.12 -13.72 3.79
C PRO A 34 6.77 -13.12 2.54
N GLU A 35 7.79 -13.82 2.07
CA GLU A 35 8.52 -13.38 0.88
C GLU A 35 7.72 -13.69 -0.37
N ASP A 36 7.04 -14.83 -0.34
CA ASP A 36 6.23 -15.26 -1.47
C ASP A 36 5.14 -14.22 -1.73
N LEU A 37 4.80 -13.48 -0.69
CA LEU A 37 3.77 -12.46 -0.78
C LEU A 37 4.44 -11.11 -1.07
N ARG A 38 5.41 -10.76 -0.24
CA ARG A 38 6.12 -9.51 -0.40
C ARG A 38 6.34 -9.21 -1.88
N THR A 39 7.30 -9.94 -2.45
CA THR A 39 7.63 -9.75 -3.86
C THR A 39 6.36 -9.54 -4.68
N GLU A 40 5.47 -10.53 -4.61
CA GLU A 40 4.22 -10.47 -5.35
C GLU A 40 3.56 -9.11 -5.14
N LEU A 41 3.64 -8.61 -3.91
CA LEU A 41 3.05 -7.32 -3.59
C LEU A 41 3.94 -6.21 -4.16
N MET A 42 5.21 -6.25 -3.79
CA MET A 42 6.16 -5.26 -4.25
C MET A 42 6.11 -5.13 -5.77
N GLN A 43 5.99 -6.27 -6.43
CA GLN A 43 5.94 -6.31 -7.88
C GLN A 43 4.54 -5.90 -8.37
N THR A 44 3.54 -6.26 -7.58
CA THR A 44 2.16 -5.93 -7.91
C THR A 44 1.90 -4.44 -7.68
N LEU A 45 1.89 -4.07 -6.41
CA LEU A 45 1.65 -2.68 -6.05
C LEU A 45 2.55 -1.77 -6.89
N GLY A 46 3.79 -2.20 -7.05
CA GLY A 46 4.75 -1.44 -7.82
C GLY A 46 4.21 -1.11 -9.22
N SER A 47 3.67 -2.13 -9.85
CA SER A 47 3.10 -1.97 -11.19
C SER A 47 2.37 -0.63 -11.28
N TYR A 48 1.32 -0.51 -10.48
CA TYR A 48 0.52 0.71 -10.47
C TYR A 48 1.42 1.95 -10.62
N GLY A 49 2.46 1.99 -9.80
CA GLY A 49 3.39 3.10 -9.84
C GLY A 49 4.84 2.60 -10.00
N THR A 50 5.67 2.99 -9.04
CA THR A 50 7.06 2.59 -9.06
C THR A 50 7.62 2.52 -7.63
N ILE A 51 8.12 1.34 -7.28
CA ILE A 51 8.68 1.12 -5.96
C ILE A 51 10.02 1.85 -5.86
N VAL A 52 10.07 2.80 -4.94
CA VAL A 52 11.29 3.57 -4.72
C VAL A 52 11.86 3.24 -3.35
N LEU A 53 11.06 2.52 -2.56
CA LEU A 53 11.48 2.14 -1.22
C LEU A 53 10.38 1.29 -0.58
N VAL A 54 10.81 0.40 0.31
CA VAL A 54 9.88 -0.47 0.99
C VAL A 54 10.44 -0.83 2.37
N ARG A 55 9.54 -0.94 3.34
CA ARG A 55 9.95 -1.28 4.69
C ARG A 55 8.89 -2.16 5.36
N ILE A 56 9.24 -3.42 5.56
CA ILE A 56 8.34 -4.37 6.18
C ILE A 56 8.55 -4.36 7.69
N ASN A 57 7.45 -4.22 8.42
CA ASN A 57 7.51 -4.20 9.87
C ASN A 57 7.05 -5.55 10.42
N GLN A 58 7.55 -5.87 11.60
CA GLN A 58 7.20 -7.13 12.24
C GLN A 58 5.77 -7.55 11.85
N GLY A 59 4.89 -6.55 11.81
CA GLY A 59 3.51 -6.80 11.46
C GLY A 59 2.94 -5.66 10.62
N GLN A 60 3.72 -5.24 9.64
CA GLN A 60 3.32 -4.16 8.76
C GLN A 60 4.14 -4.18 7.46
N MET A 61 3.74 -3.32 6.54
CA MET A 61 4.43 -3.23 5.27
C MET A 61 4.31 -1.83 4.67
N LEU A 62 5.27 -0.99 5.03
CA LEU A 62 5.29 0.38 4.54
C LEU A 62 5.96 0.42 3.17
N VAL A 63 5.13 0.55 2.13
CA VAL A 63 5.64 0.61 0.77
C VAL A 63 5.67 2.07 0.31
N THR A 64 6.70 2.39 -0.45
CA THR A 64 6.86 3.73 -0.97
C THR A 64 6.85 3.72 -2.50
N PHE A 65 6.27 4.77 -3.06
CA PHE A 65 6.19 4.90 -4.51
C PHE A 65 6.84 6.19 -4.99
N ALA A 66 6.76 6.42 -6.29
CA ALA A 66 7.33 7.60 -6.89
C ALA A 66 6.30 8.73 -6.87
N ASP A 67 5.11 8.40 -7.36
CA ASP A 67 4.03 9.37 -7.41
C ASP A 67 3.07 9.11 -6.23
N SER A 68 2.20 10.09 -6.02
CA SER A 68 1.23 9.99 -4.93
C SER A 68 -0.07 9.37 -5.46
N HIS A 69 -0.54 9.90 -6.57
CA HIS A 69 -1.76 9.40 -7.18
C HIS A 69 -1.79 7.88 -7.11
N SER A 70 -0.70 7.28 -7.55
CA SER A 70 -0.58 5.83 -7.55
C SER A 70 -1.13 5.26 -6.24
N ALA A 71 -0.62 5.81 -5.14
CA ALA A 71 -1.05 5.37 -3.82
C ALA A 71 -2.57 5.32 -3.78
N LEU A 72 -3.19 6.42 -4.18
CA LEU A 72 -4.63 6.51 -4.19
C LEU A 72 -5.21 5.25 -4.84
N SER A 73 -4.82 5.03 -6.08
CA SER A 73 -5.29 3.87 -6.82
C SER A 73 -5.07 2.59 -6.00
N VAL A 74 -3.82 2.41 -5.58
CA VAL A 74 -3.46 1.25 -4.79
C VAL A 74 -4.33 1.21 -3.53
N LEU A 75 -4.77 2.39 -3.12
CA LEU A 75 -5.60 2.49 -1.93
C LEU A 75 -7.05 2.16 -2.29
N ASP A 76 -7.37 2.37 -3.56
CA ASP A 76 -8.71 2.09 -4.05
C ASP A 76 -8.81 0.61 -4.44
N VAL A 77 -7.86 0.19 -5.26
CA VAL A 77 -7.83 -1.19 -5.72
C VAL A 77 -7.41 -2.10 -4.56
N ASP A 78 -6.96 -1.47 -3.49
CA ASP A 78 -6.52 -2.20 -2.32
C ASP A 78 -7.45 -3.39 -2.08
N GLY A 79 -8.75 -3.12 -2.20
CA GLY A 79 -9.75 -4.16 -2.01
C GLY A 79 -9.29 -5.48 -2.61
N MET A 80 -8.46 -5.38 -3.65
CA MET A 80 -7.95 -6.55 -4.31
C MET A 80 -7.47 -7.59 -3.30
N LYS A 81 -7.17 -8.78 -3.81
CA LYS A 81 -6.69 -9.86 -2.97
C LYS A 81 -5.41 -10.44 -3.56
N VAL A 82 -4.48 -10.76 -2.66
CA VAL A 82 -3.20 -11.31 -3.08
C VAL A 82 -3.06 -12.72 -2.51
N LYS A 83 -2.81 -13.68 -3.40
CA LYS A 83 -2.65 -15.06 -3.00
C LYS A 83 -3.93 -15.54 -2.31
N GLY A 84 -5.05 -14.98 -2.75
CA GLY A 84 -6.34 -15.34 -2.18
C GLY A 84 -6.51 -14.72 -0.79
N ARG A 85 -5.57 -13.85 -0.44
CA ARG A 85 -5.62 -13.18 0.85
C ARG A 85 -6.04 -11.72 0.67
N ALA A 86 -6.98 -11.31 1.52
CA ALA A 86 -7.48 -9.94 1.47
C ALA A 86 -6.43 -9.00 2.05
N VAL A 87 -6.07 -8.00 1.26
CA VAL A 87 -5.09 -7.02 1.69
C VAL A 87 -5.80 -5.74 2.10
N LYS A 88 -5.11 -4.97 2.94
CA LYS A 88 -5.66 -3.71 3.42
C LYS A 88 -4.54 -2.68 3.55
N ILE A 89 -4.68 -1.61 2.78
CA ILE A 89 -3.69 -0.54 2.79
C ILE A 89 -4.26 0.67 3.53
N SER A 90 -3.39 1.30 4.32
CA SER A 90 -3.80 2.47 5.08
C SER A 90 -2.88 3.64 4.77
N GLY A 91 -3.18 4.78 5.38
CA GLY A 91 -2.38 5.98 5.18
C GLY A 91 -1.56 6.32 6.42
N PRO A 92 -0.23 6.02 6.33
CA PRO A 92 0.66 6.30 7.44
C PRO A 92 0.95 7.79 7.56
N SER A 93 -0.11 8.55 7.76
CA SER A 93 0.02 9.99 7.90
C SER A 93 -0.95 10.51 8.96
N SER A 94 -0.41 11.30 9.87
CA SER A 94 -1.21 11.86 10.95
C SER A 94 -0.43 12.95 11.68
N GLY A 95 -0.95 14.17 11.59
CA GLY A 95 -0.30 15.30 12.24
C GLY A 95 -0.94 15.59 13.60
N GLY A 1 -3.28 36.67 -11.98
CA GLY A 1 -2.47 36.30 -10.84
C GLY A 1 -2.37 34.78 -10.69
N SER A 2 -2.43 34.34 -9.44
CA SER A 2 -2.36 32.91 -9.16
C SER A 2 -3.47 32.52 -8.18
N SER A 3 -4.54 31.96 -8.75
CA SER A 3 -5.67 31.53 -7.94
C SER A 3 -5.24 30.42 -6.99
N GLY A 4 -4.74 29.34 -7.57
CA GLY A 4 -4.30 28.20 -6.79
C GLY A 4 -3.46 28.65 -5.59
N SER A 5 -2.36 29.33 -5.90
CA SER A 5 -1.47 29.83 -4.87
C SER A 5 -2.28 30.51 -3.76
N SER A 6 -3.02 31.53 -4.16
CA SER A 6 -3.83 32.28 -3.22
C SER A 6 -4.63 31.30 -2.34
N GLY A 7 -5.40 30.46 -2.99
CA GLY A 7 -6.21 29.48 -2.29
C GLY A 7 -5.35 28.63 -1.35
N SER A 8 -4.33 28.02 -1.93
CA SER A 8 -3.43 27.18 -1.15
C SER A 8 -4.19 26.00 -0.56
N SER A 9 -4.29 24.93 -1.35
CA SER A 9 -5.00 23.74 -0.91
C SER A 9 -4.02 22.81 -0.19
N PHE A 10 -3.00 22.39 -0.92
CA PHE A 10 -2.00 21.49 -0.36
C PHE A 10 -2.66 20.29 0.32
N GLN A 11 -2.67 19.17 -0.40
CA GLN A 11 -3.26 17.95 0.12
C GLN A 11 -2.41 16.74 -0.26
N GLY A 12 -2.13 16.63 -1.55
CA GLY A 12 -1.34 15.53 -2.06
C GLY A 12 0.03 15.49 -1.39
N PRO A 13 0.33 14.34 -0.74
CA PRO A 13 1.60 14.16 -0.06
C PRO A 13 2.74 13.93 -1.06
N LEU A 14 3.93 14.30 -0.63
CA LEU A 14 5.11 14.14 -1.48
C LEU A 14 5.75 12.78 -1.21
N ASP A 15 5.84 12.46 0.07
CA ASP A 15 6.43 11.20 0.48
C ASP A 15 5.96 10.08 -0.46
N ALA A 16 4.65 9.86 -0.44
CA ALA A 16 4.05 8.83 -1.28
C ALA A 16 4.22 7.47 -0.60
N THR A 17 4.12 7.47 0.71
CA THR A 17 4.25 6.25 1.48
C THR A 17 2.88 5.73 1.91
N VAL A 18 2.77 4.40 1.96
CA VAL A 18 1.52 3.77 2.34
C VAL A 18 1.82 2.52 3.15
N VAL A 19 0.94 2.24 4.10
CA VAL A 19 1.10 1.07 4.96
C VAL A 19 0.18 -0.05 4.46
N VAL A 20 0.76 -1.24 4.36
CA VAL A 20 0.01 -2.39 3.90
C VAL A 20 -0.11 -3.41 5.05
N ASN A 21 -1.22 -4.13 5.05
CA ASN A 21 -1.47 -5.12 6.07
C ASN A 21 -2.41 -6.20 5.51
N LEU A 22 -2.46 -7.32 6.23
CA LEU A 22 -3.31 -8.42 5.82
C LEU A 22 -4.55 -8.46 6.71
N GLN A 23 -5.71 -8.48 6.08
CA GLN A 23 -6.96 -8.52 6.81
C GLN A 23 -7.05 -9.80 7.65
N SER A 24 -6.97 -10.93 6.96
CA SER A 24 -7.03 -12.21 7.62
C SER A 24 -5.84 -13.08 7.22
N PRO A 25 -4.65 -12.69 7.71
CA PRO A 25 -3.42 -13.42 7.41
C PRO A 25 -3.36 -14.73 8.18
N THR A 26 -2.36 -15.53 7.84
CA THR A 26 -2.17 -16.81 8.51
C THR A 26 -1.07 -16.72 9.56
N LEU A 27 -0.99 -17.75 10.38
CA LEU A 27 0.02 -17.80 11.43
C LEU A 27 1.38 -17.43 10.84
N GLU A 28 1.68 -18.03 9.72
CA GLU A 28 2.95 -17.77 9.04
C GLU A 28 3.10 -16.28 8.76
N GLU A 29 1.97 -15.62 8.61
CA GLU A 29 1.95 -14.19 8.33
C GLU A 29 1.87 -13.40 9.64
N LYS A 30 1.05 -13.89 10.55
CA LYS A 30 0.88 -13.24 11.84
C LYS A 30 2.25 -13.08 12.51
N ASN A 31 3.19 -13.90 12.06
CA ASN A 31 4.54 -13.85 12.60
C ASN A 31 5.35 -12.79 11.86
N GLU A 32 5.36 -12.92 10.54
CA GLU A 32 6.09 -11.98 9.70
C GLU A 32 5.68 -12.15 8.24
N PHE A 33 5.56 -11.02 7.56
CA PHE A 33 5.18 -11.03 6.16
C PHE A 33 6.03 -12.02 5.36
N PRO A 34 5.32 -12.85 4.54
CA PRO A 34 6.01 -13.84 3.73
C PRO A 34 6.70 -13.18 2.53
N GLU A 35 7.77 -13.82 2.08
CA GLU A 35 8.53 -13.31 0.95
C GLU A 35 7.80 -13.62 -0.36
N ASP A 36 7.05 -14.72 -0.33
CA ASP A 36 6.31 -15.13 -1.51
C ASP A 36 5.19 -14.12 -1.79
N LEU A 37 4.83 -13.39 -0.75
CA LEU A 37 3.78 -12.38 -0.87
C LEU A 37 4.42 -11.03 -1.15
N ARG A 38 5.44 -10.69 -0.37
CA ARG A 38 6.13 -9.43 -0.53
C ARG A 38 6.29 -9.10 -2.02
N THR A 39 7.22 -9.80 -2.65
CA THR A 39 7.48 -9.60 -4.07
C THR A 39 6.16 -9.42 -4.82
N GLU A 40 5.27 -10.38 -4.65
CA GLU A 40 3.98 -10.34 -5.30
C GLU A 40 3.34 -8.98 -5.13
N LEU A 41 3.41 -8.47 -3.91
CA LEU A 41 2.85 -7.17 -3.59
C LEU A 41 3.76 -6.07 -4.13
N MET A 42 5.00 -6.11 -3.69
CA MET A 42 5.97 -5.12 -4.12
C MET A 42 5.89 -4.89 -5.63
N GLN A 43 5.70 -5.98 -6.35
CA GLN A 43 5.60 -5.91 -7.80
C GLN A 43 4.21 -5.44 -8.22
N THR A 44 3.20 -6.11 -7.66
CA THR A 44 1.82 -5.77 -7.97
C THR A 44 1.59 -4.27 -7.76
N LEU A 45 1.73 -3.84 -6.52
CA LEU A 45 1.54 -2.44 -6.17
C LEU A 45 2.53 -1.59 -6.96
N GLY A 46 3.79 -2.01 -6.92
CA GLY A 46 4.84 -1.29 -7.62
C GLY A 46 4.46 -1.07 -9.08
N SER A 47 3.86 -2.09 -9.68
CA SER A 47 3.45 -2.01 -11.07
C SER A 47 2.66 -0.72 -11.30
N TYR A 48 1.51 -0.64 -10.65
CA TYR A 48 0.65 0.54 -10.78
C TYR A 48 1.48 1.81 -10.88
N GLY A 49 2.39 1.97 -9.92
CA GLY A 49 3.24 3.14 -9.89
C GLY A 49 4.72 2.74 -10.01
N THR A 50 5.53 3.25 -9.09
CA THR A 50 6.95 2.95 -9.10
C THR A 50 7.47 2.83 -7.66
N ILE A 51 8.23 1.77 -7.43
CA ILE A 51 8.79 1.52 -6.11
C ILE A 51 10.04 2.38 -5.93
N VAL A 52 9.91 3.41 -5.10
CA VAL A 52 11.02 4.30 -4.84
C VAL A 52 11.70 3.89 -3.53
N LEU A 53 10.98 3.08 -2.76
CA LEU A 53 11.50 2.61 -1.48
C LEU A 53 10.41 1.83 -0.76
N VAL A 54 10.86 0.85 0.02
CA VAL A 54 9.93 0.02 0.78
C VAL A 54 10.57 -0.36 2.12
N ARG A 55 9.71 -0.59 3.10
CA ARG A 55 10.18 -0.96 4.43
C ARG A 55 9.09 -1.71 5.18
N ILE A 56 9.36 -2.98 5.44
CA ILE A 56 8.41 -3.82 6.16
C ILE A 56 8.79 -3.87 7.63
N ASN A 57 7.77 -3.91 8.47
CA ASN A 57 7.98 -3.96 9.91
C ASN A 57 7.50 -5.31 10.46
N GLN A 58 8.00 -5.66 11.63
CA GLN A 58 7.62 -6.91 12.26
C GLN A 58 6.25 -7.37 11.78
N GLY A 59 5.32 -6.43 11.79
CA GLY A 59 3.96 -6.71 11.35
C GLY A 59 3.37 -5.52 10.58
N GLN A 60 4.15 -5.03 9.63
CA GLN A 60 3.72 -3.91 8.82
C GLN A 60 4.46 -3.91 7.48
N MET A 61 3.94 -3.11 6.55
CA MET A 61 4.54 -3.01 5.24
C MET A 61 4.41 -1.59 4.68
N LEU A 62 5.44 -0.79 4.96
CA LEU A 62 5.45 0.59 4.49
C LEU A 62 6.06 0.66 3.10
N VAL A 63 5.20 0.81 2.11
CA VAL A 63 5.62 0.89 0.73
C VAL A 63 5.58 2.35 0.26
N THR A 64 6.65 2.75 -0.41
CA THR A 64 6.74 4.10 -0.92
C THR A 64 6.67 4.11 -2.45
N PHE A 65 6.09 5.17 -2.98
CA PHE A 65 5.94 5.31 -4.42
C PHE A 65 6.58 6.61 -4.91
N ALA A 66 6.58 6.78 -6.23
CA ALA A 66 7.15 7.96 -6.83
C ALA A 66 6.06 9.03 -6.99
N ASP A 67 4.85 8.55 -7.20
CA ASP A 67 3.71 9.44 -7.37
C ASP A 67 2.67 9.14 -6.29
N SER A 68 1.71 10.06 -6.17
CA SER A 68 0.66 9.90 -5.19
C SER A 68 -0.55 9.21 -5.82
N HIS A 69 -0.91 9.67 -7.01
CA HIS A 69 -2.04 9.10 -7.72
C HIS A 69 -1.97 7.57 -7.66
N SER A 70 -0.74 7.07 -7.66
CA SER A 70 -0.52 5.63 -7.60
C SER A 70 -1.08 5.07 -6.29
N ALA A 71 -0.55 5.59 -5.19
CA ALA A 71 -0.98 5.15 -3.88
C ALA A 71 -2.50 5.31 -3.77
N LEU A 72 -3.00 6.35 -4.41
CA LEU A 72 -4.44 6.62 -4.39
C LEU A 72 -5.20 5.37 -4.82
N SER A 73 -4.91 4.93 -6.05
CA SER A 73 -5.56 3.76 -6.60
C SER A 73 -5.10 2.51 -5.84
N VAL A 74 -3.78 2.39 -5.72
CA VAL A 74 -3.20 1.25 -5.02
C VAL A 74 -3.85 1.11 -3.64
N LEU A 75 -4.25 2.25 -3.09
CA LEU A 75 -4.89 2.27 -1.79
C LEU A 75 -6.24 1.56 -1.87
N ASP A 76 -7.00 1.92 -2.89
CA ASP A 76 -8.30 1.31 -3.09
C ASP A 76 -8.13 -0.12 -3.60
N VAL A 77 -7.19 -0.28 -4.52
CA VAL A 77 -6.92 -1.59 -5.09
C VAL A 77 -6.63 -2.58 -3.97
N ASP A 78 -6.24 -2.04 -2.83
CA ASP A 78 -5.93 -2.86 -1.68
C ASP A 78 -7.01 -3.93 -1.52
N GLY A 79 -8.21 -3.58 -1.94
CA GLY A 79 -9.33 -4.51 -1.85
C GLY A 79 -8.98 -5.86 -2.48
N MET A 80 -7.96 -5.83 -3.33
CA MET A 80 -7.52 -7.03 -4.01
C MET A 80 -7.27 -8.16 -3.01
N LYS A 81 -7.07 -9.36 -3.55
CA LYS A 81 -6.82 -10.52 -2.72
C LYS A 81 -5.55 -11.23 -3.21
N VAL A 82 -4.65 -11.49 -2.26
CA VAL A 82 -3.40 -12.15 -2.57
C VAL A 82 -3.36 -13.51 -1.87
N LYS A 83 -3.18 -14.55 -2.67
CA LYS A 83 -3.12 -15.90 -2.15
C LYS A 83 -4.42 -16.21 -1.41
N GLY A 84 -5.51 -15.69 -1.94
CA GLY A 84 -6.82 -15.91 -1.34
C GLY A 84 -6.95 -15.13 -0.03
N ARG A 85 -5.93 -14.33 0.26
CA ARG A 85 -5.92 -13.54 1.48
C ARG A 85 -6.26 -12.09 1.16
N ALA A 86 -7.16 -11.53 1.98
CA ALA A 86 -7.58 -10.16 1.80
C ALA A 86 -6.53 -9.22 2.39
N VAL A 87 -6.07 -8.30 1.55
CA VAL A 87 -5.05 -7.35 1.98
C VAL A 87 -5.72 -5.99 2.22
N LYS A 88 -4.96 -5.09 2.83
CA LYS A 88 -5.46 -3.76 3.12
C LYS A 88 -4.30 -2.77 3.07
N ILE A 89 -4.59 -1.59 2.54
CA ILE A 89 -3.59 -0.55 2.43
C ILE A 89 -4.15 0.76 3.00
N SER A 90 -3.46 1.27 4.00
CA SER A 90 -3.87 2.51 4.64
C SER A 90 -2.91 3.64 4.27
N GLY A 91 -3.30 4.85 4.64
CA GLY A 91 -2.48 6.02 4.35
C GLY A 91 -2.08 6.73 5.65
N PRO A 92 -0.75 6.68 5.94
CA PRO A 92 -0.22 7.30 7.14
C PRO A 92 -0.16 8.83 6.97
N SER A 93 0.45 9.25 5.87
CA SER A 93 0.58 10.67 5.59
C SER A 93 1.60 11.30 6.53
N SER A 94 2.19 12.40 6.08
CA SER A 94 3.18 13.11 6.86
C SER A 94 2.57 14.37 7.47
N GLY A 95 2.10 15.24 6.59
CA GLY A 95 1.49 16.49 7.01
C GLY A 95 2.18 17.69 6.36
N GLY A 1 -22.54 12.84 -15.31
CA GLY A 1 -21.20 12.36 -15.03
C GLY A 1 -20.69 12.87 -13.69
N SER A 2 -19.66 12.20 -13.19
CA SER A 2 -19.08 12.58 -11.90
C SER A 2 -17.61 12.97 -12.10
N SER A 3 -17.42 14.16 -12.64
CA SER A 3 -16.06 14.66 -12.87
C SER A 3 -15.64 15.58 -11.72
N GLY A 4 -16.39 16.65 -11.55
CA GLY A 4 -16.11 17.60 -10.48
C GLY A 4 -15.65 16.88 -9.21
N SER A 5 -16.26 15.73 -8.97
CA SER A 5 -15.94 14.93 -7.80
C SER A 5 -14.44 14.58 -7.80
N SER A 6 -14.05 13.84 -8.83
CA SER A 6 -12.66 13.44 -8.97
C SER A 6 -11.79 14.66 -9.25
N GLY A 7 -12.37 15.63 -9.93
CA GLY A 7 -11.66 16.85 -10.27
C GLY A 7 -11.17 17.57 -9.02
N SER A 8 -12.13 18.01 -8.21
CA SER A 8 -11.81 18.71 -6.98
C SER A 8 -11.25 17.73 -5.95
N SER A 9 -10.03 17.29 -6.19
CA SER A 9 -9.38 16.35 -5.29
C SER A 9 -8.49 17.11 -4.30
N PHE A 10 -7.54 17.84 -4.84
CA PHE A 10 -6.62 18.61 -4.03
C PHE A 10 -5.98 17.73 -2.95
N GLN A 11 -5.05 18.33 -2.21
CA GLN A 11 -4.37 17.62 -1.15
C GLN A 11 -3.64 16.40 -1.71
N GLY A 12 -2.41 16.64 -2.18
CA GLY A 12 -1.60 15.58 -2.74
C GLY A 12 -0.32 15.38 -1.93
N PRO A 13 -0.16 14.13 -1.41
CA PRO A 13 1.02 13.80 -0.62
C PRO A 13 2.25 13.63 -1.52
N LEU A 14 3.37 14.16 -1.03
CA LEU A 14 4.61 14.07 -1.76
C LEU A 14 5.33 12.77 -1.40
N ASP A 15 5.33 12.48 -0.11
CA ASP A 15 5.96 11.28 0.38
C ASP A 15 5.58 10.09 -0.51
N ALA A 16 4.30 9.79 -0.51
CA ALA A 16 3.79 8.69 -1.32
C ALA A 16 4.04 7.37 -0.58
N THR A 17 3.86 7.42 0.72
CA THR A 17 4.05 6.23 1.55
C THR A 17 2.70 5.65 1.97
N VAL A 18 2.63 4.33 1.92
CA VAL A 18 1.41 3.64 2.29
C VAL A 18 1.76 2.45 3.19
N VAL A 19 0.78 2.06 4.00
CA VAL A 19 0.98 0.94 4.91
C VAL A 19 0.28 -0.29 4.36
N VAL A 20 1.00 -1.40 4.35
CA VAL A 20 0.45 -2.65 3.84
C VAL A 20 0.26 -3.62 5.01
N ASN A 21 -0.93 -4.21 5.05
CA ASN A 21 -1.26 -5.16 6.10
C ASN A 21 -2.15 -6.27 5.53
N LEU A 22 -2.32 -7.32 6.32
CA LEU A 22 -3.13 -8.44 5.90
C LEU A 22 -4.39 -8.51 6.77
N GLN A 23 -5.53 -8.60 6.09
CA GLN A 23 -6.80 -8.66 6.79
C GLN A 23 -6.84 -9.88 7.72
N SER A 24 -6.71 -11.05 7.11
CA SER A 24 -6.73 -12.29 7.87
C SER A 24 -5.47 -13.11 7.57
N PRO A 25 -4.33 -12.67 8.18
CA PRO A 25 -3.07 -13.35 7.98
C PRO A 25 -3.02 -14.67 8.77
N THR A 26 -2.17 -15.57 8.30
CA THR A 26 -2.02 -16.86 8.94
C THR A 26 -0.91 -16.81 10.00
N LEU A 27 -0.50 -18.00 10.43
CA LEU A 27 0.55 -18.09 11.43
C LEU A 27 1.87 -17.61 10.83
N GLU A 28 2.06 -17.92 9.56
CA GLU A 28 3.28 -17.52 8.87
C GLU A 28 3.30 -15.99 8.68
N GLU A 29 2.11 -15.42 8.69
CA GLU A 29 1.98 -13.97 8.53
C GLU A 29 1.93 -13.29 9.90
N LYS A 30 1.19 -13.90 10.81
CA LYS A 30 1.05 -13.36 12.15
C LYS A 30 2.43 -13.23 12.79
N ASN A 31 3.36 -14.01 12.27
CA ASN A 31 4.73 -13.99 12.78
C ASN A 31 5.54 -12.95 12.01
N GLU A 32 5.34 -12.94 10.70
CA GLU A 32 6.05 -12.01 9.85
C GLU A 32 5.54 -12.12 8.40
N PHE A 33 5.65 -11.01 7.69
CA PHE A 33 5.21 -10.97 6.31
C PHE A 33 6.04 -11.92 5.43
N PRO A 34 5.31 -12.80 4.69
CA PRO A 34 5.98 -13.76 3.82
C PRO A 34 6.51 -13.08 2.57
N GLU A 35 7.53 -13.69 1.99
CA GLU A 35 8.16 -13.17 0.78
C GLU A 35 7.26 -13.42 -0.43
N ASP A 36 6.81 -14.67 -0.53
CA ASP A 36 5.95 -15.05 -1.64
C ASP A 36 4.82 -14.04 -1.79
N LEU A 37 4.52 -13.36 -0.69
CA LEU A 37 3.47 -12.36 -0.68
C LEU A 37 4.07 -10.99 -1.00
N ARG A 38 5.06 -10.61 -0.19
CA ARG A 38 5.73 -9.33 -0.38
C ARG A 38 5.96 -9.07 -1.87
N THR A 39 6.91 -9.80 -2.43
CA THR A 39 7.24 -9.65 -3.84
C THR A 39 5.97 -9.46 -4.67
N GLU A 40 5.00 -10.32 -4.41
CA GLU A 40 3.73 -10.26 -5.12
C GLU A 40 3.11 -8.87 -4.96
N LEU A 41 3.14 -8.38 -3.73
CA LEU A 41 2.58 -7.08 -3.44
C LEU A 41 3.50 -5.99 -3.97
N MET A 42 4.74 -6.01 -3.48
CA MET A 42 5.73 -5.04 -3.91
C MET A 42 5.64 -4.78 -5.42
N GLN A 43 5.68 -5.87 -6.17
CA GLN A 43 5.61 -5.78 -7.62
C GLN A 43 4.21 -5.32 -8.05
N THR A 44 3.21 -5.92 -7.42
CA THR A 44 1.82 -5.58 -7.73
C THR A 44 1.57 -4.09 -7.50
N LEU A 45 1.64 -3.71 -6.24
CA LEU A 45 1.43 -2.32 -5.86
C LEU A 45 2.42 -1.43 -6.63
N GLY A 46 3.66 -1.87 -6.65
CA GLY A 46 4.71 -1.14 -7.33
C GLY A 46 4.30 -0.83 -8.78
N SER A 47 3.71 -1.83 -9.42
CA SER A 47 3.28 -1.68 -10.79
C SER A 47 2.50 -0.37 -10.96
N TYR A 48 1.37 -0.29 -10.28
CA TYR A 48 0.53 0.89 -10.34
C TYR A 48 1.37 2.16 -10.39
N GLY A 49 2.47 2.14 -9.63
CA GLY A 49 3.36 3.28 -9.59
C GLY A 49 4.82 2.83 -9.74
N THR A 50 5.65 3.29 -8.81
CA THR A 50 7.06 2.95 -8.83
C THR A 50 7.60 2.81 -7.40
N ILE A 51 8.14 1.64 -7.11
CA ILE A 51 8.69 1.38 -5.80
C ILE A 51 10.01 2.13 -5.63
N VAL A 52 9.92 3.26 -4.95
CA VAL A 52 11.10 4.09 -4.72
C VAL A 52 11.77 3.67 -3.42
N LEU A 53 11.03 2.90 -2.63
CA LEU A 53 11.53 2.43 -1.36
C LEU A 53 10.41 1.71 -0.59
N VAL A 54 10.81 0.72 0.19
CA VAL A 54 9.84 -0.05 0.96
C VAL A 54 10.51 -0.51 2.26
N ARG A 55 9.70 -0.58 3.31
CA ARG A 55 10.18 -1.00 4.61
C ARG A 55 9.17 -1.94 5.27
N ILE A 56 9.55 -3.21 5.34
CA ILE A 56 8.70 -4.21 5.95
C ILE A 56 8.86 -4.17 7.47
N ASN A 57 7.74 -4.06 8.16
CA ASN A 57 7.74 -4.02 9.61
C ASN A 57 7.28 -5.37 10.17
N GLN A 58 7.88 -5.74 11.28
CA GLN A 58 7.54 -7.00 11.93
C GLN A 58 6.05 -7.31 11.75
N GLY A 59 5.25 -6.26 11.88
CA GLY A 59 3.81 -6.40 11.73
C GLY A 59 3.23 -5.28 10.86
N GLN A 60 3.89 -5.05 9.72
CA GLN A 60 3.45 -4.02 8.81
C GLN A 60 4.37 -3.96 7.58
N MET A 61 4.14 -2.96 6.75
CA MET A 61 4.94 -2.79 5.55
C MET A 61 4.70 -1.42 4.92
N LEU A 62 5.66 -0.53 5.13
CA LEU A 62 5.57 0.81 4.59
C LEU A 62 6.12 0.83 3.17
N VAL A 63 5.22 0.94 2.21
CA VAL A 63 5.59 0.97 0.80
C VAL A 63 5.57 2.41 0.30
N THR A 64 6.68 2.81 -0.29
CA THR A 64 6.80 4.17 -0.82
C THR A 64 6.73 4.14 -2.34
N PHE A 65 6.10 5.18 -2.89
CA PHE A 65 5.97 5.29 -4.33
C PHE A 65 6.56 6.61 -4.84
N ALA A 66 6.56 6.75 -6.15
CA ALA A 66 7.09 7.95 -6.77
C ALA A 66 5.97 8.98 -6.94
N ASP A 67 4.79 8.47 -7.23
CA ASP A 67 3.62 9.33 -7.42
C ASP A 67 2.58 9.00 -6.36
N SER A 68 1.60 9.88 -6.25
CA SER A 68 0.53 9.70 -5.28
C SER A 68 -0.65 8.98 -5.93
N HIS A 69 -0.99 9.42 -7.13
CA HIS A 69 -2.09 8.84 -7.87
C HIS A 69 -1.93 7.32 -7.89
N SER A 70 -0.68 6.88 -7.88
CA SER A 70 -0.38 5.46 -7.89
C SER A 70 -0.77 4.83 -6.56
N ALA A 71 -0.26 5.43 -5.49
CA ALA A 71 -0.54 4.94 -4.16
C ALA A 71 -2.04 5.08 -3.86
N LEU A 72 -2.64 6.06 -4.51
CA LEU A 72 -4.06 6.32 -4.33
C LEU A 72 -4.87 5.20 -5.01
N SER A 73 -4.46 4.88 -6.23
CA SER A 73 -5.13 3.85 -6.99
C SER A 73 -5.04 2.51 -6.25
N VAL A 74 -3.81 2.10 -5.96
CA VAL A 74 -3.58 0.86 -5.25
C VAL A 74 -4.32 0.89 -3.91
N LEU A 75 -4.41 2.09 -3.36
CA LEU A 75 -5.09 2.27 -2.08
C LEU A 75 -6.55 1.83 -2.21
N ASP A 76 -7.13 2.12 -3.37
CA ASP A 76 -8.51 1.76 -3.63
C ASP A 76 -8.58 0.27 -3.98
N VAL A 77 -7.79 -0.10 -4.97
CA VAL A 77 -7.75 -1.48 -5.42
C VAL A 77 -7.22 -2.37 -4.28
N ASP A 78 -6.68 -1.70 -3.26
CA ASP A 78 -6.13 -2.41 -2.13
C ASP A 78 -7.09 -3.52 -1.70
N GLY A 79 -8.38 -3.20 -1.79
CA GLY A 79 -9.40 -4.16 -1.43
C GLY A 79 -9.16 -5.52 -2.08
N MET A 80 -8.40 -5.48 -3.17
CA MET A 80 -8.08 -6.70 -3.90
C MET A 80 -7.53 -7.78 -2.96
N LYS A 81 -7.47 -8.99 -3.47
CA LYS A 81 -6.98 -10.12 -2.70
C LYS A 81 -5.71 -10.66 -3.36
N VAL A 82 -4.73 -10.98 -2.52
CA VAL A 82 -3.48 -11.52 -3.01
C VAL A 82 -3.26 -12.91 -2.42
N LYS A 83 -3.04 -13.87 -3.31
CA LYS A 83 -2.82 -15.24 -2.90
C LYS A 83 -4.03 -15.73 -2.10
N GLY A 84 -5.20 -15.30 -2.52
CA GLY A 84 -6.43 -15.67 -1.85
C GLY A 84 -6.50 -15.06 -0.45
N ARG A 85 -5.57 -14.15 -0.19
CA ARG A 85 -5.52 -13.48 1.10
C ARG A 85 -5.97 -12.03 0.96
N ALA A 86 -6.80 -11.61 1.91
CA ALA A 86 -7.31 -10.25 1.91
C ALA A 86 -6.20 -9.30 2.37
N VAL A 87 -5.84 -8.39 1.48
CA VAL A 87 -4.80 -7.41 1.79
C VAL A 87 -5.45 -6.09 2.16
N LYS A 88 -4.69 -5.26 2.87
CA LYS A 88 -5.17 -3.96 3.29
C LYS A 88 -4.05 -2.93 3.17
N ILE A 89 -4.25 -2.00 2.25
CA ILE A 89 -3.27 -0.95 2.02
C ILE A 89 -3.85 0.40 2.43
N SER A 90 -3.27 0.96 3.48
CA SER A 90 -3.73 2.24 4.00
C SER A 90 -2.60 3.27 3.89
N GLY A 91 -2.90 4.47 4.38
CA GLY A 91 -1.92 5.55 4.35
C GLY A 91 -1.54 5.98 5.77
N PRO A 92 -0.24 5.75 6.10
CA PRO A 92 0.25 6.11 7.42
C PRO A 92 0.45 7.63 7.53
N SER A 93 -0.66 8.34 7.61
CA SER A 93 -0.63 9.78 7.71
C SER A 93 -0.41 10.19 9.17
N SER A 94 0.79 10.71 9.43
CA SER A 94 1.13 11.14 10.77
C SER A 94 1.23 9.93 11.71
N GLY A 95 2.41 9.32 11.71
CA GLY A 95 2.65 8.16 12.54
C GLY A 95 3.22 7.00 11.72
N GLY A 1 -13.08 -0.22 2.99
CA GLY A 1 -12.96 0.69 1.87
C GLY A 1 -13.08 2.14 2.33
N SER A 2 -12.44 3.02 1.57
CA SER A 2 -12.46 4.44 1.88
C SER A 2 -13.24 5.20 0.82
N SER A 3 -14.52 5.39 1.08
CA SER A 3 -15.38 6.10 0.16
C SER A 3 -15.53 7.56 0.60
N GLY A 4 -16.02 7.72 1.82
CA GLY A 4 -16.22 9.06 2.37
C GLY A 4 -14.91 9.86 2.35
N SER A 5 -14.00 9.45 3.21
CA SER A 5 -12.71 10.12 3.30
C SER A 5 -12.16 10.37 1.89
N SER A 6 -11.98 9.28 1.15
CA SER A 6 -11.47 9.38 -0.20
C SER A 6 -12.19 10.48 -0.97
N GLY A 7 -13.51 10.34 -1.03
CA GLY A 7 -14.33 11.31 -1.73
C GLY A 7 -13.80 12.73 -1.51
N SER A 8 -13.97 13.22 -0.30
CA SER A 8 -13.51 14.56 0.04
C SER A 8 -12.14 14.48 0.73
N SER A 9 -11.16 14.00 -0.02
CA SER A 9 -9.81 13.87 0.50
C SER A 9 -8.97 15.08 0.08
N PHE A 10 -8.82 15.23 -1.22
CA PHE A 10 -8.05 16.33 -1.77
C PHE A 10 -6.78 16.58 -0.93
N GLN A 11 -5.81 15.70 -1.10
CA GLN A 11 -4.56 15.81 -0.37
C GLN A 11 -3.57 14.75 -0.85
N GLY A 12 -2.33 15.19 -1.00
CA GLY A 12 -1.27 14.29 -1.45
C GLY A 12 0.01 14.50 -0.65
N PRO A 13 0.47 13.38 0.00
CA PRO A 13 1.68 13.44 0.81
C PRO A 13 2.92 13.49 -0.08
N LEU A 14 3.98 14.07 0.47
CA LEU A 14 5.23 14.19 -0.25
C LEU A 14 6.07 12.94 -0.02
N ASP A 15 5.66 12.16 0.97
CA ASP A 15 6.36 10.93 1.30
C ASP A 15 6.05 9.87 0.24
N ALA A 16 4.77 9.62 0.05
CA ALA A 16 4.34 8.63 -0.93
C ALA A 16 4.49 7.23 -0.35
N THR A 17 4.20 7.13 0.94
CA THR A 17 4.30 5.85 1.63
C THR A 17 2.90 5.32 1.96
N VAL A 18 2.76 4.00 1.86
CA VAL A 18 1.50 3.36 2.15
C VAL A 18 1.73 2.14 3.05
N VAL A 19 0.74 1.85 3.86
CA VAL A 19 0.84 0.72 4.78
C VAL A 19 0.04 -0.46 4.21
N VAL A 20 0.62 -1.63 4.31
CA VAL A 20 -0.02 -2.84 3.81
C VAL A 20 -0.24 -3.82 4.98
N ASN A 21 -1.42 -4.41 4.98
CA ASN A 21 -1.76 -5.37 6.02
C ASN A 21 -2.67 -6.45 5.44
N LEU A 22 -2.74 -7.57 6.15
CA LEU A 22 -3.56 -8.69 5.72
C LEU A 22 -4.87 -8.68 6.51
N GLN A 23 -5.91 -9.18 5.86
CA GLN A 23 -7.23 -9.25 6.49
C GLN A 23 -7.33 -10.51 7.36
N SER A 24 -7.06 -11.64 6.74
CA SER A 24 -7.13 -12.92 7.44
C SER A 24 -5.83 -13.70 7.24
N PRO A 25 -4.74 -13.18 7.90
CA PRO A 25 -3.44 -13.82 7.79
C PRO A 25 -3.39 -15.10 8.63
N THR A 26 -2.23 -15.75 8.59
CA THR A 26 -2.04 -16.99 9.33
C THR A 26 -0.91 -16.82 10.35
N LEU A 27 -0.51 -17.94 10.93
CA LEU A 27 0.55 -17.95 11.91
C LEU A 27 1.83 -17.43 11.26
N GLU A 28 2.20 -18.06 10.16
CA GLU A 28 3.40 -17.68 9.43
C GLU A 28 3.49 -16.16 9.33
N GLU A 29 2.40 -15.56 8.87
CA GLU A 29 2.35 -14.11 8.71
C GLU A 29 2.39 -13.44 10.08
N LYS A 30 1.49 -13.87 10.95
CA LYS A 30 1.40 -13.31 12.29
C LYS A 30 2.82 -13.16 12.86
N ASN A 31 3.68 -14.09 12.47
CA ASN A 31 5.06 -14.08 12.93
C ASN A 31 5.87 -13.10 12.07
N GLU A 32 5.61 -13.12 10.78
CA GLU A 32 6.29 -12.25 9.85
C GLU A 32 5.72 -12.41 8.44
N PHE A 33 5.59 -11.28 7.75
CA PHE A 33 5.06 -11.29 6.41
C PHE A 33 5.83 -12.27 5.52
N PRO A 34 5.05 -13.04 4.71
CA PRO A 34 5.66 -14.01 3.81
C PRO A 34 6.29 -13.32 2.60
N GLU A 35 7.52 -13.72 2.32
CA GLU A 35 8.25 -13.15 1.20
C GLU A 35 7.59 -13.53 -0.12
N ASP A 36 6.69 -14.50 -0.03
CA ASP A 36 5.98 -14.97 -1.21
C ASP A 36 4.81 -14.01 -1.50
N LEU A 37 4.34 -13.36 -0.45
CA LEU A 37 3.24 -12.42 -0.58
C LEU A 37 3.81 -11.01 -0.81
N ARG A 38 5.02 -10.81 -0.32
CA ARG A 38 5.67 -9.52 -0.46
C ARG A 38 5.98 -9.24 -1.93
N THR A 39 7.01 -9.91 -2.43
CA THR A 39 7.40 -9.74 -3.81
C THR A 39 6.18 -9.57 -4.71
N GLU A 40 5.18 -10.41 -4.44
CA GLU A 40 3.95 -10.36 -5.22
C GLU A 40 3.33 -8.96 -5.16
N LEU A 41 3.24 -8.45 -3.94
CA LEU A 41 2.67 -7.12 -3.73
C LEU A 41 3.64 -6.06 -4.26
N MET A 42 4.90 -6.24 -3.90
CA MET A 42 5.94 -5.31 -4.33
C MET A 42 6.00 -5.23 -5.85
N GLN A 43 5.95 -6.39 -6.48
CA GLN A 43 6.00 -6.46 -7.93
C GLN A 43 4.67 -6.01 -8.52
N THR A 44 3.60 -6.33 -7.82
CA THR A 44 2.27 -5.96 -8.27
C THR A 44 2.09 -4.45 -8.23
N LEU A 45 2.01 -3.92 -7.03
CA LEU A 45 1.83 -2.49 -6.84
C LEU A 45 2.95 -1.75 -7.56
N GLY A 46 4.04 -2.47 -7.81
CA GLY A 46 5.18 -1.89 -8.50
C GLY A 46 4.81 -1.48 -9.92
N SER A 47 3.67 -1.97 -10.38
CA SER A 47 3.19 -1.65 -11.71
C SER A 47 2.43 -0.32 -11.70
N TYR A 48 1.48 -0.23 -10.77
CA TYR A 48 0.68 0.97 -10.65
C TYR A 48 1.56 2.22 -10.71
N GLY A 49 2.63 2.20 -9.94
CA GLY A 49 3.56 3.33 -9.90
C GLY A 49 5.00 2.85 -10.02
N THR A 50 5.82 3.28 -9.07
CA THR A 50 7.21 2.90 -9.05
C THR A 50 7.73 2.81 -7.62
N ILE A 51 8.12 1.60 -7.24
CA ILE A 51 8.63 1.36 -5.90
C ILE A 51 9.92 2.17 -5.70
N VAL A 52 9.75 3.36 -5.13
CA VAL A 52 10.89 4.23 -4.88
C VAL A 52 11.69 3.68 -3.70
N LEU A 53 11.00 2.94 -2.85
CA LEU A 53 11.65 2.36 -1.67
C LEU A 53 10.61 1.57 -0.88
N VAL A 54 11.11 0.64 -0.07
CA VAL A 54 10.24 -0.18 0.75
C VAL A 54 10.78 -0.21 2.19
N ARG A 55 9.86 -0.36 3.13
CA ARG A 55 10.22 -0.40 4.53
C ARG A 55 9.21 -1.25 5.31
N ILE A 56 9.65 -2.43 5.70
CA ILE A 56 8.81 -3.35 6.45
C ILE A 56 8.98 -3.08 7.95
N ASN A 57 7.85 -3.05 8.64
CA ASN A 57 7.87 -2.81 10.07
C ASN A 57 7.71 -4.14 10.82
N GLN A 58 8.28 -4.19 12.01
CA GLN A 58 8.21 -5.39 12.82
C GLN A 58 6.96 -6.20 12.48
N GLY A 59 5.83 -5.50 12.49
CA GLY A 59 4.56 -6.13 12.18
C GLY A 59 3.74 -5.27 11.22
N GLN A 60 4.36 -4.90 10.12
CA GLN A 60 3.70 -4.08 9.13
C GLN A 60 4.57 -3.98 7.86
N MET A 61 3.99 -3.35 6.84
CA MET A 61 4.70 -3.18 5.58
C MET A 61 4.42 -1.81 4.98
N LEU A 62 5.45 -0.98 4.96
CA LEU A 62 5.33 0.37 4.42
C LEU A 62 6.01 0.41 3.04
N VAL A 63 5.19 0.67 2.03
CA VAL A 63 5.70 0.75 0.67
C VAL A 63 5.78 2.22 0.24
N THR A 64 6.91 2.58 -0.34
CA THR A 64 7.12 3.94 -0.79
C THR A 64 7.08 4.01 -2.32
N PHE A 65 6.52 5.10 -2.81
CA PHE A 65 6.40 5.30 -4.25
C PHE A 65 6.94 6.67 -4.66
N ALA A 66 6.86 6.94 -5.95
CA ALA A 66 7.31 8.22 -6.48
C ALA A 66 6.13 9.17 -6.62
N ASP A 67 5.05 8.63 -7.17
CA ASP A 67 3.84 9.42 -7.37
C ASP A 67 2.89 9.19 -6.20
N SER A 68 2.00 10.15 -5.99
CA SER A 68 1.04 10.07 -4.91
C SER A 68 -0.27 9.45 -5.42
N HIS A 69 -0.71 9.95 -6.56
CA HIS A 69 -1.95 9.47 -7.16
C HIS A 69 -1.97 7.93 -7.10
N SER A 70 -0.82 7.35 -7.40
CA SER A 70 -0.69 5.90 -7.39
C SER A 70 -1.21 5.35 -6.06
N ALA A 71 -0.53 5.72 -4.99
CA ALA A 71 -0.91 5.28 -3.66
C ALA A 71 -2.42 5.37 -3.51
N LEU A 72 -2.97 6.46 -4.01
CA LEU A 72 -4.41 6.69 -3.94
C LEU A 72 -5.14 5.50 -4.58
N SER A 73 -4.77 5.23 -5.83
CA SER A 73 -5.38 4.13 -6.56
C SER A 73 -5.05 2.80 -5.88
N VAL A 74 -3.82 2.70 -5.40
CA VAL A 74 -3.36 1.50 -4.74
C VAL A 74 -4.09 1.35 -3.40
N LEU A 75 -4.60 2.48 -2.90
CA LEU A 75 -5.31 2.50 -1.64
C LEU A 75 -6.76 2.09 -1.89
N ASP A 76 -7.19 2.25 -3.13
CA ASP A 76 -8.55 1.89 -3.50
C ASP A 76 -8.58 0.43 -3.97
N VAL A 77 -7.70 0.13 -4.91
CA VAL A 77 -7.63 -1.23 -5.44
C VAL A 77 -7.18 -2.19 -4.34
N ASP A 78 -6.65 -1.60 -3.26
CA ASP A 78 -6.18 -2.38 -2.14
C ASP A 78 -7.20 -3.47 -1.83
N GLY A 79 -8.47 -3.12 -1.97
CA GLY A 79 -9.55 -4.04 -1.70
C GLY A 79 -9.27 -5.41 -2.34
N MET A 80 -8.49 -5.37 -3.42
CA MET A 80 -8.13 -6.59 -4.13
C MET A 80 -7.62 -7.66 -3.17
N LYS A 81 -7.41 -8.85 -3.71
CA LYS A 81 -6.92 -9.96 -2.91
C LYS A 81 -5.64 -10.52 -3.55
N VAL A 82 -4.73 -10.95 -2.69
CA VAL A 82 -3.47 -11.50 -3.15
C VAL A 82 -3.39 -12.98 -2.75
N LYS A 83 -3.19 -13.81 -3.76
CA LYS A 83 -3.09 -15.25 -3.54
C LYS A 83 -4.40 -15.75 -2.92
N GLY A 84 -5.43 -14.93 -3.05
CA GLY A 84 -6.74 -15.27 -2.52
C GLY A 84 -6.96 -14.64 -1.14
N ARG A 85 -5.86 -14.17 -0.57
CA ARG A 85 -5.92 -13.54 0.75
C ARG A 85 -6.34 -12.07 0.61
N ALA A 86 -7.29 -11.67 1.44
CA ALA A 86 -7.78 -10.31 1.42
C ALA A 86 -6.72 -9.38 2.03
N VAL A 87 -6.22 -8.48 1.20
CA VAL A 87 -5.21 -7.54 1.63
C VAL A 87 -5.87 -6.19 1.94
N LYS A 88 -5.15 -5.36 2.67
CA LYS A 88 -5.66 -4.05 3.05
C LYS A 88 -4.50 -3.05 3.05
N ILE A 89 -4.67 -2.00 2.26
CA ILE A 89 -3.66 -0.96 2.17
C ILE A 89 -4.21 0.34 2.73
N SER A 90 -3.51 0.88 3.71
CA SER A 90 -3.92 2.12 4.34
C SER A 90 -2.73 3.06 4.47
N GLY A 91 -2.89 4.09 5.29
CA GLY A 91 -1.85 5.07 5.50
C GLY A 91 -1.09 4.79 6.81
N PRO A 92 -0.44 5.85 7.34
CA PRO A 92 0.31 5.73 8.57
C PRO A 92 -0.63 5.65 9.79
N SER A 93 -0.03 5.84 10.96
CA SER A 93 -0.80 5.79 12.19
C SER A 93 -1.87 6.89 12.18
N SER A 94 -2.88 6.68 13.01
CA SER A 94 -3.97 7.65 13.12
C SER A 94 -4.61 7.85 11.74
N GLY A 95 -5.82 8.41 11.77
CA GLY A 95 -6.54 8.67 10.54
C GLY A 95 -5.91 9.81 9.75
N GLY A 1 -14.90 28.87 -9.46
CA GLY A 1 -14.50 27.52 -9.11
C GLY A 1 -13.08 27.48 -8.55
N SER A 2 -12.78 26.42 -7.83
CA SER A 2 -11.47 26.25 -7.25
C SER A 2 -10.82 24.95 -7.74
N SER A 3 -10.03 25.09 -8.78
CA SER A 3 -9.35 23.93 -9.36
C SER A 3 -7.95 23.80 -8.76
N GLY A 4 -7.16 24.83 -8.94
CA GLY A 4 -5.80 24.84 -8.43
C GLY A 4 -5.75 24.28 -6.99
N SER A 5 -6.29 25.06 -6.07
CA SER A 5 -6.32 24.65 -4.67
C SER A 5 -6.82 23.22 -4.56
N SER A 6 -8.04 23.01 -5.05
CA SER A 6 -8.65 21.70 -5.00
C SER A 6 -7.63 20.63 -5.37
N GLY A 7 -7.07 20.76 -6.57
CA GLY A 7 -6.08 19.82 -7.04
C GLY A 7 -5.00 19.59 -5.99
N SER A 8 -4.29 20.66 -5.67
CA SER A 8 -3.22 20.59 -4.68
C SER A 8 -2.76 22.00 -4.31
N SER A 9 -3.33 22.52 -3.23
CA SER A 9 -2.99 23.84 -2.77
C SER A 9 -1.56 23.85 -2.21
N PHE A 10 -1.26 22.83 -1.42
CA PHE A 10 0.06 22.71 -0.83
C PHE A 10 0.26 21.32 -0.22
N GLN A 11 -0.78 20.85 0.47
CA GLN A 11 -0.73 19.56 1.11
C GLN A 11 -0.59 18.45 0.05
N GLY A 12 0.57 17.83 0.05
CA GLY A 12 0.85 16.76 -0.90
C GLY A 12 1.87 15.78 -0.34
N PRO A 13 1.44 14.49 -0.24
CA PRO A 13 2.31 13.45 0.28
C PRO A 13 3.37 13.05 -0.75
N LEU A 14 4.26 14.00 -1.03
CA LEU A 14 5.32 13.76 -1.99
C LEU A 14 5.91 12.37 -1.77
N ASP A 15 6.29 12.11 -0.52
CA ASP A 15 6.87 10.83 -0.16
C ASP A 15 6.10 9.71 -0.89
N ALA A 16 4.79 9.72 -0.70
CA ALA A 16 3.94 8.72 -1.33
C ALA A 16 4.17 7.38 -0.65
N THR A 17 3.94 7.37 0.66
CA THR A 17 4.11 6.15 1.44
C THR A 17 2.74 5.58 1.83
N VAL A 18 2.68 4.25 1.83
CA VAL A 18 1.44 3.57 2.18
C VAL A 18 1.78 2.34 3.03
N VAL A 19 0.93 2.09 4.01
CA VAL A 19 1.11 0.95 4.90
C VAL A 19 0.36 -0.25 4.33
N VAL A 20 1.10 -1.34 4.15
CA VAL A 20 0.53 -2.56 3.61
C VAL A 20 0.40 -3.59 4.74
N ASN A 21 -0.74 -4.27 4.76
CA ASN A 21 -0.99 -5.28 5.77
C ASN A 21 -1.98 -6.32 5.21
N LEU A 22 -2.19 -7.37 5.99
CA LEU A 22 -3.10 -8.43 5.59
C LEU A 22 -4.42 -8.26 6.36
N GLN A 23 -5.51 -8.32 5.61
CA GLN A 23 -6.83 -8.19 6.20
C GLN A 23 -7.09 -9.33 7.19
N SER A 24 -6.88 -10.55 6.70
CA SER A 24 -7.09 -11.73 7.52
C SER A 24 -5.89 -12.67 7.39
N PRO A 25 -4.76 -12.25 8.01
CA PRO A 25 -3.54 -13.04 7.97
C PRO A 25 -3.64 -14.23 8.91
N THR A 26 -2.81 -15.23 8.64
CA THR A 26 -2.80 -16.44 9.44
C THR A 26 -1.61 -16.42 10.41
N LEU A 27 -1.54 -17.45 11.24
CA LEU A 27 -0.47 -17.57 12.21
C LEU A 27 0.87 -17.38 11.50
N GLU A 28 1.03 -18.11 10.40
CA GLU A 28 2.25 -18.03 9.62
C GLU A 28 2.60 -16.56 9.31
N GLU A 29 1.58 -15.83 8.89
CA GLU A 29 1.76 -14.43 8.56
C GLU A 29 1.94 -13.60 9.83
N LYS A 30 1.10 -13.88 10.82
CA LYS A 30 1.17 -13.18 12.08
C LYS A 30 2.58 -13.32 12.67
N ASN A 31 3.30 -14.32 12.18
CA ASN A 31 4.65 -14.57 12.64
C ASN A 31 5.61 -13.68 11.86
N GLU A 32 5.47 -13.72 10.55
CA GLU A 32 6.32 -12.93 9.67
C GLU A 32 5.78 -12.93 8.25
N PHE A 33 5.83 -11.76 7.62
CA PHE A 33 5.34 -11.62 6.26
C PHE A 33 6.06 -12.59 5.31
N PRO A 34 5.24 -13.39 4.59
CA PRO A 34 5.77 -14.36 3.65
C PRO A 34 6.29 -13.67 2.39
N GLU A 35 7.49 -14.07 1.98
CA GLU A 35 8.10 -13.51 0.79
C GLU A 35 7.21 -13.76 -0.44
N ASP A 36 6.66 -14.96 -0.50
CA ASP A 36 5.80 -15.34 -1.60
C ASP A 36 4.78 -14.23 -1.84
N LEU A 37 4.50 -13.48 -0.79
CA LEU A 37 3.55 -12.38 -0.86
C LEU A 37 4.30 -11.09 -1.20
N ARG A 38 5.27 -10.77 -0.35
CA ARG A 38 6.06 -9.56 -0.54
C ARG A 38 6.31 -9.33 -2.03
N THR A 39 7.23 -10.12 -2.58
CA THR A 39 7.56 -10.00 -3.98
C THR A 39 6.31 -9.72 -4.82
N GLU A 40 5.34 -10.61 -4.67
CA GLU A 40 4.09 -10.47 -5.40
C GLU A 40 3.51 -9.07 -5.19
N LEU A 41 3.61 -8.59 -3.97
CA LEU A 41 3.10 -7.27 -3.63
C LEU A 41 4.04 -6.21 -4.20
N MET A 42 5.30 -6.28 -3.78
CA MET A 42 6.29 -5.33 -4.24
C MET A 42 6.13 -5.03 -5.73
N GLN A 43 5.84 -6.09 -6.48
CA GLN A 43 5.65 -5.96 -7.91
C GLN A 43 4.24 -5.48 -8.22
N THR A 44 3.27 -6.21 -7.71
CA THR A 44 1.87 -5.88 -7.92
C THR A 44 1.65 -4.38 -7.68
N LEU A 45 1.92 -3.95 -6.46
CA LEU A 45 1.75 -2.56 -6.09
C LEU A 45 2.76 -1.71 -6.87
N GLY A 46 3.99 -2.17 -6.86
CA GLY A 46 5.06 -1.46 -7.55
C GLY A 46 4.67 -1.19 -9.01
N SER A 47 3.81 -2.04 -9.54
CA SER A 47 3.36 -1.91 -10.91
C SER A 47 2.56 -0.62 -11.07
N TYR A 48 1.46 -0.54 -10.33
CA TYR A 48 0.61 0.64 -10.38
C TYR A 48 1.44 1.91 -10.49
N GLY A 49 2.49 1.97 -9.70
CA GLY A 49 3.37 3.13 -9.70
C GLY A 49 4.84 2.70 -9.87
N THR A 50 5.69 3.26 -9.03
CA THR A 50 7.10 2.95 -9.06
C THR A 50 7.68 2.86 -7.65
N ILE A 51 8.18 1.68 -7.33
CA ILE A 51 8.76 1.45 -6.01
C ILE A 51 9.96 2.39 -5.82
N VAL A 52 9.70 3.50 -5.14
CA VAL A 52 10.74 4.48 -4.88
C VAL A 52 11.49 4.08 -3.62
N LEU A 53 10.85 3.26 -2.81
CA LEU A 53 11.44 2.80 -1.57
C LEU A 53 10.42 1.98 -0.79
N VAL A 54 10.93 1.06 0.03
CA VAL A 54 10.08 0.21 0.83
C VAL A 54 10.69 0.04 2.23
N ARG A 55 9.82 -0.10 3.21
CA ARG A 55 10.27 -0.27 4.58
C ARG A 55 9.29 -1.16 5.35
N ILE A 56 9.74 -2.38 5.64
CA ILE A 56 8.93 -3.33 6.36
C ILE A 56 9.14 -3.16 7.86
N ASN A 57 8.05 -3.21 8.59
CA ASN A 57 8.11 -3.06 10.05
C ASN A 57 7.83 -4.40 10.71
N GLN A 58 8.24 -4.50 11.96
CA GLN A 58 8.03 -5.73 12.72
C GLN A 58 6.88 -6.54 12.13
N GLY A 59 5.75 -5.86 11.96
CA GLY A 59 4.57 -6.50 11.40
C GLY A 59 3.82 -5.54 10.47
N GLN A 60 4.58 -4.86 9.64
CA GLN A 60 4.00 -3.92 8.70
C GLN A 60 4.85 -3.84 7.43
N MET A 61 4.30 -3.15 6.43
CA MET A 61 4.99 -3.01 5.16
C MET A 61 4.73 -1.64 4.55
N LEU A 62 5.59 -0.69 4.91
CA LEU A 62 5.47 0.67 4.41
C LEU A 62 6.07 0.75 3.01
N VAL A 63 5.19 0.76 2.01
CA VAL A 63 5.62 0.83 0.63
C VAL A 63 5.52 2.28 0.15
N THR A 64 6.61 2.75 -0.45
CA THR A 64 6.66 4.10 -0.96
C THR A 64 6.69 4.10 -2.49
N PHE A 65 6.13 5.16 -3.06
CA PHE A 65 6.09 5.28 -4.52
C PHE A 65 6.61 6.65 -4.96
N ALA A 66 6.62 6.85 -6.27
CA ALA A 66 7.08 8.10 -6.83
C ALA A 66 5.93 9.10 -6.86
N ASP A 67 4.78 8.63 -7.29
CA ASP A 67 3.60 9.47 -7.36
C ASP A 67 2.76 9.28 -6.09
N SER A 68 2.03 10.33 -5.74
CA SER A 68 1.19 10.30 -4.56
C SER A 68 -0.19 9.71 -4.91
N HIS A 69 -0.55 9.83 -6.18
CA HIS A 69 -1.82 9.32 -6.65
C HIS A 69 -1.72 7.79 -6.81
N SER A 70 -0.57 7.35 -7.30
CA SER A 70 -0.35 5.93 -7.51
C SER A 70 -0.86 5.13 -6.30
N ALA A 71 -0.63 5.70 -5.12
CA ALA A 71 -1.06 5.05 -3.89
C ALA A 71 -2.59 5.08 -3.82
N LEU A 72 -3.14 6.27 -3.96
CA LEU A 72 -4.58 6.45 -3.91
C LEU A 72 -5.24 5.37 -4.76
N SER A 73 -4.68 5.15 -5.94
CA SER A 73 -5.21 4.15 -6.85
C SER A 73 -5.18 2.77 -6.20
N VAL A 74 -4.13 2.55 -5.41
CA VAL A 74 -3.97 1.27 -4.73
C VAL A 74 -4.89 1.25 -3.50
N LEU A 75 -5.08 2.42 -2.92
CA LEU A 75 -5.92 2.54 -1.74
C LEU A 75 -7.28 1.89 -2.02
N ASP A 76 -7.69 1.99 -3.27
CA ASP A 76 -8.96 1.40 -3.68
C ASP A 76 -8.75 -0.06 -4.08
N VAL A 77 -7.64 -0.30 -4.74
CA VAL A 77 -7.30 -1.65 -5.18
C VAL A 77 -7.18 -2.56 -3.94
N ASP A 78 -7.08 -1.92 -2.79
CA ASP A 78 -6.95 -2.66 -1.55
C ASP A 78 -7.86 -3.90 -1.59
N GLY A 79 -9.12 -3.66 -1.91
CA GLY A 79 -10.09 -4.73 -1.99
C GLY A 79 -9.46 -6.00 -2.58
N MET A 80 -8.65 -5.78 -3.62
CA MET A 80 -7.98 -6.89 -4.28
C MET A 80 -7.48 -7.91 -3.27
N LYS A 81 -7.23 -9.12 -3.77
CA LYS A 81 -6.76 -10.20 -2.92
C LYS A 81 -5.47 -10.77 -3.50
N VAL A 82 -4.49 -10.95 -2.63
CA VAL A 82 -3.21 -11.49 -3.05
C VAL A 82 -3.06 -12.91 -2.51
N LYS A 83 -2.87 -13.85 -3.43
CA LYS A 83 -2.71 -15.24 -3.06
C LYS A 83 -3.95 -15.71 -2.28
N GLY A 84 -5.10 -15.20 -2.69
CA GLY A 84 -6.35 -15.55 -2.05
C GLY A 84 -6.43 -14.93 -0.65
N ARG A 85 -5.46 -14.08 -0.36
CA ARG A 85 -5.42 -13.41 0.93
C ARG A 85 -5.78 -11.94 0.78
N ALA A 86 -6.75 -11.51 1.58
CA ALA A 86 -7.21 -10.14 1.54
C ALA A 86 -6.08 -9.22 2.02
N VAL A 87 -5.77 -8.24 1.18
CA VAL A 87 -4.71 -7.29 1.51
C VAL A 87 -5.34 -5.96 1.92
N LYS A 88 -4.54 -5.17 2.63
CA LYS A 88 -5.01 -3.87 3.10
C LYS A 88 -3.87 -2.86 2.97
N ILE A 89 -4.18 -1.77 2.27
CA ILE A 89 -3.20 -0.72 2.07
C ILE A 89 -3.78 0.61 2.58
N SER A 90 -3.18 1.11 3.65
CA SER A 90 -3.62 2.37 4.23
C SER A 90 -2.50 3.41 4.14
N GLY A 91 -2.85 4.65 4.45
CA GLY A 91 -1.90 5.74 4.41
C GLY A 91 -1.47 6.13 5.82
N PRO A 92 -0.14 5.94 6.10
CA PRO A 92 0.40 6.28 7.40
C PRO A 92 0.56 7.79 7.55
N SER A 93 -0.58 8.47 7.57
CA SER A 93 -0.59 9.92 7.71
C SER A 93 -1.33 10.31 9.00
N SER A 94 -0.60 10.27 10.10
CA SER A 94 -1.17 10.62 11.39
C SER A 94 -1.36 12.13 11.48
N GLY A 95 -2.52 12.59 11.06
CA GLY A 95 -2.84 14.01 11.09
C GLY A 95 -3.86 14.32 12.18
N GLY A 1 -19.11 21.98 -4.11
CA GLY A 1 -18.14 20.94 -4.38
C GLY A 1 -17.40 21.21 -5.70
N SER A 2 -16.29 21.91 -5.59
CA SER A 2 -15.48 22.24 -6.76
C SER A 2 -14.28 23.08 -6.35
N SER A 3 -14.58 24.23 -5.72
CA SER A 3 -13.53 25.12 -5.27
C SER A 3 -12.42 24.33 -4.58
N GLY A 4 -12.80 23.63 -3.53
CA GLY A 4 -11.85 22.83 -2.78
C GLY A 4 -10.83 22.18 -3.70
N SER A 5 -11.33 21.31 -4.59
CA SER A 5 -10.47 20.62 -5.53
C SER A 5 -9.46 21.59 -6.14
N SER A 6 -10.00 22.63 -6.77
CA SER A 6 -9.16 23.63 -7.40
C SER A 6 -8.14 24.17 -6.39
N GLY A 7 -8.66 24.69 -5.29
CA GLY A 7 -7.81 25.23 -4.25
C GLY A 7 -6.61 24.31 -3.98
N SER A 8 -6.92 23.12 -3.47
CA SER A 8 -5.88 22.15 -3.18
C SER A 8 -6.51 20.86 -2.65
N SER A 9 -6.33 19.80 -3.41
CA SER A 9 -6.87 18.50 -3.04
C SER A 9 -6.09 17.93 -1.85
N PHE A 10 -4.78 17.83 -2.04
CA PHE A 10 -3.91 17.31 -1.00
C PHE A 10 -2.44 17.47 -1.38
N GLN A 11 -1.64 17.75 -0.37
CA GLN A 11 -0.21 17.93 -0.59
C GLN A 11 0.59 17.30 0.56
N GLY A 12 1.71 16.71 0.19
CA GLY A 12 2.57 16.06 1.17
C GLY A 12 2.89 14.62 0.76
N PRO A 13 4.15 14.20 1.07
CA PRO A 13 4.59 12.86 0.73
C PRO A 13 3.97 11.83 1.68
N LEU A 14 2.65 11.86 1.76
CA LEU A 14 1.94 10.93 2.61
C LEU A 14 1.52 9.70 1.81
N ASP A 15 0.67 9.94 0.83
CA ASP A 15 0.19 8.88 -0.03
C ASP A 15 1.37 8.09 -0.59
N ALA A 16 2.41 8.84 -0.94
CA ALA A 16 3.62 8.23 -1.49
C ALA A 16 3.96 6.98 -0.67
N THR A 17 3.88 7.13 0.64
CA THR A 17 4.18 6.02 1.54
C THR A 17 2.90 5.44 2.11
N VAL A 18 2.68 4.16 1.83
CA VAL A 18 1.50 3.47 2.31
C VAL A 18 1.92 2.26 3.15
N VAL A 19 0.99 1.79 3.96
CA VAL A 19 1.25 0.63 4.81
C VAL A 19 0.40 -0.55 4.34
N VAL A 20 1.06 -1.66 4.09
CA VAL A 20 0.39 -2.86 3.63
C VAL A 20 -0.03 -3.69 4.83
N ASN A 21 -1.18 -4.35 4.69
CA ASN A 21 -1.70 -5.18 5.77
C ASN A 21 -2.65 -6.23 5.18
N LEU A 22 -2.55 -7.44 5.71
CA LEU A 22 -3.38 -8.53 5.24
C LEU A 22 -4.71 -8.50 5.99
N GLN A 23 -5.75 -8.98 5.32
CA GLN A 23 -7.08 -9.01 5.90
C GLN A 23 -7.27 -10.30 6.73
N SER A 24 -6.77 -11.38 6.18
CA SER A 24 -6.88 -12.68 6.84
C SER A 24 -5.54 -13.43 6.75
N PRO A 25 -4.52 -12.86 7.45
CA PRO A 25 -3.20 -13.47 7.45
C PRO A 25 -3.17 -14.72 8.33
N THR A 26 -2.06 -15.43 8.25
CA THR A 26 -1.89 -16.65 9.03
C THR A 26 -0.84 -16.43 10.12
N LEU A 27 -0.63 -17.48 10.91
CA LEU A 27 0.34 -17.42 12.00
C LEU A 27 1.73 -17.14 11.41
N GLU A 28 2.01 -17.80 10.29
CA GLU A 28 3.29 -17.62 9.62
C GLU A 28 3.51 -16.15 9.26
N GLU A 29 2.41 -15.50 8.91
CA GLU A 29 2.46 -14.10 8.53
C GLU A 29 2.39 -13.21 9.78
N LYS A 30 1.47 -13.57 10.67
CA LYS A 30 1.28 -12.81 11.90
C LYS A 30 2.65 -12.60 12.56
N ASN A 31 3.57 -13.49 12.26
CA ASN A 31 4.91 -13.41 12.81
C ASN A 31 5.74 -12.43 11.99
N GLU A 32 5.51 -12.46 10.69
CA GLU A 32 6.23 -11.58 9.78
C GLU A 32 5.80 -11.85 8.34
N PHE A 33 5.57 -10.77 7.60
CA PHE A 33 5.16 -10.87 6.21
C PHE A 33 5.97 -11.95 5.48
N PRO A 34 5.23 -12.79 4.71
CA PRO A 34 5.86 -13.85 3.96
C PRO A 34 6.59 -13.31 2.73
N GLU A 35 7.56 -14.08 2.26
CA GLU A 35 8.32 -13.69 1.09
C GLU A 35 7.58 -14.07 -0.19
N ASP A 36 6.57 -14.91 -0.03
CA ASP A 36 5.77 -15.35 -1.16
C ASP A 36 4.70 -14.31 -1.47
N LEU A 37 4.38 -13.52 -0.45
CA LEU A 37 3.36 -12.48 -0.60
C LEU A 37 4.05 -11.15 -0.92
N ARG A 38 5.08 -10.85 -0.14
CA ARG A 38 5.83 -9.63 -0.34
C ARG A 38 5.97 -9.31 -1.83
N THR A 39 6.84 -10.05 -2.48
CA THR A 39 7.08 -9.87 -3.90
C THR A 39 5.76 -9.63 -4.63
N GLU A 40 4.85 -10.58 -4.47
CA GLU A 40 3.54 -10.49 -5.10
C GLU A 40 3.02 -9.05 -5.02
N LEU A 41 3.27 -8.42 -3.88
CA LEU A 41 2.83 -7.06 -3.67
C LEU A 41 3.83 -6.09 -4.30
N MET A 42 5.09 -6.26 -3.92
CA MET A 42 6.14 -5.41 -4.44
C MET A 42 6.07 -5.33 -5.97
N GLN A 43 5.72 -6.45 -6.58
CA GLN A 43 5.60 -6.52 -8.02
C GLN A 43 4.25 -5.99 -8.47
N THR A 44 3.25 -6.23 -7.63
CA THR A 44 1.89 -5.79 -7.94
C THR A 44 1.77 -4.28 -7.71
N LEU A 45 1.72 -3.90 -6.44
CA LEU A 45 1.60 -2.50 -6.08
C LEU A 45 2.63 -1.68 -6.86
N GLY A 46 3.88 -2.12 -6.77
CA GLY A 46 4.97 -1.45 -7.46
C GLY A 46 4.60 -1.16 -8.92
N SER A 47 3.71 -2.01 -9.44
CA SER A 47 3.26 -1.86 -10.82
C SER A 47 2.46 -0.58 -10.97
N TYR A 48 1.40 -0.48 -10.18
CA TYR A 48 0.54 0.69 -10.22
C TYR A 48 1.36 1.97 -10.26
N GLY A 49 2.48 1.94 -9.56
CA GLY A 49 3.36 3.10 -9.50
C GLY A 49 4.83 2.68 -9.65
N THR A 50 5.65 3.17 -8.75
CA THR A 50 7.07 2.86 -8.78
C THR A 50 7.62 2.76 -7.36
N ILE A 51 8.12 1.57 -7.04
CA ILE A 51 8.68 1.32 -5.73
C ILE A 51 9.92 2.20 -5.52
N VAL A 52 9.69 3.32 -4.84
CA VAL A 52 10.77 4.25 -4.57
C VAL A 52 11.58 3.75 -3.38
N LEU A 53 10.93 2.97 -2.55
CA LEU A 53 11.58 2.43 -1.36
C LEU A 53 10.57 1.55 -0.59
N VAL A 54 11.13 0.65 0.21
CA VAL A 54 10.30 -0.24 1.01
C VAL A 54 10.93 -0.43 2.38
N ARG A 55 10.07 -0.51 3.38
CA ARG A 55 10.53 -0.69 4.75
C ARG A 55 9.51 -1.49 5.56
N ILE A 56 9.86 -2.74 5.82
CA ILE A 56 8.98 -3.62 6.58
C ILE A 56 9.28 -3.46 8.07
N ASN A 57 8.21 -3.46 8.86
CA ASN A 57 8.34 -3.30 10.29
C ASN A 57 8.06 -4.66 10.97
N GLN A 58 8.53 -4.78 12.20
CA GLN A 58 8.33 -6.00 12.95
C GLN A 58 7.17 -6.80 12.38
N GLY A 59 6.02 -6.14 12.30
CA GLY A 59 4.83 -6.78 11.76
C GLY A 59 4.03 -5.80 10.89
N GLN A 60 4.75 -5.12 10.01
CA GLN A 60 4.13 -4.16 9.12
C GLN A 60 4.94 -4.04 7.82
N MET A 61 4.35 -3.32 6.87
CA MET A 61 5.01 -3.12 5.59
C MET A 61 4.80 -1.69 5.08
N LEU A 62 5.88 -0.94 5.08
CA LEU A 62 5.82 0.45 4.61
C LEU A 62 6.35 0.52 3.18
N VAL A 63 5.42 0.72 2.25
CA VAL A 63 5.77 0.82 0.85
C VAL A 63 5.83 2.30 0.44
N THR A 64 6.88 2.64 -0.29
CA THR A 64 7.06 4.01 -0.75
C THR A 64 7.01 4.06 -2.27
N PHE A 65 6.30 5.07 -2.77
CA PHE A 65 6.17 5.25 -4.20
C PHE A 65 6.69 6.62 -4.64
N ALA A 66 6.71 6.83 -5.94
CA ALA A 66 7.18 8.09 -6.49
C ALA A 66 5.98 9.02 -6.72
N ASP A 67 4.85 8.40 -7.06
CA ASP A 67 3.63 9.15 -7.31
C ASP A 67 2.68 8.97 -6.13
N SER A 68 1.95 10.04 -5.83
CA SER A 68 1.00 10.02 -4.73
C SER A 68 -0.36 9.49 -5.23
N HIS A 69 -0.65 9.80 -6.49
CA HIS A 69 -1.90 9.36 -7.09
C HIS A 69 -1.97 7.84 -7.09
N SER A 70 -0.93 7.23 -7.63
CA SER A 70 -0.85 5.79 -7.70
C SER A 70 -1.42 5.17 -6.42
N ALA A 71 -0.88 5.62 -5.30
CA ALA A 71 -1.31 5.13 -4.00
C ALA A 71 -2.83 5.32 -3.88
N LEU A 72 -3.27 6.53 -4.18
CA LEU A 72 -4.69 6.84 -4.10
C LEU A 72 -5.49 5.74 -4.79
N SER A 73 -4.94 5.24 -5.88
CA SER A 73 -5.60 4.18 -6.64
C SER A 73 -5.40 2.84 -5.93
N VAL A 74 -4.13 2.53 -5.66
CA VAL A 74 -3.79 1.29 -4.99
C VAL A 74 -4.57 1.18 -3.69
N LEU A 75 -4.95 2.34 -3.16
CA LEU A 75 -5.70 2.38 -1.91
C LEU A 75 -7.13 1.89 -2.17
N ASP A 76 -7.70 2.37 -3.27
CA ASP A 76 -9.04 1.99 -3.64
C ASP A 76 -9.02 0.58 -4.24
N VAL A 77 -7.85 0.18 -4.70
CA VAL A 77 -7.68 -1.13 -5.31
C VAL A 77 -7.41 -2.16 -4.20
N ASP A 78 -7.18 -1.64 -3.01
CA ASP A 78 -6.90 -2.50 -1.87
C ASP A 78 -7.81 -3.73 -1.93
N GLY A 79 -9.06 -3.48 -2.27
CA GLY A 79 -10.04 -4.56 -2.36
C GLY A 79 -9.43 -5.78 -3.04
N MET A 80 -8.46 -5.53 -3.89
CA MET A 80 -7.78 -6.61 -4.62
C MET A 80 -7.35 -7.71 -3.66
N LYS A 81 -7.03 -8.86 -4.24
CA LYS A 81 -6.60 -10.00 -3.45
C LYS A 81 -5.36 -10.63 -4.11
N VAL A 82 -4.43 -11.06 -3.27
CA VAL A 82 -3.21 -11.67 -3.76
C VAL A 82 -3.10 -13.09 -3.19
N LYS A 83 -2.88 -14.04 -4.09
CA LYS A 83 -2.76 -15.43 -3.69
C LYS A 83 -4.06 -15.88 -3.02
N GLY A 84 -5.11 -15.12 -3.26
CA GLY A 84 -6.41 -15.44 -2.69
C GLY A 84 -6.61 -14.70 -1.36
N ARG A 85 -5.52 -14.13 -0.86
CA ARG A 85 -5.57 -13.39 0.40
C ARG A 85 -5.97 -11.94 0.15
N ALA A 86 -6.84 -11.44 1.01
CA ALA A 86 -7.30 -10.07 0.90
C ALA A 86 -6.23 -9.13 1.43
N VAL A 87 -5.69 -8.33 0.53
CA VAL A 87 -4.65 -7.37 0.89
C VAL A 87 -5.28 -5.99 1.08
N LYS A 88 -4.72 -5.25 2.02
CA LYS A 88 -5.21 -3.91 2.31
C LYS A 88 -4.03 -2.96 2.49
N ILE A 89 -4.27 -1.70 2.17
CA ILE A 89 -3.23 -0.69 2.29
C ILE A 89 -3.80 0.53 3.00
N SER A 90 -3.20 0.85 4.14
CA SER A 90 -3.63 2.00 4.93
C SER A 90 -2.65 3.16 4.74
N GLY A 91 -2.96 4.26 5.43
CA GLY A 91 -2.12 5.44 5.35
C GLY A 91 -1.35 5.65 6.66
N PRO A 92 -0.02 5.37 6.60
CA PRO A 92 0.83 5.53 7.76
C PRO A 92 1.12 7.01 8.03
N SER A 93 2.14 7.51 7.33
CA SER A 93 2.53 8.89 7.48
C SER A 93 3.41 9.32 6.31
N SER A 94 3.97 10.52 6.43
CA SER A 94 4.83 11.05 5.39
C SER A 94 6.23 10.44 5.51
N GLY A 95 6.98 10.53 4.43
CA GLY A 95 8.33 9.99 4.41
C GLY A 95 8.33 8.50 4.72
N GLY A 1 -19.58 23.34 -14.50
CA GLY A 1 -18.14 23.54 -14.39
C GLY A 1 -17.64 23.17 -13.00
N SER A 2 -16.71 22.22 -12.99
CA SER A 2 -16.14 21.76 -11.73
C SER A 2 -15.07 20.71 -11.99
N SER A 3 -13.84 21.17 -12.14
CA SER A 3 -12.72 20.27 -12.39
C SER A 3 -11.99 19.96 -11.08
N GLY A 4 -11.51 21.01 -10.44
CA GLY A 4 -10.80 20.86 -9.19
C GLY A 4 -11.70 20.27 -8.11
N SER A 5 -12.75 21.00 -7.79
CA SER A 5 -13.71 20.56 -6.78
C SER A 5 -13.94 19.05 -6.91
N SER A 6 -14.39 18.65 -8.08
CA SER A 6 -14.66 17.24 -8.34
C SER A 6 -13.56 16.38 -7.73
N GLY A 7 -12.33 16.65 -8.15
CA GLY A 7 -11.19 15.92 -7.66
C GLY A 7 -10.94 16.20 -6.18
N SER A 8 -10.65 17.47 -5.89
CA SER A 8 -10.40 17.89 -4.52
C SER A 8 -9.24 17.08 -3.93
N SER A 9 -8.03 17.56 -4.21
CA SER A 9 -6.84 16.90 -3.71
C SER A 9 -6.49 17.42 -2.32
N PHE A 10 -6.23 18.71 -2.25
CA PHE A 10 -5.89 19.35 -0.99
C PHE A 10 -4.64 18.71 -0.37
N GLN A 11 -3.55 19.46 -0.40
CA GLN A 11 -2.29 18.98 0.15
C GLN A 11 -1.82 17.75 -0.63
N GLY A 12 -0.53 17.77 -0.98
CA GLY A 12 0.05 16.67 -1.71
C GLY A 12 1.19 16.02 -0.92
N PRO A 13 1.02 14.69 -0.66
CA PRO A 13 2.02 13.94 0.09
C PRO A 13 3.25 13.66 -0.76
N LEU A 14 4.41 13.94 -0.20
CA LEU A 14 5.66 13.72 -0.91
C LEU A 14 6.16 12.31 -0.61
N ASP A 15 6.14 11.96 0.67
CA ASP A 15 6.58 10.64 1.10
C ASP A 15 6.05 9.59 0.13
N ALA A 16 4.73 9.50 0.07
CA ALA A 16 4.08 8.54 -0.81
C ALA A 16 4.29 7.14 -0.26
N THR A 17 4.02 6.99 1.04
CA THR A 17 4.18 5.70 1.70
C THR A 17 2.81 5.14 2.08
N VAL A 18 2.69 3.82 1.93
CA VAL A 18 1.44 3.15 2.27
C VAL A 18 1.76 1.87 3.06
N VAL A 19 0.89 1.59 4.01
CA VAL A 19 1.05 0.41 4.84
C VAL A 19 0.17 -0.73 4.31
N VAL A 20 0.76 -1.91 4.26
CA VAL A 20 0.04 -3.07 3.77
C VAL A 20 -0.27 -4.00 4.94
N ASN A 21 -1.45 -4.60 4.89
CA ASN A 21 -1.87 -5.52 5.93
C ASN A 21 -2.83 -6.55 5.34
N LEU A 22 -2.82 -7.73 5.94
CA LEU A 22 -3.69 -8.82 5.49
C LEU A 22 -4.99 -8.80 6.29
N GLN A 23 -6.06 -9.25 5.64
CA GLN A 23 -7.36 -9.29 6.29
C GLN A 23 -7.55 -10.62 7.02
N SER A 24 -6.99 -11.67 6.44
CA SER A 24 -7.09 -12.99 7.03
C SER A 24 -5.73 -13.69 6.97
N PRO A 25 -4.75 -13.10 7.69
CA PRO A 25 -3.41 -13.66 7.73
C PRO A 25 -3.35 -14.90 8.61
N THR A 26 -2.22 -15.59 8.53
CA THR A 26 -2.03 -16.80 9.33
C THR A 26 -0.92 -16.58 10.36
N LEU A 27 -0.40 -17.70 10.85
CA LEU A 27 0.66 -17.65 11.85
C LEU A 27 1.91 -17.01 11.22
N GLU A 28 2.35 -17.59 10.13
CA GLU A 28 3.52 -17.08 9.43
C GLU A 28 3.50 -15.55 9.40
N GLU A 29 2.45 -15.03 8.80
CA GLU A 29 2.29 -13.58 8.69
C GLU A 29 2.29 -12.94 10.08
N LYS A 30 1.58 -13.57 10.99
CA LYS A 30 1.50 -13.08 12.35
C LYS A 30 2.91 -12.88 12.90
N ASN A 31 3.83 -13.69 12.40
CA ASN A 31 5.22 -13.61 12.82
C ASN A 31 5.92 -12.49 12.05
N GLU A 32 5.66 -12.46 10.75
CA GLU A 32 6.27 -11.45 9.89
C GLU A 32 5.84 -11.68 8.44
N PHE A 33 5.53 -10.58 7.76
CA PHE A 33 5.13 -10.65 6.37
C PHE A 33 5.98 -11.63 5.59
N PRO A 34 5.28 -12.56 4.87
CA PRO A 34 5.98 -13.56 4.08
C PRO A 34 6.56 -12.95 2.80
N GLU A 35 7.78 -13.35 2.48
CA GLU A 35 8.45 -12.84 1.30
C GLU A 35 7.75 -13.36 0.04
N ASP A 36 7.10 -14.51 0.19
CA ASP A 36 6.39 -15.11 -0.93
C ASP A 36 5.27 -14.18 -1.37
N LEU A 37 4.77 -13.40 -0.42
CA LEU A 37 3.69 -12.47 -0.70
C LEU A 37 4.27 -11.13 -1.13
N ARG A 38 5.23 -10.65 -0.35
CA ARG A 38 5.89 -9.39 -0.65
C ARG A 38 6.15 -9.27 -2.14
N THR A 39 6.95 -10.19 -2.65
CA THR A 39 7.28 -10.20 -4.06
C THR A 39 6.04 -9.95 -4.91
N GLU A 40 4.94 -10.54 -4.47
CA GLU A 40 3.67 -10.39 -5.19
C GLU A 40 3.09 -9.00 -4.95
N LEU A 41 3.35 -8.49 -3.76
CA LEU A 41 2.86 -7.17 -3.39
C LEU A 41 3.70 -6.10 -4.09
N MET A 42 5.00 -6.12 -3.79
CA MET A 42 5.92 -5.16 -4.38
C MET A 42 5.68 -5.03 -5.88
N GLN A 43 5.83 -6.15 -6.58
CA GLN A 43 5.63 -6.16 -8.01
C GLN A 43 4.26 -5.58 -8.37
N THR A 44 3.24 -6.13 -7.73
CA THR A 44 1.88 -5.67 -7.95
C THR A 44 1.74 -4.19 -7.63
N LEU A 45 1.78 -3.89 -6.34
CA LEU A 45 1.67 -2.52 -5.88
C LEU A 45 2.56 -1.62 -6.73
N GLY A 46 3.79 -2.09 -6.94
CA GLY A 46 4.75 -1.35 -7.74
C GLY A 46 4.24 -1.15 -9.17
N SER A 47 3.73 -2.23 -9.74
CA SER A 47 3.22 -2.20 -11.09
C SER A 47 2.42 -0.90 -11.31
N TYR A 48 1.42 -0.72 -10.47
CA TYR A 48 0.58 0.47 -10.56
C TYR A 48 1.43 1.73 -10.78
N GLY A 49 2.49 1.83 -10.00
CA GLY A 49 3.39 2.98 -10.11
C GLY A 49 4.85 2.53 -10.14
N THR A 50 5.60 3.02 -9.17
CA THR A 50 7.01 2.68 -9.08
C THR A 50 7.44 2.56 -7.61
N ILE A 51 8.39 1.68 -7.38
CA ILE A 51 8.90 1.46 -6.03
C ILE A 51 10.14 2.31 -5.81
N VAL A 52 9.98 3.37 -5.05
CA VAL A 52 11.08 4.28 -4.76
C VAL A 52 11.84 3.77 -3.53
N LEU A 53 11.12 3.01 -2.72
CA LEU A 53 11.71 2.45 -1.51
C LEU A 53 10.65 1.65 -0.75
N VAL A 54 11.11 0.63 -0.05
CA VAL A 54 10.21 -0.22 0.72
C VAL A 54 10.77 -0.40 2.13
N ARG A 55 9.87 -0.42 3.10
CA ARG A 55 10.26 -0.59 4.48
C ARG A 55 9.24 -1.45 5.23
N ILE A 56 9.68 -2.64 5.60
CA ILE A 56 8.82 -3.58 6.32
C ILE A 56 8.91 -3.29 7.82
N ASN A 57 7.75 -3.34 8.46
CA ASN A 57 7.67 -3.10 9.89
C ASN A 57 7.62 -4.43 10.64
N GLN A 58 8.12 -4.41 11.86
CA GLN A 58 8.12 -5.62 12.68
C GLN A 58 6.95 -6.52 12.32
N GLY A 59 5.80 -5.88 12.12
CA GLY A 59 4.60 -6.62 11.77
C GLY A 59 3.74 -5.82 10.77
N GLN A 60 4.42 -5.29 9.76
CA GLN A 60 3.73 -4.51 8.74
C GLN A 60 4.64 -4.34 7.51
N MET A 61 4.10 -3.63 6.53
CA MET A 61 4.84 -3.40 5.30
C MET A 61 4.52 -2.02 4.72
N LEU A 62 5.46 -1.10 4.89
CA LEU A 62 5.29 0.25 4.40
C LEU A 62 6.03 0.40 3.06
N VAL A 63 5.25 0.53 2.01
CA VAL A 63 5.81 0.69 0.68
C VAL A 63 5.79 2.17 0.27
N THR A 64 6.88 2.60 -0.33
CA THR A 64 7.00 3.98 -0.76
C THR A 64 6.99 4.07 -2.30
N PHE A 65 6.36 5.12 -2.79
CA PHE A 65 6.27 5.34 -4.22
C PHE A 65 6.89 6.68 -4.62
N ALA A 66 6.83 6.95 -5.91
CA ALA A 66 7.38 8.20 -6.44
C ALA A 66 6.28 9.25 -6.47
N ASP A 67 5.09 8.82 -6.85
CA ASP A 67 3.95 9.71 -6.93
C ASP A 67 2.94 9.35 -5.84
N SER A 68 2.02 10.27 -5.60
CA SER A 68 1.00 10.07 -4.60
C SER A 68 -0.23 9.41 -5.21
N HIS A 69 -0.69 10.00 -6.31
CA HIS A 69 -1.85 9.48 -7.01
C HIS A 69 -1.78 7.94 -7.07
N SER A 70 -0.58 7.46 -7.37
CA SER A 70 -0.37 6.03 -7.46
C SER A 70 -0.93 5.33 -6.22
N ALA A 71 -0.37 5.69 -5.07
CA ALA A 71 -0.81 5.11 -3.82
C ALA A 71 -2.33 5.17 -3.73
N LEU A 72 -2.86 6.36 -4.03
CA LEU A 72 -4.31 6.56 -3.98
C LEU A 72 -5.00 5.34 -4.61
N SER A 73 -4.66 5.09 -5.87
CA SER A 73 -5.25 3.97 -6.59
C SER A 73 -5.04 2.67 -5.80
N VAL A 74 -3.80 2.47 -5.38
CA VAL A 74 -3.45 1.27 -4.62
C VAL A 74 -4.27 1.25 -3.32
N LEU A 75 -4.69 2.44 -2.91
CA LEU A 75 -5.47 2.57 -1.68
C LEU A 75 -6.94 2.28 -2.01
N ASP A 76 -7.29 2.42 -3.27
CA ASP A 76 -8.65 2.18 -3.71
C ASP A 76 -8.78 0.72 -4.16
N VAL A 77 -7.87 0.31 -5.03
CA VAL A 77 -7.88 -1.04 -5.54
C VAL A 77 -7.39 -2.00 -4.45
N ASP A 78 -6.88 -1.41 -3.38
CA ASP A 78 -6.38 -2.19 -2.26
C ASP A 78 -7.32 -3.38 -2.02
N GLY A 79 -8.62 -3.10 -2.05
CA GLY A 79 -9.61 -4.12 -1.84
C GLY A 79 -9.19 -5.44 -2.51
N MET A 80 -8.52 -5.30 -3.64
CA MET A 80 -8.06 -6.47 -4.38
C MET A 80 -7.55 -7.55 -3.43
N LYS A 81 -7.49 -8.77 -3.94
CA LYS A 81 -7.02 -9.89 -3.16
C LYS A 81 -5.76 -10.47 -3.81
N VAL A 82 -4.85 -10.93 -2.96
CA VAL A 82 -3.60 -11.51 -3.42
C VAL A 82 -3.46 -12.93 -2.88
N LYS A 83 -3.19 -13.85 -3.79
CA LYS A 83 -3.03 -15.25 -3.42
C LYS A 83 -4.32 -15.75 -2.76
N GLY A 84 -5.42 -15.14 -3.16
CA GLY A 84 -6.72 -15.51 -2.62
C GLY A 84 -6.91 -14.95 -1.21
N ARG A 85 -6.03 -14.02 -0.85
CA ARG A 85 -6.09 -13.41 0.46
C ARG A 85 -6.49 -11.94 0.35
N ALA A 86 -7.37 -11.53 1.25
CA ALA A 86 -7.85 -10.16 1.27
C ALA A 86 -6.74 -9.24 1.79
N VAL A 87 -6.22 -8.42 0.88
CA VAL A 87 -5.17 -7.49 1.23
C VAL A 87 -5.77 -6.11 1.49
N LYS A 88 -5.11 -5.36 2.38
CA LYS A 88 -5.57 -4.03 2.72
C LYS A 88 -4.37 -3.08 2.79
N ILE A 89 -4.54 -1.91 2.21
CA ILE A 89 -3.50 -0.91 2.20
C ILE A 89 -4.01 0.39 2.82
N SER A 90 -3.35 0.79 3.90
CA SER A 90 -3.73 2.01 4.60
C SER A 90 -2.66 3.08 4.42
N GLY A 91 -2.89 4.23 5.04
CA GLY A 91 -1.96 5.33 4.95
C GLY A 91 -1.35 5.64 6.32
N PRO A 92 0.00 5.45 6.39
CA PRO A 92 0.72 5.70 7.63
C PRO A 92 0.88 7.19 7.88
N SER A 93 -0.25 7.85 8.11
CA SER A 93 -0.26 9.28 8.37
C SER A 93 -0.67 9.55 9.81
N SER A 94 -0.02 10.53 10.42
CA SER A 94 -0.31 10.90 11.79
C SER A 94 -0.83 12.34 11.85
N GLY A 95 -2.03 12.48 12.41
CA GLY A 95 -2.64 13.80 12.52
C GLY A 95 -4.14 13.67 12.81
N GLY A 1 -21.34 21.01 -11.72
CA GLY A 1 -21.13 20.27 -10.49
C GLY A 1 -19.64 20.04 -10.24
N SER A 2 -19.26 20.10 -8.97
CA SER A 2 -17.88 19.91 -8.58
C SER A 2 -17.79 18.91 -7.43
N SER A 3 -18.03 17.65 -7.76
CA SER A 3 -17.99 16.60 -6.76
C SER A 3 -16.57 16.04 -6.66
N GLY A 4 -16.08 15.52 -7.78
CA GLY A 4 -14.75 14.95 -7.83
C GLY A 4 -13.74 15.87 -7.14
N SER A 5 -13.50 17.01 -7.77
CA SER A 5 -12.56 17.98 -7.23
C SER A 5 -12.74 18.09 -5.71
N SER A 6 -13.96 18.39 -5.31
CA SER A 6 -14.26 18.52 -3.89
C SER A 6 -13.55 17.43 -3.09
N GLY A 7 -13.88 16.19 -3.43
CA GLY A 7 -13.27 15.06 -2.75
C GLY A 7 -11.77 15.29 -2.51
N SER A 8 -11.05 15.45 -3.61
CA SER A 8 -9.63 15.68 -3.54
C SER A 8 -9.18 16.60 -4.67
N SER A 9 -8.93 17.84 -4.32
CA SER A 9 -8.50 18.84 -5.30
C SER A 9 -6.97 18.82 -5.42
N PHE A 10 -6.33 19.08 -4.28
CA PHE A 10 -4.87 19.10 -4.26
C PHE A 10 -4.35 18.69 -2.87
N GLN A 11 -4.04 17.42 -2.74
CA GLN A 11 -3.53 16.88 -1.48
C GLN A 11 -2.88 15.53 -1.70
N GLY A 12 -1.57 15.48 -1.47
CA GLY A 12 -0.82 14.26 -1.63
C GLY A 12 0.59 14.40 -1.06
N PRO A 13 1.01 13.35 -0.30
CA PRO A 13 2.33 13.34 0.30
C PRO A 13 3.41 13.07 -0.74
N LEU A 14 4.23 14.08 -0.99
CA LEU A 14 5.31 13.97 -1.96
C LEU A 14 6.07 12.67 -1.70
N ASP A 15 6.39 12.45 -0.44
CA ASP A 15 7.12 11.26 -0.04
C ASP A 15 6.58 10.05 -0.80
N ALA A 16 5.26 9.89 -0.73
CA ALA A 16 4.61 8.79 -1.41
C ALA A 16 4.87 7.50 -0.65
N THR A 17 4.21 7.38 0.50
CA THR A 17 4.37 6.20 1.33
C THR A 17 3.00 5.69 1.77
N VAL A 18 2.89 4.36 1.87
CA VAL A 18 1.66 3.73 2.28
C VAL A 18 1.97 2.49 3.11
N VAL A 19 1.02 2.13 3.97
CA VAL A 19 1.18 0.98 4.82
C VAL A 19 0.27 -0.15 4.34
N VAL A 20 0.87 -1.30 4.09
CA VAL A 20 0.13 -2.46 3.62
C VAL A 20 0.02 -3.49 4.75
N ASN A 21 -1.16 -4.07 4.86
CA ASN A 21 -1.40 -5.07 5.89
C ASN A 21 -2.31 -6.17 5.32
N LEU A 22 -2.42 -7.24 6.10
CA LEU A 22 -3.26 -8.37 5.69
C LEU A 22 -4.51 -8.42 6.56
N GLN A 23 -5.66 -8.47 5.89
CA GLN A 23 -6.93 -8.52 6.59
C GLN A 23 -7.03 -9.80 7.41
N SER A 24 -6.78 -10.92 6.73
CA SER A 24 -6.85 -12.22 7.38
C SER A 24 -5.55 -12.99 7.13
N PRO A 25 -4.46 -12.52 7.80
CA PRO A 25 -3.17 -13.15 7.66
C PRO A 25 -3.11 -14.48 8.44
N THR A 26 -2.31 -15.40 7.92
CA THR A 26 -2.16 -16.70 8.55
C THR A 26 -1.11 -16.63 9.66
N LEU A 27 -0.96 -17.75 10.36
CA LEU A 27 -0.01 -17.84 11.45
C LEU A 27 1.37 -17.42 10.94
N GLU A 28 1.63 -17.76 9.69
CA GLU A 28 2.91 -17.44 9.07
C GLU A 28 3.02 -15.93 8.86
N GLU A 29 1.86 -15.29 8.73
CA GLU A 29 1.82 -13.85 8.53
C GLU A 29 1.70 -13.13 9.87
N LYS A 30 0.97 -13.74 10.78
CA LYS A 30 0.77 -13.17 12.10
C LYS A 30 2.13 -13.03 12.79
N ASN A 31 3.11 -13.73 12.25
CA ASN A 31 4.45 -13.70 12.80
C ASN A 31 5.28 -12.64 12.07
N GLU A 32 5.27 -12.74 10.74
CA GLU A 32 5.99 -11.81 9.90
C GLU A 32 5.60 -11.97 8.44
N PHE A 33 5.47 -10.84 7.76
CA PHE A 33 5.10 -10.85 6.36
C PHE A 33 5.98 -11.81 5.56
N PRO A 34 5.30 -12.67 4.76
CA PRO A 34 6.00 -13.65 3.95
C PRO A 34 6.64 -12.98 2.73
N GLU A 35 7.87 -13.38 2.46
CA GLU A 35 8.61 -12.83 1.33
C GLU A 35 7.94 -13.25 0.01
N ASP A 36 7.36 -14.44 0.03
CA ASP A 36 6.70 -14.96 -1.14
C ASP A 36 5.51 -14.06 -1.51
N LEU A 37 5.06 -13.31 -0.52
CA LEU A 37 3.94 -12.40 -0.71
C LEU A 37 4.48 -11.01 -1.05
N ARG A 38 5.46 -10.57 -0.27
CA ARG A 38 6.05 -9.27 -0.47
C ARG A 38 6.29 -9.02 -1.97
N THR A 39 7.30 -9.69 -2.49
CA THR A 39 7.65 -9.56 -3.90
C THR A 39 6.37 -9.56 -4.76
N GLU A 40 5.44 -10.42 -4.37
CA GLU A 40 4.18 -10.53 -5.08
C GLU A 40 3.45 -9.19 -5.10
N LEU A 41 3.47 -8.54 -3.95
CA LEU A 41 2.82 -7.25 -3.81
C LEU A 41 3.68 -6.17 -4.49
N MET A 42 4.90 -6.03 -4.00
CA MET A 42 5.82 -5.05 -4.55
C MET A 42 5.67 -4.94 -6.06
N GLN A 43 5.90 -6.07 -6.73
CA GLN A 43 5.79 -6.11 -8.17
C GLN A 43 4.37 -5.71 -8.62
N THR A 44 3.40 -6.23 -7.89
CA THR A 44 2.00 -5.95 -8.20
C THR A 44 1.72 -4.45 -8.02
N LEU A 45 1.73 -4.02 -6.76
CA LEU A 45 1.48 -2.62 -6.45
C LEU A 45 2.43 -1.74 -7.27
N GLY A 46 3.67 -2.19 -7.37
CA GLY A 46 4.68 -1.45 -8.11
C GLY A 46 4.15 -1.05 -9.49
N SER A 47 3.46 -1.99 -10.13
CA SER A 47 2.91 -1.74 -11.45
C SER A 47 2.19 -0.39 -11.47
N TYR A 48 1.12 -0.31 -10.69
CA TYR A 48 0.34 0.91 -10.61
C TYR A 48 1.25 2.14 -10.65
N GLY A 49 2.23 2.14 -9.75
CA GLY A 49 3.17 3.25 -9.67
C GLY A 49 4.60 2.76 -9.89
N THR A 50 5.44 3.00 -8.89
CA THR A 50 6.83 2.60 -8.97
C THR A 50 7.44 2.51 -7.56
N ILE A 51 7.87 1.30 -7.22
CA ILE A 51 8.47 1.07 -5.92
C ILE A 51 9.80 1.83 -5.82
N VAL A 52 9.77 2.90 -5.03
CA VAL A 52 10.96 3.72 -4.85
C VAL A 52 11.72 3.24 -3.61
N LEU A 53 11.00 2.53 -2.75
CA LEU A 53 11.58 2.02 -1.53
C LEU A 53 10.51 1.29 -0.72
N VAL A 54 10.94 0.29 0.03
CA VAL A 54 10.03 -0.49 0.86
C VAL A 54 10.69 -0.77 2.21
N ARG A 55 9.85 -0.84 3.24
CA ARG A 55 10.33 -1.10 4.58
C ARG A 55 9.33 -1.98 5.34
N ILE A 56 9.77 -3.19 5.63
CA ILE A 56 8.93 -4.14 6.35
C ILE A 56 8.90 -3.76 7.84
N ASN A 57 7.70 -3.52 8.33
CA ASN A 57 7.53 -3.16 9.73
C ASN A 57 7.22 -4.41 10.55
N GLN A 58 7.77 -4.45 11.75
CA GLN A 58 7.57 -5.58 12.64
C GLN A 58 6.21 -6.22 12.37
N GLY A 59 5.21 -5.36 12.20
CA GLY A 59 3.86 -5.82 11.95
C GLY A 59 3.15 -4.93 10.93
N GLN A 60 3.85 -4.66 9.84
CA GLN A 60 3.31 -3.83 8.78
C GLN A 60 4.25 -3.82 7.57
N MET A 61 3.84 -3.08 6.55
CA MET A 61 4.63 -2.99 5.34
C MET A 61 4.59 -1.57 4.77
N LEU A 62 5.68 -0.84 5.00
CA LEU A 62 5.79 0.52 4.51
C LEU A 62 6.27 0.52 3.07
N VAL A 63 5.31 0.71 2.16
CA VAL A 63 5.62 0.72 0.74
C VAL A 63 5.69 2.16 0.25
N THR A 64 6.79 2.48 -0.42
CA THR A 64 6.99 3.82 -0.94
C THR A 64 6.92 3.82 -2.47
N PHE A 65 6.20 4.80 -3.00
CA PHE A 65 6.06 4.92 -4.44
C PHE A 65 6.70 6.20 -4.96
N ALA A 66 6.50 6.45 -6.25
CA ALA A 66 7.07 7.64 -6.88
C ALA A 66 6.06 8.79 -6.77
N ASP A 67 4.83 8.49 -7.18
CA ASP A 67 3.77 9.49 -7.15
C ASP A 67 2.89 9.24 -5.91
N SER A 68 2.08 10.24 -5.61
CA SER A 68 1.19 10.15 -4.47
C SER A 68 -0.13 9.48 -4.88
N HIS A 69 -0.67 9.96 -5.98
CA HIS A 69 -1.92 9.42 -6.50
C HIS A 69 -1.79 7.90 -6.67
N SER A 70 -0.62 7.48 -7.12
CA SER A 70 -0.36 6.07 -7.32
C SER A 70 -0.83 5.27 -6.12
N ALA A 71 -0.39 5.70 -4.94
CA ALA A 71 -0.76 5.03 -3.71
C ALA A 71 -2.27 5.09 -3.54
N LEU A 72 -2.80 6.30 -3.57
CA LEU A 72 -4.23 6.50 -3.41
C LEU A 72 -4.97 5.53 -4.33
N SER A 73 -4.46 5.40 -5.54
CA SER A 73 -5.07 4.52 -6.52
C SER A 73 -5.00 3.07 -6.03
N VAL A 74 -3.95 2.79 -5.27
CA VAL A 74 -3.77 1.45 -4.73
C VAL A 74 -4.63 1.29 -3.48
N LEU A 75 -4.86 2.40 -2.80
CA LEU A 75 -5.66 2.38 -1.59
C LEU A 75 -7.01 1.75 -1.89
N ASP A 76 -7.38 1.79 -3.17
CA ASP A 76 -8.65 1.21 -3.60
C ASP A 76 -8.42 -0.24 -4.02
N VAL A 77 -7.19 -0.53 -4.41
CA VAL A 77 -6.84 -1.87 -4.84
C VAL A 77 -6.88 -2.82 -3.63
N ASP A 78 -7.05 -2.23 -2.46
CA ASP A 78 -7.12 -3.00 -1.23
C ASP A 78 -7.88 -4.30 -1.48
N GLY A 79 -9.09 -4.14 -2.01
CA GLY A 79 -9.93 -5.28 -2.30
C GLY A 79 -9.10 -6.46 -2.82
N MET A 80 -8.04 -6.12 -3.55
CA MET A 80 -7.16 -7.14 -4.09
C MET A 80 -6.95 -8.28 -3.10
N LYS A 81 -6.92 -9.48 -3.64
CA LYS A 81 -6.73 -10.67 -2.82
C LYS A 81 -5.51 -11.44 -3.32
N VAL A 82 -4.59 -11.70 -2.40
CA VAL A 82 -3.37 -12.43 -2.74
C VAL A 82 -3.43 -13.82 -2.10
N LYS A 83 -3.40 -14.83 -2.95
CA LYS A 83 -3.44 -16.21 -2.48
C LYS A 83 -4.72 -16.42 -1.68
N GLY A 84 -5.75 -15.69 -2.06
CA GLY A 84 -7.04 -15.80 -1.38
C GLY A 84 -7.07 -14.92 -0.12
N ARG A 85 -5.90 -14.42 0.25
CA ARG A 85 -5.78 -13.57 1.42
C ARG A 85 -6.11 -12.13 1.06
N ALA A 86 -7.06 -11.56 1.80
CA ALA A 86 -7.46 -10.18 1.57
C ALA A 86 -6.42 -9.24 2.17
N VAL A 87 -5.90 -8.36 1.32
CA VAL A 87 -4.90 -7.41 1.75
C VAL A 87 -5.57 -6.06 2.02
N LYS A 88 -4.80 -5.16 2.61
CA LYS A 88 -5.31 -3.84 2.93
C LYS A 88 -4.19 -2.81 2.75
N ILE A 89 -4.49 -1.79 1.96
CA ILE A 89 -3.52 -0.73 1.70
C ILE A 89 -4.02 0.58 2.32
N SER A 90 -3.15 1.20 3.10
CA SER A 90 -3.49 2.46 3.74
C SER A 90 -2.26 3.35 3.83
N GLY A 91 -2.43 4.49 4.49
CA GLY A 91 -1.34 5.44 4.65
C GLY A 91 -0.61 5.21 5.97
N PRO A 92 0.10 6.28 6.42
CA PRO A 92 0.85 6.22 7.66
C PRO A 92 -0.08 6.28 8.87
N SER A 93 -0.83 5.21 9.06
CA SER A 93 -1.77 5.14 10.17
C SER A 93 -1.33 4.06 11.15
N SER A 94 -1.26 4.44 12.42
CA SER A 94 -0.87 3.52 13.47
C SER A 94 -2.07 3.16 14.35
N GLY A 95 -2.65 4.20 14.95
CA GLY A 95 -3.81 4.00 15.80
C GLY A 95 -4.05 5.24 16.68
N GLY A 1 -16.00 15.16 -19.27
CA GLY A 1 -15.14 16.33 -19.18
C GLY A 1 -14.16 16.20 -18.02
N SER A 2 -12.96 16.71 -18.23
CA SER A 2 -11.92 16.65 -17.21
C SER A 2 -11.47 18.07 -16.85
N SER A 3 -12.15 18.64 -15.86
CA SER A 3 -11.82 19.98 -15.42
C SER A 3 -10.91 19.92 -14.19
N GLY A 4 -11.41 19.25 -13.16
CA GLY A 4 -10.65 19.10 -11.93
C GLY A 4 -9.62 17.98 -12.04
N SER A 5 -10.13 16.77 -12.29
CA SER A 5 -9.28 15.61 -12.43
C SER A 5 -8.01 15.98 -13.20
N SER A 6 -8.21 16.41 -14.44
CA SER A 6 -7.09 16.81 -15.29
C SER A 6 -6.27 17.91 -14.60
N GLY A 7 -6.95 19.00 -14.29
CA GLY A 7 -6.28 20.13 -13.63
C GLY A 7 -5.30 19.63 -12.57
N SER A 8 -5.85 19.04 -11.53
CA SER A 8 -5.03 18.53 -10.44
C SER A 8 -4.04 19.60 -9.97
N SER A 9 -4.46 20.34 -8.96
CA SER A 9 -3.63 21.41 -8.42
C SER A 9 -2.65 20.82 -7.40
N PHE A 10 -3.20 20.14 -6.41
CA PHE A 10 -2.39 19.54 -5.37
C PHE A 10 -3.25 18.76 -4.38
N GLN A 11 -2.96 17.47 -4.27
CA GLN A 11 -3.70 16.61 -3.37
C GLN A 11 -3.00 15.25 -3.25
N GLY A 12 -2.84 14.83 -2.00
CA GLY A 12 -2.18 13.56 -1.71
C GLY A 12 -0.98 13.75 -0.79
N PRO A 13 -0.61 12.65 -0.08
CA PRO A 13 0.51 12.68 0.84
C PRO A 13 1.83 12.68 0.08
N LEU A 14 2.53 13.81 0.15
CA LEU A 14 3.81 13.94 -0.53
C LEU A 14 4.66 12.70 -0.25
N ASP A 15 4.65 12.29 1.02
CA ASP A 15 5.41 11.13 1.43
C ASP A 15 5.24 10.01 0.40
N ALA A 16 4.00 9.82 -0.01
CA ALA A 16 3.69 8.79 -1.00
C ALA A 16 3.95 7.41 -0.39
N THR A 17 3.54 7.26 0.86
CA THR A 17 3.74 6.00 1.56
C THR A 17 2.38 5.34 1.85
N VAL A 18 2.41 4.02 1.87
CA VAL A 18 1.19 3.26 2.13
C VAL A 18 1.51 2.11 3.09
N VAL A 19 0.67 1.96 4.10
CA VAL A 19 0.86 0.92 5.09
C VAL A 19 0.02 -0.31 4.69
N VAL A 20 0.72 -1.32 4.23
CA VAL A 20 0.07 -2.56 3.81
C VAL A 20 -0.10 -3.48 5.02
N ASN A 21 -1.19 -4.22 5.02
CA ASN A 21 -1.47 -5.15 6.10
C ASN A 21 -2.46 -6.21 5.62
N LEU A 22 -2.22 -7.44 6.04
CA LEU A 22 -3.07 -8.56 5.65
C LEU A 22 -4.31 -8.57 6.55
N GLN A 23 -5.46 -8.70 5.92
CA GLN A 23 -6.72 -8.73 6.64
C GLN A 23 -6.75 -9.93 7.59
N SER A 24 -6.48 -11.10 7.03
CA SER A 24 -6.47 -12.32 7.81
C SER A 24 -5.20 -13.11 7.54
N PRO A 25 -4.07 -12.59 8.09
CA PRO A 25 -2.78 -13.24 7.92
C PRO A 25 -2.67 -14.49 8.79
N THR A 26 -1.99 -15.49 8.26
CA THR A 26 -1.80 -16.74 8.98
C THR A 26 -0.73 -16.57 10.07
N LEU A 27 -0.40 -17.69 10.69
CA LEU A 27 0.61 -17.70 11.74
C LEU A 27 1.92 -17.11 11.19
N GLU A 28 2.21 -17.48 9.96
CA GLU A 28 3.42 -17.00 9.30
C GLU A 28 3.32 -15.51 9.03
N GLU A 29 2.17 -15.10 8.51
CA GLU A 29 1.94 -13.70 8.20
C GLU A 29 1.67 -12.91 9.48
N LYS A 30 1.45 -13.65 10.56
CA LYS A 30 1.17 -13.04 11.84
C LYS A 30 2.50 -12.74 12.55
N ASN A 31 3.50 -13.53 12.22
CA ASN A 31 4.82 -13.36 12.82
C ASN A 31 5.62 -12.34 12.00
N GLU A 32 5.47 -12.45 10.68
CA GLU A 32 6.17 -11.54 9.78
C GLU A 32 5.71 -11.77 8.34
N PHE A 33 5.63 -10.67 7.60
CA PHE A 33 5.21 -10.73 6.21
C PHE A 33 6.11 -11.69 5.41
N PRO A 34 5.44 -12.59 4.64
CA PRO A 34 6.16 -13.55 3.82
C PRO A 34 6.76 -12.88 2.58
N GLU A 35 8.02 -13.16 2.33
CA GLU A 35 8.71 -12.60 1.19
C GLU A 35 8.12 -13.13 -0.12
N ASP A 36 7.35 -14.21 0.03
CA ASP A 36 6.72 -14.83 -1.13
C ASP A 36 5.48 -14.02 -1.52
N LEU A 37 4.88 -13.38 -0.51
CA LEU A 37 3.70 -12.58 -0.74
C LEU A 37 4.12 -11.14 -1.06
N ARG A 38 5.25 -10.75 -0.51
CA ARG A 38 5.77 -9.41 -0.72
C ARG A 38 5.99 -9.16 -2.21
N THR A 39 7.05 -9.75 -2.73
CA THR A 39 7.38 -9.61 -4.15
C THR A 39 6.11 -9.60 -4.99
N GLU A 40 5.25 -10.58 -4.72
CA GLU A 40 4.00 -10.69 -5.45
C GLU A 40 3.24 -9.37 -5.40
N LEU A 41 3.12 -8.82 -4.20
CA LEU A 41 2.43 -7.57 -4.00
C LEU A 41 3.31 -6.42 -4.47
N MET A 42 4.46 -6.29 -3.83
CA MET A 42 5.40 -5.24 -4.17
C MET A 42 5.41 -4.98 -5.68
N GLN A 43 5.72 -6.04 -6.43
CA GLN A 43 5.77 -5.94 -7.87
C GLN A 43 4.39 -5.56 -8.43
N THR A 44 3.37 -6.23 -7.92
CA THR A 44 2.01 -5.97 -8.34
C THR A 44 1.69 -4.48 -8.21
N LEU A 45 1.84 -3.98 -7.00
CA LEU A 45 1.56 -2.57 -6.72
C LEU A 45 2.57 -1.70 -7.48
N GLY A 46 3.67 -2.34 -7.87
CA GLY A 46 4.71 -1.64 -8.61
C GLY A 46 4.25 -1.30 -10.03
N SER A 47 3.16 -1.95 -10.43
CA SER A 47 2.61 -1.72 -11.76
C SER A 47 1.91 -0.36 -11.82
N TYR A 48 1.01 -0.15 -10.85
CA TYR A 48 0.27 1.09 -10.78
C TYR A 48 1.22 2.30 -10.76
N GLY A 49 2.15 2.27 -9.82
CA GLY A 49 3.11 3.35 -9.69
C GLY A 49 4.55 2.82 -9.84
N THR A 50 5.38 3.20 -8.88
CA THR A 50 6.77 2.77 -8.89
C THR A 50 7.30 2.65 -7.46
N ILE A 51 7.79 1.46 -7.15
CA ILE A 51 8.32 1.20 -5.82
C ILE A 51 9.70 1.87 -5.69
N VAL A 52 9.72 2.95 -4.94
CA VAL A 52 10.96 3.69 -4.72
C VAL A 52 11.62 3.20 -3.44
N LEU A 53 10.83 2.54 -2.61
CA LEU A 53 11.33 2.02 -1.35
C LEU A 53 10.19 1.31 -0.62
N VAL A 54 10.58 0.39 0.27
CA VAL A 54 9.61 -0.35 1.04
C VAL A 54 10.22 -0.75 2.38
N ARG A 55 9.47 -0.46 3.44
CA ARG A 55 9.94 -0.78 4.79
C ARG A 55 8.93 -1.69 5.50
N ILE A 56 9.44 -2.78 6.04
CA ILE A 56 8.59 -3.73 6.75
C ILE A 56 8.77 -3.54 8.26
N ASN A 57 7.66 -3.64 8.97
CA ASN A 57 7.67 -3.48 10.41
C ASN A 57 7.38 -4.83 11.07
N GLN A 58 7.74 -4.92 12.34
CA GLN A 58 7.52 -6.15 13.09
C GLN A 58 6.46 -7.01 12.41
N GLY A 59 5.30 -6.42 12.22
CA GLY A 59 4.21 -7.13 11.57
C GLY A 59 3.43 -6.19 10.63
N GLN A 60 4.19 -5.52 9.77
CA GLN A 60 3.59 -4.61 8.82
C GLN A 60 4.51 -4.44 7.59
N MET A 61 3.96 -3.80 6.57
CA MET A 61 4.73 -3.57 5.35
C MET A 61 4.31 -2.25 4.69
N LEU A 62 5.12 -1.23 4.92
CA LEU A 62 4.84 0.09 4.35
C LEU A 62 5.61 0.25 3.04
N VAL A 63 4.87 0.53 1.99
CA VAL A 63 5.47 0.70 0.67
C VAL A 63 5.51 2.19 0.33
N THR A 64 6.54 2.57 -0.41
CA THR A 64 6.71 3.95 -0.81
C THR A 64 6.63 4.08 -2.33
N PHE A 65 6.12 5.22 -2.77
CA PHE A 65 5.99 5.48 -4.20
C PHE A 65 6.56 6.85 -4.56
N ALA A 66 6.79 7.04 -5.85
CA ALA A 66 7.33 8.29 -6.34
C ALA A 66 6.20 9.31 -6.49
N ASP A 67 5.06 8.83 -6.97
CA ASP A 67 3.91 9.68 -7.16
C ASP A 67 2.85 9.34 -6.10
N SER A 68 2.12 10.37 -5.69
CA SER A 68 1.08 10.20 -4.69
C SER A 68 -0.20 9.70 -5.36
N HIS A 69 -0.22 9.79 -6.69
CA HIS A 69 -1.37 9.35 -7.45
C HIS A 69 -1.48 7.83 -7.40
N SER A 70 -0.43 7.18 -7.90
CA SER A 70 -0.38 5.73 -7.92
C SER A 70 -0.80 5.17 -6.56
N ALA A 71 -0.23 5.75 -5.52
CA ALA A 71 -0.53 5.32 -4.16
C ALA A 71 -2.05 5.41 -3.93
N LEU A 72 -2.57 6.58 -4.22
CA LEU A 72 -4.00 6.81 -4.05
C LEU A 72 -4.78 5.61 -4.57
N SER A 73 -4.48 5.24 -5.81
CA SER A 73 -5.15 4.10 -6.44
C SER A 73 -4.78 2.82 -5.69
N VAL A 74 -3.50 2.66 -5.44
CA VAL A 74 -3.02 1.48 -4.74
C VAL A 74 -3.73 1.36 -3.39
N LEU A 75 -4.14 2.51 -2.88
CA LEU A 75 -4.83 2.55 -1.60
C LEU A 75 -6.25 1.98 -1.77
N ASP A 76 -6.77 2.14 -2.98
CA ASP A 76 -8.09 1.64 -3.29
C ASP A 76 -8.00 0.22 -3.85
N VAL A 77 -6.87 -0.05 -4.48
CA VAL A 77 -6.63 -1.36 -5.07
C VAL A 77 -6.49 -2.39 -3.94
N ASP A 78 -6.14 -1.89 -2.76
CA ASP A 78 -5.97 -2.75 -1.60
C ASP A 78 -7.06 -3.82 -1.60
N GLY A 79 -8.23 -3.42 -2.07
CA GLY A 79 -9.36 -4.32 -2.12
C GLY A 79 -8.96 -5.68 -2.70
N MET A 80 -7.92 -5.65 -3.52
CA MET A 80 -7.43 -6.87 -4.13
C MET A 80 -7.15 -7.95 -3.09
N LYS A 81 -6.83 -9.14 -3.58
CA LYS A 81 -6.53 -10.25 -2.69
C LYS A 81 -5.29 -10.99 -3.20
N VAL A 82 -4.42 -11.31 -2.26
CA VAL A 82 -3.19 -12.02 -2.59
C VAL A 82 -3.33 -13.49 -2.20
N LYS A 83 -3.35 -14.34 -3.22
CA LYS A 83 -3.48 -15.77 -3.00
C LYS A 83 -4.77 -16.06 -2.25
N GLY A 84 -5.77 -15.23 -2.53
CA GLY A 84 -7.07 -15.39 -1.89
C GLY A 84 -7.11 -14.65 -0.54
N ARG A 85 -5.93 -14.23 -0.11
CA ARG A 85 -5.80 -13.53 1.16
C ARG A 85 -6.18 -12.05 0.98
N ALA A 86 -7.19 -11.63 1.72
CA ALA A 86 -7.65 -10.25 1.65
C ALA A 86 -6.58 -9.34 2.25
N VAL A 87 -6.10 -8.43 1.42
CA VAL A 87 -5.07 -7.49 1.86
C VAL A 87 -5.71 -6.11 2.05
N LYS A 88 -5.03 -5.29 2.85
CA LYS A 88 -5.52 -3.95 3.12
C LYS A 88 -4.34 -2.97 3.10
N ILE A 89 -4.63 -1.76 2.63
CA ILE A 89 -3.60 -0.73 2.55
C ILE A 89 -4.14 0.56 3.16
N SER A 90 -3.59 0.90 4.32
CA SER A 90 -4.00 2.11 5.02
C SER A 90 -2.86 3.12 5.04
N GLY A 91 -3.07 4.20 5.78
CA GLY A 91 -2.07 5.25 5.89
C GLY A 91 -1.18 5.03 7.12
N PRO A 92 -0.53 6.14 7.56
CA PRO A 92 0.34 6.08 8.72
C PRO A 92 -0.47 5.99 10.01
N SER A 93 -1.61 6.67 10.01
CA SER A 93 -2.49 6.67 11.17
C SER A 93 -3.89 6.21 10.77
N SER A 94 -4.55 7.02 9.98
CA SER A 94 -5.90 6.71 9.52
C SER A 94 -6.10 7.24 8.10
N GLY A 95 -7.12 6.70 7.44
CA GLY A 95 -7.44 7.11 6.08
C GLY A 95 -8.42 8.29 6.08
N GLY A 1 -26.66 21.61 -8.50
CA GLY A 1 -25.32 21.75 -9.03
C GLY A 1 -24.26 21.46 -7.97
N SER A 2 -23.70 20.27 -8.04
CA SER A 2 -22.68 19.85 -7.09
C SER A 2 -21.51 20.84 -7.12
N SER A 3 -21.34 21.55 -6.02
CA SER A 3 -20.27 22.53 -5.92
C SER A 3 -19.05 21.88 -5.26
N GLY A 4 -19.25 21.38 -4.04
CA GLY A 4 -18.18 20.73 -3.31
C GLY A 4 -17.35 19.82 -4.22
N SER A 5 -18.03 18.82 -4.76
CA SER A 5 -17.37 17.87 -5.65
C SER A 5 -16.45 18.60 -6.61
N SER A 6 -17.03 19.53 -7.37
CA SER A 6 -16.27 20.30 -8.32
C SER A 6 -14.94 20.73 -7.71
N GLY A 7 -15.04 21.46 -6.60
CA GLY A 7 -13.85 21.94 -5.92
C GLY A 7 -12.83 20.82 -5.75
N SER A 8 -13.21 19.82 -4.97
CA SER A 8 -12.33 18.69 -4.73
C SER A 8 -10.93 19.18 -4.35
N SER A 9 -10.79 19.58 -3.10
CA SER A 9 -9.52 20.07 -2.61
C SER A 9 -8.44 19.00 -2.78
N PHE A 10 -8.69 17.84 -2.17
CA PHE A 10 -7.76 16.74 -2.25
C PHE A 10 -6.35 17.17 -1.82
N GLN A 11 -5.46 16.20 -1.73
CA GLN A 11 -4.10 16.47 -1.34
C GLN A 11 -3.22 15.23 -1.59
N GLY A 12 -2.18 15.43 -2.39
CA GLY A 12 -1.27 14.36 -2.72
C GLY A 12 0.11 14.61 -2.10
N PRO A 13 0.55 13.63 -1.27
CA PRO A 13 1.84 13.72 -0.61
C PRO A 13 2.98 13.45 -1.60
N LEU A 14 4.17 13.90 -1.22
CA LEU A 14 5.34 13.72 -2.06
C LEU A 14 5.94 12.33 -1.79
N ASP A 15 6.17 12.06 -0.51
CA ASP A 15 6.73 10.78 -0.11
C ASP A 15 6.10 9.66 -0.94
N ALA A 16 4.77 9.59 -0.87
CA ALA A 16 4.04 8.58 -1.60
C ALA A 16 4.21 7.23 -0.91
N THR A 17 4.10 7.25 0.41
CA THR A 17 4.23 6.04 1.20
C THR A 17 2.88 5.58 1.72
N VAL A 18 2.73 4.27 1.83
CA VAL A 18 1.48 3.70 2.32
C VAL A 18 1.79 2.43 3.11
N VAL A 19 0.89 2.12 4.04
CA VAL A 19 1.05 0.94 4.87
C VAL A 19 0.21 -0.21 4.29
N VAL A 20 0.75 -1.41 4.42
CA VAL A 20 0.06 -2.59 3.92
C VAL A 20 -0.09 -3.61 5.05
N ASN A 21 -1.28 -4.19 5.13
CA ASN A 21 -1.56 -5.18 6.15
C ASN A 21 -2.42 -6.29 5.56
N LEU A 22 -2.54 -7.38 6.31
CA LEU A 22 -3.33 -8.51 5.87
C LEU A 22 -4.55 -8.66 6.78
N GLN A 23 -5.71 -8.66 6.15
CA GLN A 23 -6.96 -8.80 6.88
C GLN A 23 -6.96 -10.09 7.69
N SER A 24 -6.90 -11.21 6.97
CA SER A 24 -6.90 -12.51 7.61
C SER A 24 -5.66 -13.29 7.18
N PRO A 25 -4.50 -12.89 7.76
CA PRO A 25 -3.23 -13.55 7.44
C PRO A 25 -3.14 -14.92 8.12
N THR A 26 -2.27 -15.75 7.59
CA THR A 26 -2.07 -17.09 8.14
C THR A 26 -1.04 -17.06 9.26
N LEU A 27 -0.95 -18.18 9.97
CA LEU A 27 -0.02 -18.30 11.07
C LEU A 27 1.35 -17.77 10.64
N GLU A 28 1.76 -18.20 9.44
CA GLU A 28 3.04 -17.78 8.89
C GLU A 28 3.08 -16.26 8.74
N GLU A 29 1.96 -15.72 8.29
CA GLU A 29 1.86 -14.28 8.09
C GLU A 29 1.78 -13.56 9.43
N LYS A 30 0.86 -14.05 10.26
CA LYS A 30 0.67 -13.47 11.59
C LYS A 30 2.02 -13.36 12.31
N ASN A 31 2.84 -14.38 12.09
CA ASN A 31 4.16 -14.42 12.70
C ASN A 31 5.06 -13.40 12.01
N GLU A 32 4.98 -13.36 10.70
CA GLU A 32 5.78 -12.44 9.92
C GLU A 32 5.45 -12.57 8.42
N PHE A 33 5.30 -11.43 7.78
CA PHE A 33 4.99 -11.41 6.36
C PHE A 33 5.87 -12.40 5.58
N PRO A 34 5.21 -13.17 4.67
CA PRO A 34 5.91 -14.15 3.87
C PRO A 34 6.72 -13.48 2.77
N GLU A 35 7.75 -14.19 2.31
CA GLU A 35 8.62 -13.67 1.26
C GLU A 35 8.02 -13.98 -0.11
N ASP A 36 7.04 -14.87 -0.11
CA ASP A 36 6.39 -15.27 -1.35
C ASP A 36 5.33 -14.23 -1.70
N LEU A 37 4.85 -13.54 -0.68
CA LEU A 37 3.84 -12.51 -0.87
C LEU A 37 4.51 -11.15 -1.01
N ARG A 38 5.52 -10.94 -0.18
CA ARG A 38 6.25 -9.69 -0.20
C ARG A 38 6.50 -9.23 -1.64
N THR A 39 7.45 -9.90 -2.28
CA THR A 39 7.79 -9.59 -3.65
C THR A 39 6.53 -9.35 -4.47
N GLU A 40 5.60 -10.28 -4.36
CA GLU A 40 4.34 -10.18 -5.08
C GLU A 40 3.66 -8.85 -4.78
N LEU A 41 3.72 -8.45 -3.52
CA LEU A 41 3.13 -7.20 -3.09
C LEU A 41 3.91 -6.03 -3.68
N MET A 42 5.20 -6.02 -3.40
CA MET A 42 6.08 -4.97 -3.90
C MET A 42 5.81 -4.70 -5.38
N GLN A 43 5.80 -5.77 -6.16
CA GLN A 43 5.56 -5.66 -7.58
C GLN A 43 4.10 -5.31 -7.85
N THR A 44 3.21 -6.13 -7.30
CA THR A 44 1.78 -5.91 -7.48
C THR A 44 1.46 -4.43 -7.35
N LEU A 45 1.96 -3.82 -6.28
CA LEU A 45 1.73 -2.42 -6.03
C LEU A 45 2.56 -1.58 -7.01
N GLY A 46 3.72 -2.12 -7.36
CA GLY A 46 4.62 -1.44 -8.28
C GLY A 46 3.91 -1.09 -9.58
N SER A 47 3.31 -2.12 -10.18
CA SER A 47 2.59 -1.93 -11.43
C SER A 47 1.86 -0.58 -11.42
N TYR A 48 0.91 -0.46 -10.50
CA TYR A 48 0.14 0.76 -10.37
C TYR A 48 1.03 1.99 -10.51
N GLY A 49 1.99 2.10 -9.60
CA GLY A 49 2.90 3.22 -9.61
C GLY A 49 4.34 2.76 -9.90
N THR A 50 5.23 3.05 -8.97
CA THR A 50 6.62 2.67 -9.11
C THR A 50 7.31 2.62 -7.75
N ILE A 51 7.70 1.42 -7.35
CA ILE A 51 8.37 1.23 -6.08
C ILE A 51 9.69 2.00 -6.07
N VAL A 52 9.73 3.01 -5.22
CA VAL A 52 10.93 3.84 -5.11
C VAL A 52 11.57 3.62 -3.74
N LEU A 53 10.83 2.93 -2.88
CA LEU A 53 11.31 2.65 -1.54
C LEU A 53 10.30 1.74 -0.82
N VAL A 54 10.83 0.91 0.06
CA VAL A 54 9.99 -0.01 0.82
C VAL A 54 10.66 -0.29 2.17
N ARG A 55 9.82 -0.38 3.19
CA ARG A 55 10.30 -0.66 4.53
C ARG A 55 9.29 -1.49 5.31
N ILE A 56 9.66 -2.74 5.57
CA ILE A 56 8.79 -3.65 6.30
C ILE A 56 8.92 -3.36 7.80
N ASN A 57 7.77 -3.32 8.46
CA ASN A 57 7.73 -3.08 9.89
C ASN A 57 7.56 -4.40 10.63
N GLN A 58 8.15 -4.45 11.82
CA GLN A 58 8.06 -5.65 12.64
C GLN A 58 6.76 -6.41 12.36
N GLY A 59 5.68 -5.64 12.29
CA GLY A 59 4.38 -6.23 12.02
C GLY A 59 3.57 -5.35 11.05
N GLN A 60 4.22 -4.97 9.97
CA GLN A 60 3.59 -4.15 8.96
C GLN A 60 4.49 -4.02 7.74
N MET A 61 4.05 -3.18 6.79
CA MET A 61 4.80 -2.97 5.58
C MET A 61 4.54 -1.56 5.02
N LEU A 62 5.63 -0.84 4.80
CA LEU A 62 5.52 0.52 4.28
C LEU A 62 6.05 0.54 2.85
N VAL A 63 5.14 0.77 1.91
CA VAL A 63 5.51 0.82 0.51
C VAL A 63 5.52 2.28 0.04
N THR A 64 6.57 2.62 -0.70
CA THR A 64 6.70 3.97 -1.21
C THR A 64 6.70 3.96 -2.74
N PHE A 65 6.10 5.00 -3.30
CA PHE A 65 6.01 5.12 -4.75
C PHE A 65 6.66 6.43 -5.23
N ALA A 66 6.54 6.67 -6.52
CA ALA A 66 7.10 7.87 -7.11
C ALA A 66 6.03 8.96 -7.16
N ASP A 67 4.81 8.54 -7.46
CA ASP A 67 3.70 9.47 -7.54
C ASP A 67 2.71 9.16 -6.41
N SER A 68 1.75 10.06 -6.25
CA SER A 68 0.74 9.90 -5.21
C SER A 68 -0.50 9.21 -5.79
N HIS A 69 -0.96 9.74 -6.91
CA HIS A 69 -2.13 9.19 -7.56
C HIS A 69 -2.08 7.66 -7.51
N SER A 70 -0.93 7.12 -7.87
CA SER A 70 -0.74 5.68 -7.85
C SER A 70 -1.13 5.11 -6.49
N ALA A 71 -0.32 5.45 -5.49
CA ALA A 71 -0.56 4.98 -4.14
C ALA A 71 -2.06 5.08 -3.83
N LEU A 72 -2.68 6.10 -4.39
CA LEU A 72 -4.11 6.31 -4.18
C LEU A 72 -4.88 5.17 -4.84
N SER A 73 -4.60 4.95 -6.12
CA SER A 73 -5.25 3.90 -6.86
C SER A 73 -5.13 2.56 -6.12
N VAL A 74 -3.88 2.19 -5.85
CA VAL A 74 -3.62 0.95 -5.15
C VAL A 74 -4.25 1.01 -3.75
N LEU A 75 -4.25 2.21 -3.18
CA LEU A 75 -4.82 2.40 -1.87
C LEU A 75 -6.27 1.90 -1.86
N ASP A 76 -7.00 2.28 -2.89
CA ASP A 76 -8.39 1.87 -3.02
C ASP A 76 -8.45 0.42 -3.50
N VAL A 77 -7.83 0.19 -4.65
CA VAL A 77 -7.80 -1.13 -5.23
C VAL A 77 -7.33 -2.14 -4.18
N ASP A 78 -6.63 -1.62 -3.18
CA ASP A 78 -6.11 -2.46 -2.11
C ASP A 78 -7.14 -3.55 -1.79
N GLY A 79 -8.41 -3.16 -1.86
CA GLY A 79 -9.49 -4.09 -1.57
C GLY A 79 -9.17 -5.49 -2.12
N MET A 80 -8.41 -5.50 -3.20
CA MET A 80 -8.02 -6.76 -3.83
C MET A 80 -7.44 -7.73 -2.81
N LYS A 81 -7.29 -8.98 -3.23
CA LYS A 81 -6.75 -10.01 -2.36
C LYS A 81 -5.41 -10.49 -2.91
N VAL A 82 -4.43 -10.56 -2.02
CA VAL A 82 -3.10 -11.00 -2.41
C VAL A 82 -3.09 -12.52 -2.54
N LYS A 83 -3.03 -12.98 -3.78
CA LYS A 83 -3.01 -14.41 -4.04
C LYS A 83 -4.32 -15.03 -3.57
N GLY A 84 -4.48 -15.05 -2.24
CA GLY A 84 -5.68 -15.61 -1.64
C GLY A 84 -5.88 -15.08 -0.22
N ARG A 85 -5.25 -13.95 0.04
CA ARG A 85 -5.35 -13.33 1.36
C ARG A 85 -5.77 -11.87 1.22
N ALA A 86 -6.83 -11.52 1.92
CA ALA A 86 -7.35 -10.16 1.90
C ALA A 86 -6.28 -9.21 2.42
N VAL A 87 -5.93 -8.23 1.58
CA VAL A 87 -4.92 -7.26 1.96
C VAL A 87 -5.61 -5.92 2.25
N LYS A 88 -4.87 -5.06 2.94
CA LYS A 88 -5.39 -3.74 3.30
C LYS A 88 -4.26 -2.71 3.24
N ILE A 89 -4.40 -1.78 2.32
CA ILE A 89 -3.41 -0.73 2.16
C ILE A 89 -3.97 0.60 2.66
N SER A 90 -3.31 1.15 3.66
CA SER A 90 -3.74 2.42 4.24
C SER A 90 -2.66 3.49 4.01
N GLY A 91 -2.92 4.66 4.56
CA GLY A 91 -1.99 5.77 4.42
C GLY A 91 -1.62 6.34 5.80
N PRO A 92 -0.30 6.25 6.11
CA PRO A 92 0.20 6.75 7.38
C PRO A 92 0.28 8.28 7.38
N SER A 93 0.71 8.82 6.25
CA SER A 93 0.83 10.26 6.11
C SER A 93 1.83 10.81 7.12
N SER A 94 3.11 10.60 6.82
CA SER A 94 4.17 11.07 7.69
C SER A 94 4.08 12.59 7.85
N GLY A 95 3.68 12.99 9.05
CA GLY A 95 3.55 14.41 9.34
C GLY A 95 2.10 14.77 9.68
N GLY A 1 5.36 34.73 -19.02
CA GLY A 1 5.53 34.87 -17.59
C GLY A 1 5.47 33.51 -16.89
N SER A 2 5.42 33.55 -15.57
CA SER A 2 5.35 32.33 -14.78
C SER A 2 3.98 32.19 -14.15
N SER A 3 3.32 31.09 -14.48
CA SER A 3 1.99 30.82 -13.95
C SER A 3 2.10 29.93 -12.71
N GLY A 4 2.68 28.75 -12.91
CA GLY A 4 2.85 27.80 -11.82
C GLY A 4 3.40 28.49 -10.57
N SER A 5 4.66 28.91 -10.67
CA SER A 5 5.31 29.59 -9.56
C SER A 5 4.33 30.54 -8.88
N SER A 6 3.80 31.44 -9.68
CA SER A 6 2.85 32.43 -9.18
C SER A 6 1.82 31.74 -8.28
N GLY A 7 1.10 30.81 -8.87
CA GLY A 7 0.08 30.07 -8.14
C GLY A 7 0.60 29.60 -6.79
N SER A 8 1.68 28.83 -6.84
CA SER A 8 2.29 28.31 -5.64
C SER A 8 1.26 27.49 -4.84
N SER A 9 1.07 26.26 -5.29
CA SER A 9 0.12 25.38 -4.63
C SER A 9 0.84 24.54 -3.57
N PHE A 10 1.80 23.74 -4.03
CA PHE A 10 2.56 22.90 -3.13
C PHE A 10 1.65 22.13 -2.19
N GLN A 11 1.37 20.88 -2.56
CA GLN A 11 0.50 20.04 -1.76
C GLN A 11 0.60 18.59 -2.23
N GLY A 12 0.40 17.67 -1.29
CA GLY A 12 0.47 16.26 -1.59
C GLY A 12 1.68 15.61 -0.92
N PRO A 13 1.53 14.29 -0.63
CA PRO A 13 2.61 13.54 0.01
C PRO A 13 3.73 13.23 -0.99
N LEU A 14 4.72 14.10 -1.00
CA LEU A 14 5.86 13.93 -1.90
C LEU A 14 6.51 12.58 -1.63
N ASP A 15 6.30 12.07 -0.42
CA ASP A 15 6.87 10.79 -0.03
C ASP A 15 6.14 9.68 -0.77
N ALA A 16 4.81 9.72 -0.70
CA ALA A 16 4.00 8.72 -1.37
C ALA A 16 4.20 7.37 -0.68
N THR A 17 3.91 7.35 0.61
CA THR A 17 4.07 6.12 1.39
C THR A 17 2.69 5.56 1.76
N VAL A 18 2.63 4.23 1.80
CA VAL A 18 1.39 3.56 2.15
C VAL A 18 1.70 2.34 3.02
N VAL A 19 0.83 2.12 3.99
CA VAL A 19 1.01 0.99 4.90
C VAL A 19 0.22 -0.21 4.38
N VAL A 20 0.95 -1.28 4.13
CA VAL A 20 0.32 -2.50 3.62
C VAL A 20 0.19 -3.50 4.76
N ASN A 21 -1.01 -4.08 4.85
CA ASN A 21 -1.29 -5.06 5.89
C ASN A 21 -2.24 -6.12 5.34
N LEU A 22 -2.37 -7.20 6.09
CA LEU A 22 -3.24 -8.30 5.70
C LEU A 22 -4.51 -8.26 6.55
N GLN A 23 -5.65 -8.32 5.86
CA GLN A 23 -6.94 -8.29 6.53
C GLN A 23 -7.08 -9.51 7.44
N SER A 24 -6.92 -10.68 6.83
CA SER A 24 -7.03 -11.93 7.57
C SER A 24 -5.83 -12.83 7.27
N PRO A 25 -4.65 -12.42 7.80
CA PRO A 25 -3.43 -13.18 7.59
C PRO A 25 -3.41 -14.45 8.44
N THR A 26 -2.50 -15.34 8.09
CA THR A 26 -2.37 -16.60 8.81
C THR A 26 -1.29 -16.48 9.89
N LEU A 27 -1.06 -17.60 10.56
CA LEU A 27 -0.06 -17.64 11.62
C LEU A 27 1.29 -17.22 11.05
N GLU A 28 1.64 -17.82 9.92
CA GLU A 28 2.90 -17.52 9.27
C GLU A 28 3.01 -16.02 8.99
N GLU A 29 1.85 -15.40 8.83
CA GLU A 29 1.80 -13.98 8.56
C GLU A 29 1.69 -13.18 9.87
N LYS A 30 1.09 -13.82 10.85
CA LYS A 30 0.92 -13.19 12.16
C LYS A 30 2.26 -13.19 12.89
N ASN A 31 3.21 -13.94 12.35
CA ASN A 31 4.53 -14.03 12.94
C ASN A 31 5.48 -13.09 12.19
N GLU A 32 5.47 -13.22 10.87
CA GLU A 32 6.32 -12.39 10.04
C GLU A 32 5.89 -12.49 8.57
N PHE A 33 5.69 -11.33 7.97
CA PHE A 33 5.26 -11.27 6.58
C PHE A 33 6.09 -12.23 5.72
N PRO A 34 5.37 -13.00 4.87
CA PRO A 34 6.02 -13.96 3.98
C PRO A 34 6.71 -13.25 2.81
N GLU A 35 7.87 -13.77 2.45
CA GLU A 35 8.63 -13.20 1.36
C GLU A 35 8.05 -13.65 0.01
N ASP A 36 7.19 -14.65 0.08
CA ASP A 36 6.56 -15.19 -1.11
C ASP A 36 5.33 -14.34 -1.46
N LEU A 37 4.94 -13.50 -0.50
CA LEU A 37 3.79 -12.64 -0.69
C LEU A 37 4.27 -11.26 -1.14
N ARG A 38 5.15 -10.67 -0.35
CA ARG A 38 5.69 -9.36 -0.66
C ARG A 38 6.25 -9.34 -2.08
N THR A 39 7.11 -10.31 -2.35
CA THR A 39 7.72 -10.42 -3.66
C THR A 39 6.67 -10.24 -4.76
N GLU A 40 5.43 -10.54 -4.40
CA GLU A 40 4.34 -10.42 -5.35
C GLU A 40 3.70 -9.03 -5.24
N LEU A 41 3.69 -8.51 -4.03
CA LEU A 41 3.11 -7.20 -3.77
C LEU A 41 4.08 -6.13 -4.26
N MET A 42 5.34 -6.28 -3.87
CA MET A 42 6.37 -5.32 -4.26
C MET A 42 6.30 -5.03 -5.76
N GLN A 43 5.99 -6.08 -6.52
CA GLN A 43 5.89 -5.95 -7.96
C GLN A 43 4.49 -5.49 -8.36
N THR A 44 3.49 -6.15 -7.79
CA THR A 44 2.11 -5.82 -8.07
C THR A 44 1.87 -4.33 -7.85
N LEU A 45 2.09 -3.90 -6.61
CA LEU A 45 1.90 -2.51 -6.26
C LEU A 45 2.89 -1.65 -7.04
N GLY A 46 4.11 -2.16 -7.18
CA GLY A 46 5.14 -1.44 -7.90
C GLY A 46 4.75 -1.23 -9.35
N SER A 47 3.72 -1.95 -9.77
CA SER A 47 3.23 -1.84 -11.14
C SER A 47 2.44 -0.55 -11.31
N TYR A 48 1.53 -0.33 -10.38
CA TYR A 48 0.70 0.87 -10.41
C TYR A 48 1.57 2.14 -10.51
N GLY A 49 2.65 2.12 -9.76
CA GLY A 49 3.56 3.25 -9.75
C GLY A 49 5.02 2.79 -9.87
N THR A 50 5.87 3.39 -9.04
CA THR A 50 7.28 3.04 -9.05
C THR A 50 7.81 2.91 -7.62
N ILE A 51 8.22 1.70 -7.28
CA ILE A 51 8.74 1.42 -5.95
C ILE A 51 9.95 2.33 -5.69
N VAL A 52 9.69 3.41 -4.98
CA VAL A 52 10.74 4.37 -4.65
C VAL A 52 11.45 3.91 -3.37
N LEU A 53 10.75 3.08 -2.61
CA LEU A 53 11.31 2.57 -1.37
C LEU A 53 10.27 1.67 -0.69
N VAL A 54 10.76 0.80 0.16
CA VAL A 54 9.89 -0.13 0.89
C VAL A 54 10.48 -0.41 2.27
N ARG A 55 9.60 -0.56 3.24
CA ARG A 55 10.03 -0.83 4.60
C ARG A 55 9.13 -1.91 5.22
N ILE A 56 9.73 -3.06 5.47
CA ILE A 56 9.01 -4.18 6.07
C ILE A 56 9.11 -4.09 7.60
N ASN A 57 7.97 -3.96 8.23
CA ASN A 57 7.91 -3.87 9.68
C ASN A 57 7.55 -5.24 10.26
N GLN A 58 8.04 -5.48 11.47
CA GLN A 58 7.78 -6.74 12.13
C GLN A 58 6.46 -7.34 11.66
N GLY A 59 5.44 -6.48 11.61
CA GLY A 59 4.12 -6.92 11.16
C GLY A 59 3.45 -5.84 10.31
N GLN A 60 4.22 -5.32 9.36
CA GLN A 60 3.71 -4.29 8.47
C GLN A 60 4.57 -4.20 7.21
N MET A 61 4.09 -3.44 6.24
CA MET A 61 4.81 -3.27 4.99
C MET A 61 4.56 -1.88 4.41
N LEU A 62 5.44 -0.96 4.76
CA LEU A 62 5.34 0.41 4.28
C LEU A 62 5.92 0.49 2.86
N VAL A 63 5.03 0.64 1.90
CA VAL A 63 5.44 0.74 0.50
C VAL A 63 5.44 2.21 0.07
N THR A 64 6.52 2.60 -0.58
CA THR A 64 6.65 3.97 -1.05
C THR A 64 6.68 4.01 -2.58
N PHE A 65 6.15 5.10 -3.13
CA PHE A 65 6.11 5.27 -4.57
C PHE A 65 6.63 6.66 -4.97
N ALA A 66 6.71 6.87 -6.28
CA ALA A 66 7.18 8.14 -6.80
C ALA A 66 6.00 9.12 -6.87
N ASP A 67 4.86 8.60 -7.29
CA ASP A 67 3.67 9.41 -7.41
C ASP A 67 2.78 9.19 -6.18
N SER A 68 1.93 10.17 -5.91
CA SER A 68 1.03 10.09 -4.78
C SER A 68 -0.25 9.35 -5.18
N HIS A 69 -0.99 9.97 -6.09
CA HIS A 69 -2.23 9.38 -6.57
C HIS A 69 -2.03 7.89 -6.83
N SER A 70 -0.84 7.56 -7.32
CA SER A 70 -0.52 6.18 -7.61
C SER A 70 -0.87 5.29 -6.42
N ALA A 71 -0.66 5.82 -5.24
CA ALA A 71 -0.95 5.09 -4.02
C ALA A 71 -2.47 5.04 -3.81
N LEU A 72 -3.08 6.22 -3.88
CA LEU A 72 -4.52 6.32 -3.71
C LEU A 72 -5.21 5.24 -4.54
N SER A 73 -4.80 5.17 -5.80
CA SER A 73 -5.37 4.20 -6.72
C SER A 73 -5.27 2.79 -6.11
N VAL A 74 -4.21 2.59 -5.34
CA VAL A 74 -3.98 1.30 -4.70
C VAL A 74 -4.78 1.24 -3.41
N LEU A 75 -4.97 2.39 -2.80
CA LEU A 75 -5.72 2.49 -1.55
C LEU A 75 -7.12 1.89 -1.77
N ASP A 76 -7.59 1.99 -3.00
CA ASP A 76 -8.90 1.47 -3.34
C ASP A 76 -8.77 0.02 -3.82
N VAL A 77 -7.86 -0.17 -4.77
CA VAL A 77 -7.63 -1.50 -5.31
C VAL A 77 -7.25 -2.45 -4.18
N ASP A 78 -6.84 -1.86 -3.06
CA ASP A 78 -6.45 -2.65 -1.90
C ASP A 78 -7.47 -3.77 -1.69
N GLY A 79 -8.72 -3.48 -2.03
CA GLY A 79 -9.79 -4.45 -1.88
C GLY A 79 -9.39 -5.80 -2.50
N MET A 80 -8.43 -5.74 -3.40
CA MET A 80 -7.95 -6.94 -4.07
C MET A 80 -7.38 -7.94 -3.05
N LYS A 81 -7.50 -9.21 -3.39
CA LYS A 81 -7.00 -10.27 -2.51
C LYS A 81 -5.77 -10.91 -3.15
N VAL A 82 -4.74 -11.08 -2.34
CA VAL A 82 -3.51 -11.68 -2.79
C VAL A 82 -3.40 -13.11 -2.27
N LYS A 83 -3.38 -14.05 -3.21
CA LYS A 83 -3.28 -15.45 -2.87
C LYS A 83 -4.48 -15.84 -1.99
N GLY A 84 -5.59 -15.17 -2.25
CA GLY A 84 -6.81 -15.43 -1.50
C GLY A 84 -6.82 -14.67 -0.17
N ARG A 85 -5.66 -14.10 0.14
CA ARG A 85 -5.53 -13.34 1.38
C ARG A 85 -5.87 -11.87 1.14
N ALA A 86 -6.87 -11.41 1.87
CA ALA A 86 -7.32 -10.04 1.75
C ALA A 86 -6.21 -9.11 2.25
N VAL A 87 -5.91 -8.09 1.45
CA VAL A 87 -4.89 -7.14 1.80
C VAL A 87 -5.54 -5.79 2.10
N LYS A 88 -4.77 -4.92 2.74
CA LYS A 88 -5.25 -3.60 3.09
C LYS A 88 -4.10 -2.60 3.03
N ILE A 89 -4.29 -1.57 2.22
CA ILE A 89 -3.27 -0.54 2.06
C ILE A 89 -3.83 0.81 2.55
N SER A 90 -3.25 1.28 3.65
CA SER A 90 -3.68 2.54 4.23
C SER A 90 -2.55 3.58 4.10
N GLY A 91 -2.93 4.83 4.30
CA GLY A 91 -1.97 5.92 4.21
C GLY A 91 -1.64 6.47 5.61
N PRO A 92 -0.39 6.16 6.07
CA PRO A 92 0.06 6.62 7.37
C PRO A 92 0.40 8.10 7.34
N SER A 93 0.79 8.57 6.16
CA SER A 93 1.16 9.96 5.99
C SER A 93 2.09 10.40 7.12
N SER A 94 3.38 10.26 6.87
CA SER A 94 4.38 10.63 7.86
C SER A 94 4.30 12.14 8.12
N GLY A 95 4.50 12.91 7.07
CA GLY A 95 4.46 14.36 7.18
C GLY A 95 5.79 14.98 6.77
N GLY A 1 -17.24 20.24 -12.35
CA GLY A 1 -16.72 19.11 -11.61
C GLY A 1 -15.61 19.54 -10.66
N SER A 2 -15.15 18.58 -9.87
CA SER A 2 -14.09 18.84 -8.91
C SER A 2 -13.05 17.71 -8.94
N SER A 3 -11.93 17.99 -9.59
CA SER A 3 -10.86 17.02 -9.70
C SER A 3 -9.84 17.22 -8.59
N GLY A 4 -9.28 18.42 -8.56
CA GLY A 4 -8.30 18.76 -7.55
C GLY A 4 -8.65 18.16 -6.20
N SER A 5 -9.91 18.32 -5.84
CA SER A 5 -10.40 17.79 -4.57
C SER A 5 -9.98 16.32 -4.42
N SER A 6 -10.46 15.51 -5.35
CA SER A 6 -10.15 14.09 -5.33
C SER A 6 -8.68 13.88 -4.93
N GLY A 7 -7.81 14.55 -5.66
CA GLY A 7 -6.38 14.45 -5.40
C GLY A 7 -6.09 14.55 -3.90
N SER A 8 -6.52 15.66 -3.32
CA SER A 8 -6.32 15.88 -1.90
C SER A 8 -7.67 15.97 -1.18
N SER A 9 -8.26 14.80 -0.97
CA SER A 9 -9.55 14.72 -0.31
C SER A 9 -9.40 15.11 1.17
N PHE A 10 -8.57 14.35 1.86
CA PHE A 10 -8.33 14.61 3.27
C PHE A 10 -6.85 14.88 3.54
N GLN A 11 -6.02 13.93 3.12
CA GLN A 11 -4.59 14.06 3.30
C GLN A 11 -3.86 12.86 2.68
N GLY A 12 -4.23 11.68 3.16
CA GLY A 12 -3.62 10.45 2.67
C GLY A 12 -2.16 10.36 3.08
N PRO A 13 -1.32 9.89 2.11
CA PRO A 13 0.11 9.75 2.36
C PRO A 13 0.80 11.11 2.36
N LEU A 14 1.86 11.21 3.15
CA LEU A 14 2.62 12.45 3.25
C LEU A 14 3.46 12.61 1.99
N ASP A 15 4.47 11.76 1.88
CA ASP A 15 5.36 11.81 0.73
C ASP A 15 4.82 10.90 -0.38
N ALA A 16 4.78 9.61 -0.07
CA ALA A 16 4.27 8.63 -1.02
C ALA A 16 4.47 7.23 -0.45
N THR A 17 4.18 7.10 0.84
CA THR A 17 4.31 5.82 1.51
C THR A 17 2.94 5.28 1.89
N VAL A 18 2.83 3.96 1.85
CA VAL A 18 1.58 3.30 2.18
C VAL A 18 1.88 2.06 3.03
N VAL A 19 0.89 1.70 3.85
CA VAL A 19 1.04 0.55 4.72
C VAL A 19 0.23 -0.62 4.15
N VAL A 20 0.86 -1.78 4.14
CA VAL A 20 0.22 -2.97 3.63
C VAL A 20 -0.14 -3.90 4.79
N ASN A 21 -1.25 -4.61 4.62
CA ASN A 21 -1.72 -5.52 5.65
C ASN A 21 -2.57 -6.61 5.00
N LEU A 22 -2.73 -7.71 5.73
CA LEU A 22 -3.51 -8.84 5.24
C LEU A 22 -4.83 -8.91 6.01
N GLN A 23 -5.91 -8.99 5.27
CA GLN A 23 -7.23 -9.07 5.87
C GLN A 23 -7.36 -10.37 6.69
N SER A 24 -6.99 -11.47 6.07
CA SER A 24 -7.05 -12.76 6.73
C SER A 24 -5.70 -13.47 6.64
N PRO A 25 -4.73 -12.94 7.44
CA PRO A 25 -3.39 -13.52 7.45
C PRO A 25 -3.37 -14.83 8.23
N THR A 26 -2.16 -15.35 8.43
CA THR A 26 -1.99 -16.59 9.16
C THR A 26 -0.90 -16.45 10.22
N LEU A 27 -0.51 -17.58 10.77
CA LEU A 27 0.52 -17.60 11.79
C LEU A 27 1.80 -16.96 11.23
N GLU A 28 2.31 -17.58 10.18
CA GLU A 28 3.52 -17.09 9.54
C GLU A 28 3.51 -15.55 9.49
N GLU A 29 2.46 -15.03 8.91
CA GLU A 29 2.32 -13.58 8.78
C GLU A 29 2.27 -12.93 10.17
N LYS A 30 1.49 -13.56 11.05
CA LYS A 30 1.35 -13.06 12.40
C LYS A 30 2.73 -12.80 13.00
N ASN A 31 3.72 -13.50 12.44
CA ASN A 31 5.08 -13.36 12.90
C ASN A 31 5.80 -12.29 12.08
N GLU A 32 5.69 -12.41 10.77
CA GLU A 32 6.30 -11.46 9.87
C GLU A 32 5.82 -11.69 8.44
N PHE A 33 5.52 -10.58 7.77
CA PHE A 33 5.04 -10.66 6.40
C PHE A 33 5.85 -11.66 5.59
N PRO A 34 5.11 -12.57 4.89
CA PRO A 34 5.75 -13.59 4.08
C PRO A 34 6.30 -12.99 2.78
N GLU A 35 7.55 -13.32 2.49
CA GLU A 35 8.20 -12.82 1.30
C GLU A 35 7.41 -13.23 0.05
N ASP A 36 7.08 -14.51 -0.01
CA ASP A 36 6.32 -15.04 -1.13
C ASP A 36 5.18 -14.08 -1.47
N LEU A 37 4.71 -13.38 -0.45
CA LEU A 37 3.63 -12.44 -0.62
C LEU A 37 4.20 -11.07 -1.02
N ARG A 38 5.18 -10.63 -0.23
CA ARG A 38 5.82 -9.35 -0.50
C ARG A 38 6.11 -9.19 -1.99
N THR A 39 6.96 -10.07 -2.49
CA THR A 39 7.33 -10.05 -3.89
C THR A 39 6.09 -9.81 -4.77
N GLU A 40 5.04 -10.56 -4.46
CA GLU A 40 3.80 -10.45 -5.20
C GLU A 40 3.17 -9.07 -4.97
N LEU A 41 3.37 -8.55 -3.78
CA LEU A 41 2.84 -7.25 -3.42
C LEU A 41 3.66 -6.16 -4.11
N MET A 42 4.94 -6.14 -3.76
CA MET A 42 5.86 -5.15 -4.34
C MET A 42 5.63 -5.01 -5.84
N GLN A 43 5.86 -6.11 -6.55
CA GLN A 43 5.69 -6.12 -8.00
C GLN A 43 4.32 -5.57 -8.38
N THR A 44 3.31 -6.00 -7.63
CA THR A 44 1.95 -5.55 -7.87
C THR A 44 1.80 -4.07 -7.52
N LEU A 45 1.82 -3.80 -6.23
CA LEU A 45 1.70 -2.43 -5.74
C LEU A 45 2.59 -1.52 -6.58
N GLY A 46 3.71 -2.08 -7.02
CA GLY A 46 4.66 -1.32 -7.83
C GLY A 46 4.11 -1.09 -9.24
N SER A 47 3.63 -2.17 -9.84
CA SER A 47 3.08 -2.11 -11.18
C SER A 47 2.27 -0.82 -11.35
N TYR A 48 1.34 -0.61 -10.43
CA TYR A 48 0.50 0.57 -10.45
C TYR A 48 1.34 1.84 -10.64
N GLY A 49 2.42 1.90 -9.89
CA GLY A 49 3.31 3.05 -9.96
C GLY A 49 4.77 2.61 -10.07
N THR A 50 5.58 3.10 -9.16
CA THR A 50 7.00 2.77 -9.14
C THR A 50 7.51 2.66 -7.71
N ILE A 51 8.19 1.56 -7.42
CA ILE A 51 8.73 1.33 -6.10
C ILE A 51 10.11 2.02 -5.99
N VAL A 52 10.17 3.00 -5.10
CA VAL A 52 11.41 3.73 -4.90
C VAL A 52 12.06 3.27 -3.59
N LEU A 53 11.25 2.64 -2.76
CA LEU A 53 11.72 2.15 -1.48
C LEU A 53 10.59 1.43 -0.75
N VAL A 54 10.97 0.50 0.12
CA VAL A 54 10.00 -0.26 0.87
C VAL A 54 10.60 -0.66 2.22
N ARG A 55 9.90 -0.31 3.29
CA ARG A 55 10.36 -0.63 4.63
C ARG A 55 9.35 -1.55 5.33
N ILE A 56 9.81 -2.76 5.61
CA ILE A 56 8.98 -3.74 6.28
C ILE A 56 9.06 -3.54 7.79
N ASN A 57 7.89 -3.41 8.41
CA ASN A 57 7.82 -3.21 9.84
C ASN A 57 7.40 -4.52 10.51
N GLN A 58 7.85 -4.68 11.75
CA GLN A 58 7.53 -5.88 12.51
C GLN A 58 6.34 -6.61 11.87
N GLY A 59 5.23 -5.89 11.78
CA GLY A 59 4.02 -6.45 11.21
C GLY A 59 3.27 -5.40 10.38
N GLN A 60 4.04 -4.64 9.60
CA GLN A 60 3.47 -3.61 8.76
C GLN A 60 4.44 -3.24 7.64
N MET A 61 4.13 -3.72 6.45
CA MET A 61 4.97 -3.45 5.29
C MET A 61 4.64 -2.08 4.68
N LEU A 62 5.60 -1.17 4.82
CA LEU A 62 5.44 0.17 4.30
C LEU A 62 6.08 0.26 2.92
N VAL A 63 5.24 0.51 1.92
CA VAL A 63 5.72 0.62 0.55
C VAL A 63 5.75 2.09 0.15
N THR A 64 6.88 2.49 -0.43
CA THR A 64 7.05 3.87 -0.87
C THR A 64 7.05 3.94 -2.39
N PHE A 65 6.50 5.05 -2.89
CA PHE A 65 6.43 5.26 -4.32
C PHE A 65 7.04 6.61 -4.71
N ALA A 66 6.96 6.91 -6.00
CA ALA A 66 7.49 8.16 -6.51
C ALA A 66 6.37 9.20 -6.56
N ASP A 67 5.17 8.72 -6.84
CA ASP A 67 4.00 9.59 -6.92
C ASP A 67 3.04 9.24 -5.79
N SER A 68 2.11 10.16 -5.54
CA SER A 68 1.13 9.96 -4.49
C SER A 68 -0.13 9.31 -5.07
N HIS A 69 -0.61 9.89 -6.17
CA HIS A 69 -1.80 9.38 -6.83
C HIS A 69 -1.75 7.85 -6.86
N SER A 70 -0.62 7.33 -7.31
CA SER A 70 -0.42 5.90 -7.40
C SER A 70 -0.94 5.23 -6.13
N ALA A 71 -0.49 5.75 -4.98
CA ALA A 71 -0.89 5.22 -3.70
C ALA A 71 -2.42 5.23 -3.60
N LEU A 72 -2.98 6.39 -3.91
CA LEU A 72 -4.43 6.55 -3.86
C LEU A 72 -5.09 5.32 -4.45
N SER A 73 -4.76 5.04 -5.71
CA SER A 73 -5.32 3.89 -6.40
C SER A 73 -5.04 2.62 -5.60
N VAL A 74 -3.76 2.41 -5.30
CA VAL A 74 -3.34 1.24 -4.55
C VAL A 74 -4.12 1.18 -3.23
N LEU A 75 -4.62 2.34 -2.82
CA LEU A 75 -5.37 2.44 -1.59
C LEU A 75 -6.85 2.15 -1.87
N ASP A 76 -7.24 2.38 -3.12
CA ASP A 76 -8.61 2.14 -3.53
C ASP A 76 -8.76 0.69 -4.00
N VAL A 77 -7.86 0.30 -4.88
CA VAL A 77 -7.88 -1.05 -5.42
C VAL A 77 -7.38 -2.02 -4.34
N ASP A 78 -6.86 -1.45 -3.27
CA ASP A 78 -6.36 -2.25 -2.17
C ASP A 78 -7.34 -3.38 -1.87
N GLY A 79 -8.62 -3.08 -2.09
CA GLY A 79 -9.66 -4.05 -1.84
C GLY A 79 -9.37 -5.38 -2.55
N MET A 80 -8.50 -5.30 -3.54
CA MET A 80 -8.11 -6.47 -4.31
C MET A 80 -7.68 -7.61 -3.38
N LYS A 81 -7.38 -8.75 -3.99
CA LYS A 81 -6.95 -9.91 -3.23
C LYS A 81 -5.65 -10.44 -3.82
N VAL A 82 -4.72 -10.79 -2.93
CA VAL A 82 -3.44 -11.32 -3.34
C VAL A 82 -3.34 -12.79 -2.95
N LYS A 83 -3.09 -13.62 -3.95
CA LYS A 83 -2.98 -15.05 -3.72
C LYS A 83 -4.26 -15.57 -3.08
N GLY A 84 -5.37 -15.04 -3.57
CA GLY A 84 -6.67 -15.45 -3.06
C GLY A 84 -6.85 -14.98 -1.60
N ARG A 85 -5.93 -14.15 -1.16
CA ARG A 85 -5.96 -13.64 0.20
C ARG A 85 -6.31 -12.15 0.19
N ALA A 86 -7.38 -11.81 0.89
CA ALA A 86 -7.82 -10.43 0.97
C ALA A 86 -6.70 -9.58 1.59
N VAL A 87 -6.27 -8.58 0.84
CA VAL A 87 -5.22 -7.70 1.31
C VAL A 87 -5.82 -6.34 1.67
N LYS A 88 -5.01 -5.52 2.31
CA LYS A 88 -5.45 -4.20 2.73
C LYS A 88 -4.26 -3.23 2.67
N ILE A 89 -4.56 -1.99 2.27
CA ILE A 89 -3.53 -0.98 2.17
C ILE A 89 -4.06 0.32 2.80
N SER A 90 -3.32 0.80 3.80
CA SER A 90 -3.69 2.02 4.48
C SER A 90 -2.65 3.11 4.20
N GLY A 91 -2.85 4.25 4.87
CA GLY A 91 -1.93 5.37 4.71
C GLY A 91 -1.35 5.80 6.06
N PRO A 92 0.01 5.68 6.15
CA PRO A 92 0.70 6.05 7.37
C PRO A 92 0.77 7.57 7.53
N SER A 93 -0.39 8.17 7.71
CA SER A 93 -0.46 9.61 7.87
C SER A 93 -0.51 9.98 9.36
N SER A 94 0.67 10.04 9.96
CA SER A 94 0.77 10.37 11.37
C SER A 94 2.07 11.14 11.63
N GLY A 95 1.96 12.46 11.59
CA GLY A 95 3.12 13.30 11.82
C GLY A 95 2.70 14.76 11.99
N GLY A 1 -25.34 25.17 -3.07
CA GLY A 1 -24.57 25.31 -1.84
C GLY A 1 -23.36 24.38 -1.84
N SER A 2 -22.50 24.58 -2.83
CA SER A 2 -21.30 23.77 -2.95
C SER A 2 -20.13 24.46 -2.24
N SER A 3 -19.86 23.99 -1.04
CA SER A 3 -18.77 24.54 -0.25
C SER A 3 -17.49 23.74 -0.48
N GLY A 4 -17.57 22.46 -0.19
CA GLY A 4 -16.42 21.57 -0.36
C GLY A 4 -15.89 21.64 -1.79
N SER A 5 -16.76 21.32 -2.73
CA SER A 5 -16.39 21.35 -4.14
C SER A 5 -15.59 22.62 -4.44
N SER A 6 -16.22 23.75 -4.18
CA SER A 6 -15.58 25.04 -4.42
C SER A 6 -14.14 25.00 -3.90
N GLY A 7 -14.00 24.74 -2.61
CA GLY A 7 -12.69 24.67 -2.00
C GLY A 7 -11.72 23.85 -2.85
N SER A 8 -12.00 22.56 -2.93
CA SER A 8 -11.17 21.65 -3.71
C SER A 8 -9.71 21.79 -3.27
N SER A 9 -9.36 21.00 -2.26
CA SER A 9 -8.00 21.01 -1.74
C SER A 9 -7.04 20.40 -2.76
N PHE A 10 -7.33 19.15 -3.11
CA PHE A 10 -6.51 18.43 -4.07
C PHE A 10 -5.03 18.55 -3.72
N GLN A 11 -4.54 17.55 -3.00
CA GLN A 11 -3.15 17.53 -2.58
C GLN A 11 -2.78 16.16 -2.02
N GLY A 12 -1.60 15.70 -2.40
CA GLY A 12 -1.12 14.40 -1.95
C GLY A 12 0.25 14.52 -1.28
N PRO A 13 0.59 13.50 -0.46
CA PRO A 13 1.87 13.49 0.24
C PRO A 13 3.02 13.15 -0.72
N LEU A 14 3.96 14.07 -0.82
CA LEU A 14 5.11 13.89 -1.68
C LEU A 14 5.74 12.52 -1.41
N ASP A 15 6.01 12.28 -0.14
CA ASP A 15 6.60 11.02 0.28
C ASP A 15 5.97 9.88 -0.53
N ALA A 16 4.66 9.75 -0.38
CA ALA A 16 3.93 8.71 -1.09
C ALA A 16 4.13 7.38 -0.35
N THR A 17 4.02 7.45 0.97
CA THR A 17 4.18 6.26 1.79
C THR A 17 2.81 5.69 2.18
N VAL A 18 2.72 4.37 2.12
CA VAL A 18 1.47 3.69 2.45
C VAL A 18 1.80 2.44 3.28
N VAL A 19 0.95 2.18 4.26
CA VAL A 19 1.13 1.02 5.12
C VAL A 19 0.33 -0.15 4.56
N VAL A 20 1.03 -1.25 4.32
CA VAL A 20 0.41 -2.44 3.77
C VAL A 20 0.22 -3.46 4.90
N ASN A 21 -0.98 -4.01 4.95
CA ASN A 21 -1.31 -5.00 5.98
C ASN A 21 -2.24 -6.05 5.37
N LEU A 22 -2.37 -7.15 6.09
CA LEU A 22 -3.24 -8.23 5.65
C LEU A 22 -4.56 -8.18 6.42
N GLN A 23 -5.60 -8.72 5.78
CA GLN A 23 -6.91 -8.73 6.39
C GLN A 23 -7.04 -9.92 7.34
N SER A 24 -6.79 -11.10 6.81
CA SER A 24 -6.86 -12.32 7.61
C SER A 24 -5.59 -13.15 7.42
N PRO A 25 -4.48 -12.66 8.04
CA PRO A 25 -3.21 -13.35 7.95
C PRO A 25 -3.18 -14.59 8.83
N THR A 26 -2.35 -15.54 8.45
CA THR A 26 -2.23 -16.79 9.19
C THR A 26 -1.12 -16.66 10.25
N LEU A 27 -0.88 -17.77 10.94
CA LEU A 27 0.14 -17.80 11.97
C LEU A 27 1.49 -17.41 11.35
N GLU A 28 1.76 -17.99 10.20
CA GLU A 28 3.01 -17.72 9.50
C GLU A 28 3.16 -16.22 9.24
N GLU A 29 2.02 -15.57 9.08
CA GLU A 29 2.00 -14.14 8.83
C GLU A 29 1.98 -13.36 10.15
N LYS A 30 1.17 -13.87 11.07
CA LYS A 30 1.04 -13.25 12.38
C LYS A 30 2.42 -13.14 13.02
N ASN A 31 3.34 -13.97 12.54
CA ASN A 31 4.69 -13.97 13.06
C ASN A 31 5.54 -12.96 12.28
N GLU A 32 5.49 -13.08 10.97
CA GLU A 32 6.24 -12.19 10.10
C GLU A 32 5.71 -12.29 8.66
N PHE A 33 5.57 -11.12 8.05
CA PHE A 33 5.07 -11.06 6.68
C PHE A 33 5.81 -12.06 5.79
N PRO A 34 5.01 -12.78 4.95
CA PRO A 34 5.58 -13.76 4.04
C PRO A 34 6.27 -13.09 2.86
N GLU A 35 7.45 -13.60 2.54
CA GLU A 35 8.23 -13.06 1.44
C GLU A 35 7.59 -13.42 0.11
N ASP A 36 6.89 -14.56 0.11
CA ASP A 36 6.23 -15.03 -1.09
C ASP A 36 5.05 -14.11 -1.41
N LEU A 37 4.72 -13.26 -0.45
CA LEU A 37 3.62 -12.33 -0.61
C LEU A 37 4.16 -10.98 -1.10
N ARG A 38 5.03 -10.40 -0.29
CA ARG A 38 5.63 -9.13 -0.63
C ARG A 38 6.21 -9.16 -2.05
N THR A 39 7.05 -10.17 -2.28
CA THR A 39 7.67 -10.33 -3.58
C THR A 39 6.63 -10.16 -4.69
N GLU A 40 5.38 -10.42 -4.34
CA GLU A 40 4.30 -10.30 -5.29
C GLU A 40 3.65 -8.91 -5.20
N LEU A 41 3.68 -8.36 -4.00
CA LEU A 41 3.12 -7.04 -3.77
C LEU A 41 4.09 -5.98 -4.25
N MET A 42 5.35 -6.14 -3.85
CA MET A 42 6.39 -5.21 -4.23
C MET A 42 6.31 -4.89 -5.73
N GLN A 43 6.23 -5.94 -6.52
CA GLN A 43 6.15 -5.79 -7.96
C GLN A 43 4.75 -5.33 -8.37
N THR A 44 3.75 -6.02 -7.83
CA THR A 44 2.37 -5.69 -8.13
C THR A 44 2.10 -4.21 -7.86
N LEU A 45 2.20 -3.84 -6.59
CA LEU A 45 1.97 -2.47 -6.19
C LEU A 45 2.81 -1.54 -7.05
N GLY A 46 4.00 -2.02 -7.39
CA GLY A 46 4.92 -1.24 -8.21
C GLY A 46 4.27 -0.87 -9.54
N SER A 47 3.76 -1.88 -10.22
CA SER A 47 3.12 -1.66 -11.50
C SER A 47 2.31 -0.36 -11.48
N TYR A 48 1.30 -0.35 -10.62
CA TYR A 48 0.45 0.82 -10.48
C TYR A 48 1.26 2.11 -10.63
N GLY A 49 2.32 2.19 -9.84
CA GLY A 49 3.19 3.37 -9.87
C GLY A 49 4.66 2.96 -10.00
N THR A 50 5.43 3.35 -8.99
CA THR A 50 6.85 3.04 -8.98
C THR A 50 7.36 2.95 -7.55
N ILE A 51 7.94 1.80 -7.23
CA ILE A 51 8.47 1.58 -5.89
C ILE A 51 9.76 2.39 -5.72
N VAL A 52 9.65 3.43 -4.91
CA VAL A 52 10.79 4.30 -4.66
C VAL A 52 11.51 3.84 -3.38
N LEU A 53 10.83 2.98 -2.64
CA LEU A 53 11.37 2.45 -1.41
C LEU A 53 10.29 1.67 -0.66
N VAL A 54 10.73 0.66 0.07
CA VAL A 54 9.82 -0.17 0.84
C VAL A 54 10.48 -0.56 2.16
N ARG A 55 9.65 -0.71 3.18
CA ARG A 55 10.13 -1.08 4.49
C ARG A 55 9.25 -2.18 5.09
N ILE A 56 9.85 -3.36 5.24
CA ILE A 56 9.14 -4.50 5.79
C ILE A 56 9.31 -4.51 7.31
N ASN A 57 8.19 -4.33 8.00
CA ASN A 57 8.20 -4.32 9.45
C ASN A 57 7.72 -5.66 9.97
N GLN A 58 8.25 -6.05 11.13
CA GLN A 58 7.89 -7.32 11.74
C GLN A 58 6.51 -7.75 11.26
N GLY A 59 5.53 -6.88 11.48
CA GLY A 59 4.16 -7.17 11.08
C GLY A 59 3.56 -5.99 10.33
N GLN A 60 4.28 -5.54 9.31
CA GLN A 60 3.83 -4.42 8.50
C GLN A 60 4.69 -4.30 7.24
N MET A 61 4.22 -3.45 6.33
CA MET A 61 4.93 -3.24 5.08
C MET A 61 4.69 -1.82 4.56
N LEU A 62 5.64 -0.94 4.87
CA LEU A 62 5.56 0.43 4.43
C LEU A 62 6.05 0.55 2.99
N VAL A 63 5.10 0.72 2.08
CA VAL A 63 5.43 0.85 0.67
C VAL A 63 5.44 2.33 0.29
N THR A 64 6.54 2.73 -0.33
CA THR A 64 6.70 4.12 -0.75
C THR A 64 6.68 4.21 -2.29
N PHE A 65 6.06 5.27 -2.77
CA PHE A 65 5.96 5.49 -4.21
C PHE A 65 6.57 6.83 -4.60
N ALA A 66 6.52 7.12 -5.89
CA ALA A 66 7.06 8.36 -6.41
C ALA A 66 5.94 9.40 -6.49
N ASP A 67 4.75 8.93 -6.81
CA ASP A 67 3.60 9.80 -6.92
C ASP A 67 2.58 9.45 -5.83
N SER A 68 1.64 10.35 -5.64
CA SER A 68 0.61 10.15 -4.63
C SER A 68 -0.59 9.43 -5.25
N HIS A 69 -1.03 9.94 -6.40
CA HIS A 69 -2.16 9.35 -7.10
C HIS A 69 -2.05 7.82 -7.06
N SER A 70 -0.88 7.33 -7.44
CA SER A 70 -0.64 5.90 -7.45
C SER A 70 -1.24 5.26 -6.20
N ALA A 71 -0.71 5.66 -5.06
CA ALA A 71 -1.18 5.14 -3.78
C ALA A 71 -2.71 5.05 -3.80
N LEU A 72 -3.33 6.18 -4.11
CA LEU A 72 -4.77 6.24 -4.18
C LEU A 72 -5.31 4.97 -4.82
N SER A 73 -4.87 4.72 -6.05
CA SER A 73 -5.30 3.54 -6.78
C SER A 73 -4.96 2.28 -5.98
N VAL A 74 -3.76 2.28 -5.40
CA VAL A 74 -3.32 1.15 -4.61
C VAL A 74 -4.16 1.06 -3.34
N LEU A 75 -4.87 2.14 -3.06
CA LEU A 75 -5.72 2.19 -1.88
C LEU A 75 -7.13 1.73 -2.25
N ASP A 76 -7.53 2.07 -3.46
CA ASP A 76 -8.85 1.70 -3.95
C ASP A 76 -8.84 0.23 -4.37
N VAL A 77 -7.75 -0.16 -5.03
CA VAL A 77 -7.61 -1.53 -5.49
C VAL A 77 -7.40 -2.45 -4.28
N ASP A 78 -7.24 -1.82 -3.12
CA ASP A 78 -7.04 -2.57 -1.89
C ASP A 78 -7.88 -3.84 -1.94
N GLY A 79 -9.16 -3.67 -2.25
CA GLY A 79 -10.08 -4.78 -2.33
C GLY A 79 -9.38 -6.03 -2.88
N MET A 80 -8.44 -5.78 -3.79
CA MET A 80 -7.69 -6.87 -4.40
C MET A 80 -7.38 -7.98 -3.38
N LYS A 81 -7.27 -9.19 -3.89
CA LYS A 81 -6.97 -10.33 -3.05
C LYS A 81 -5.67 -10.98 -3.50
N VAL A 82 -4.75 -11.11 -2.55
CA VAL A 82 -3.46 -11.70 -2.84
C VAL A 82 -3.38 -13.09 -2.20
N LYS A 83 -3.25 -14.10 -3.05
CA LYS A 83 -3.16 -15.47 -2.57
C LYS A 83 -4.43 -15.81 -1.79
N GLY A 84 -5.54 -15.26 -2.25
CA GLY A 84 -6.83 -15.50 -1.61
C GLY A 84 -6.93 -14.72 -0.29
N ARG A 85 -5.87 -13.99 0.00
CA ARG A 85 -5.83 -13.19 1.22
C ARG A 85 -6.10 -11.72 0.91
N ALA A 86 -7.10 -11.18 1.60
CA ALA A 86 -7.46 -9.79 1.39
C ALA A 86 -6.38 -8.89 1.98
N VAL A 87 -5.95 -7.92 1.17
CA VAL A 87 -4.92 -7.00 1.60
C VAL A 87 -5.57 -5.68 2.04
N LYS A 88 -4.80 -4.89 2.77
CA LYS A 88 -5.29 -3.61 3.26
C LYS A 88 -4.13 -2.60 3.29
N ILE A 89 -4.26 -1.60 2.44
CA ILE A 89 -3.23 -0.56 2.35
C ILE A 89 -3.81 0.76 2.86
N SER A 90 -3.22 1.23 3.96
CA SER A 90 -3.67 2.48 4.56
C SER A 90 -2.60 3.55 4.38
N GLY A 91 -2.94 4.76 4.81
CA GLY A 91 -2.02 5.88 4.70
C GLY A 91 -1.79 6.54 6.07
N PRO A 92 -0.50 6.51 6.50
CA PRO A 92 -0.14 7.10 7.78
C PRO A 92 -0.12 8.63 7.70
N SER A 93 0.70 9.14 6.79
CA SER A 93 0.81 10.58 6.61
C SER A 93 2.05 10.89 5.77
N SER A 94 3.14 10.24 6.13
CA SER A 94 4.40 10.45 5.42
C SER A 94 5.54 9.78 6.17
N GLY A 95 5.55 8.46 6.12
CA GLY A 95 6.59 7.69 6.80
C GLY A 95 6.09 7.17 8.14
N GLY A 1 -24.85 17.61 -8.24
CA GLY A 1 -24.74 17.88 -6.82
C GLY A 1 -23.71 16.97 -6.16
N SER A 2 -23.94 16.68 -4.90
CA SER A 2 -23.03 15.82 -4.15
C SER A 2 -21.58 16.17 -4.48
N SER A 3 -21.09 17.21 -3.82
CA SER A 3 -19.73 17.67 -4.04
C SER A 3 -18.77 16.89 -3.12
N GLY A 4 -19.03 17.01 -1.82
CA GLY A 4 -18.20 16.33 -0.84
C GLY A 4 -18.05 14.85 -1.18
N SER A 5 -19.17 14.16 -1.26
CA SER A 5 -19.17 12.74 -1.57
C SER A 5 -18.14 12.46 -2.66
N SER A 6 -18.32 13.11 -3.79
CA SER A 6 -17.41 12.94 -4.92
C SER A 6 -15.97 12.85 -4.42
N GLY A 7 -15.56 13.89 -3.72
CA GLY A 7 -14.21 13.93 -3.18
C GLY A 7 -13.79 12.58 -2.62
N SER A 8 -14.43 12.21 -1.51
CA SER A 8 -14.13 10.94 -0.87
C SER A 8 -12.62 10.80 -0.66
N SER A 9 -12.15 11.39 0.43
CA SER A 9 -10.74 11.34 0.76
C SER A 9 -10.47 10.21 1.75
N PHE A 10 -11.15 10.29 2.89
CA PHE A 10 -11.00 9.28 3.93
C PHE A 10 -9.54 8.82 4.03
N GLN A 11 -8.80 9.48 4.89
CA GLN A 11 -7.40 9.15 5.10
C GLN A 11 -6.62 9.27 3.78
N GLY A 12 -5.31 9.35 3.91
CA GLY A 12 -4.45 9.46 2.74
C GLY A 12 -2.99 9.58 3.15
N PRO A 13 -2.10 9.22 2.19
CA PRO A 13 -0.66 9.29 2.44
C PRO A 13 -0.16 10.73 2.42
N LEU A 14 0.96 10.95 3.09
CA LEU A 14 1.55 12.27 3.15
C LEU A 14 2.42 12.49 1.91
N ASP A 15 3.53 11.77 1.87
CA ASP A 15 4.46 11.89 0.75
C ASP A 15 4.07 10.88 -0.33
N ALA A 16 4.16 9.60 0.03
CA ALA A 16 3.82 8.53 -0.89
C ALA A 16 4.11 7.19 -0.24
N THR A 17 3.74 7.08 1.03
CA THR A 17 3.95 5.86 1.77
C THR A 17 2.61 5.23 2.16
N VAL A 18 2.56 3.90 2.04
CA VAL A 18 1.35 3.17 2.36
C VAL A 18 1.72 1.91 3.14
N VAL A 19 0.88 1.58 4.10
CA VAL A 19 1.11 0.39 4.93
C VAL A 19 0.25 -0.76 4.40
N VAL A 20 0.90 -1.89 4.17
CA VAL A 20 0.21 -3.07 3.68
C VAL A 20 0.02 -4.07 4.81
N ASN A 21 -1.22 -4.49 5.00
CA ASN A 21 -1.53 -5.44 6.06
C ASN A 21 -2.45 -6.52 5.49
N LEU A 22 -2.71 -7.53 6.31
CA LEU A 22 -3.57 -8.63 5.91
C LEU A 22 -4.77 -8.70 6.86
N GLN A 23 -5.95 -8.82 6.25
CA GLN A 23 -7.18 -8.89 7.02
C GLN A 23 -7.30 -10.27 7.69
N SER A 24 -6.78 -11.27 7.00
CA SER A 24 -6.82 -12.63 7.51
C SER A 24 -5.47 -13.32 7.29
N PRO A 25 -4.43 -12.78 7.97
CA PRO A 25 -3.09 -13.33 7.85
C PRO A 25 -2.97 -14.64 8.63
N THR A 26 -2.17 -15.54 8.09
CA THR A 26 -1.95 -16.83 8.72
C THR A 26 -0.86 -16.73 9.78
N LEU A 27 -0.70 -17.81 10.53
CA LEU A 27 0.30 -17.86 11.59
C LEU A 27 1.58 -17.19 11.08
N GLU A 28 2.02 -17.65 9.92
CA GLU A 28 3.24 -17.12 9.31
C GLU A 28 3.15 -15.60 9.21
N GLU A 29 2.02 -15.13 8.70
CA GLU A 29 1.79 -13.71 8.53
C GLU A 29 1.65 -13.03 9.90
N LYS A 30 1.11 -13.79 10.84
CA LYS A 30 0.92 -13.28 12.19
C LYS A 30 2.27 -13.07 12.86
N ASN A 31 3.27 -13.72 12.29
CA ASN A 31 4.62 -13.61 12.82
C ASN A 31 5.39 -12.53 12.05
N GLU A 32 5.20 -12.54 10.74
CA GLU A 32 5.85 -11.56 9.88
C GLU A 32 5.41 -11.75 8.43
N PHE A 33 5.21 -10.63 7.76
CA PHE A 33 4.78 -10.66 6.37
C PHE A 33 5.60 -11.68 5.57
N PRO A 34 4.87 -12.45 4.73
CA PRO A 34 5.51 -13.47 3.90
C PRO A 34 6.24 -12.84 2.72
N GLU A 35 7.48 -13.29 2.52
CA GLU A 35 8.30 -12.77 1.44
C GLU A 35 7.70 -13.17 0.09
N ASP A 36 6.89 -14.22 0.11
CA ASP A 36 6.25 -14.71 -1.10
C ASP A 36 5.17 -13.72 -1.52
N LEU A 37 4.59 -13.06 -0.53
CA LEU A 37 3.54 -12.09 -0.79
C LEU A 37 4.17 -10.73 -1.10
N ARG A 38 5.22 -10.40 -0.35
CA ARG A 38 5.91 -9.14 -0.54
C ARG A 38 6.12 -8.87 -2.03
N THR A 39 7.05 -9.62 -2.61
CA THR A 39 7.36 -9.47 -4.03
C THR A 39 6.07 -9.33 -4.83
N GLU A 40 5.16 -10.26 -4.61
CA GLU A 40 3.88 -10.25 -5.31
C GLU A 40 3.23 -8.86 -5.21
N LEU A 41 3.42 -8.25 -4.05
CA LEU A 41 2.86 -6.93 -3.80
C LEU A 41 3.78 -5.87 -4.41
N MET A 42 5.05 -5.93 -4.01
CA MET A 42 6.03 -4.98 -4.50
C MET A 42 5.97 -4.87 -6.02
N GLN A 43 5.64 -5.99 -6.66
CA GLN A 43 5.55 -6.03 -8.11
C GLN A 43 4.17 -5.57 -8.56
N THR A 44 3.17 -5.88 -7.74
CA THR A 44 1.80 -5.50 -8.04
C THR A 44 1.60 -4.00 -7.82
N LEU A 45 1.77 -3.59 -6.58
CA LEU A 45 1.60 -2.19 -6.23
C LEU A 45 2.60 -1.35 -7.02
N GLY A 46 3.80 -1.91 -7.17
CA GLY A 46 4.84 -1.22 -7.92
C GLY A 46 4.37 -0.85 -9.32
N SER A 47 3.64 -1.77 -9.93
CA SER A 47 3.13 -1.56 -11.27
C SER A 47 2.54 -0.15 -11.39
N TYR A 48 1.54 0.10 -10.55
CA TYR A 48 0.88 1.40 -10.55
C TYR A 48 1.90 2.53 -10.65
N GLY A 49 2.55 2.80 -9.53
CA GLY A 49 3.55 3.86 -9.48
C GLY A 49 4.96 3.28 -9.65
N THR A 50 5.84 3.70 -8.76
CA THR A 50 7.22 3.24 -8.81
C THR A 50 7.76 3.03 -7.40
N ILE A 51 8.17 1.79 -7.13
CA ILE A 51 8.71 1.45 -5.83
C ILE A 51 9.94 2.32 -5.54
N VAL A 52 9.71 3.39 -4.79
CA VAL A 52 10.78 4.31 -4.44
C VAL A 52 11.54 3.75 -3.24
N LEU A 53 10.87 2.89 -2.49
CA LEU A 53 11.47 2.28 -1.32
C LEU A 53 10.39 1.52 -0.54
N VAL A 54 10.84 0.49 0.16
CA VAL A 54 9.94 -0.33 0.96
C VAL A 54 10.63 -0.74 2.24
N ARG A 55 9.95 -0.50 3.35
CA ARG A 55 10.49 -0.84 4.67
C ARG A 55 9.54 -1.77 5.40
N ILE A 56 10.03 -2.96 5.71
CA ILE A 56 9.23 -3.95 6.42
C ILE A 56 9.34 -3.71 7.92
N ASN A 57 8.27 -4.04 8.63
CA ASN A 57 8.24 -3.86 10.07
C ASN A 57 7.88 -5.20 10.74
N GLN A 58 8.37 -5.36 11.95
CA GLN A 58 8.11 -6.58 12.70
C GLN A 58 6.89 -7.31 12.12
N GLY A 59 5.79 -6.59 12.06
CA GLY A 59 4.56 -7.16 11.52
C GLY A 59 3.80 -6.13 10.68
N GLN A 60 4.51 -5.54 9.75
CA GLN A 60 3.93 -4.54 8.88
C GLN A 60 4.77 -4.37 7.61
N MET A 61 4.20 -3.66 6.65
CA MET A 61 4.90 -3.41 5.39
C MET A 61 4.69 -1.97 4.93
N LEU A 62 5.79 -1.24 4.87
CA LEU A 62 5.76 0.15 4.45
C LEU A 62 6.22 0.25 2.99
N VAL A 63 5.26 0.50 2.11
CA VAL A 63 5.56 0.62 0.70
C VAL A 63 5.52 2.10 0.30
N THR A 64 6.63 2.54 -0.30
CA THR A 64 6.73 3.92 -0.74
C THR A 64 6.72 4.01 -2.27
N PHE A 65 6.17 5.10 -2.77
CA PHE A 65 6.09 5.31 -4.20
C PHE A 65 6.58 6.72 -4.58
N ALA A 66 6.70 6.93 -5.88
CA ALA A 66 7.15 8.22 -6.38
C ALA A 66 5.94 9.14 -6.57
N ASP A 67 4.92 8.58 -7.20
CA ASP A 67 3.70 9.34 -7.45
C ASP A 67 2.67 9.02 -6.38
N SER A 68 1.83 10.01 -6.09
CA SER A 68 0.80 9.84 -5.08
C SER A 68 -0.47 9.28 -5.71
N HIS A 69 -0.84 9.87 -6.84
CA HIS A 69 -2.03 9.44 -7.55
C HIS A 69 -2.03 7.91 -7.68
N SER A 70 -0.82 7.36 -7.70
CA SER A 70 -0.67 5.91 -7.82
C SER A 70 -1.11 5.23 -6.52
N ALA A 71 -0.41 5.58 -5.45
CA ALA A 71 -0.71 5.00 -4.15
C ALA A 71 -2.22 5.08 -3.90
N LEU A 72 -2.85 6.04 -4.56
CA LEU A 72 -4.28 6.23 -4.42
C LEU A 72 -5.01 5.05 -5.07
N SER A 73 -4.76 4.86 -6.36
CA SER A 73 -5.38 3.78 -7.09
C SER A 73 -5.24 2.47 -6.32
N VAL A 74 -4.00 2.11 -6.05
CA VAL A 74 -3.72 0.89 -5.31
C VAL A 74 -4.44 0.93 -3.96
N LEU A 75 -4.53 2.13 -3.41
CA LEU A 75 -5.19 2.32 -2.13
C LEU A 75 -6.67 1.97 -2.27
N ASP A 76 -7.17 2.11 -3.49
CA ASP A 76 -8.57 1.81 -3.77
C ASP A 76 -8.69 0.35 -4.17
N VAL A 77 -7.71 -0.12 -4.92
CA VAL A 77 -7.71 -1.49 -5.38
C VAL A 77 -7.22 -2.41 -4.25
N ASP A 78 -6.73 -1.77 -3.19
CA ASP A 78 -6.24 -2.51 -2.04
C ASP A 78 -7.16 -3.71 -1.77
N GLY A 79 -8.46 -3.44 -1.80
CA GLY A 79 -9.45 -4.47 -1.57
C GLY A 79 -9.01 -5.80 -2.20
N MET A 80 -8.25 -5.68 -3.29
CA MET A 80 -7.76 -6.85 -3.99
C MET A 80 -7.34 -7.95 -3.01
N LYS A 81 -7.46 -9.19 -3.46
CA LYS A 81 -7.09 -10.33 -2.63
C LYS A 81 -5.87 -11.01 -3.23
N VAL A 82 -4.93 -11.34 -2.35
CA VAL A 82 -3.71 -12.00 -2.79
C VAL A 82 -3.60 -13.36 -2.10
N LYS A 83 -3.44 -14.40 -2.91
CA LYS A 83 -3.31 -15.75 -2.39
C LYS A 83 -4.57 -16.10 -1.61
N GLY A 84 -5.70 -15.56 -2.07
CA GLY A 84 -6.97 -15.81 -1.41
C GLY A 84 -7.06 -15.07 -0.08
N ARG A 85 -6.03 -14.29 0.19
CA ARG A 85 -5.98 -13.53 1.42
C ARG A 85 -6.32 -12.06 1.16
N ALA A 86 -7.15 -11.51 2.02
CA ALA A 86 -7.57 -10.12 1.89
C ALA A 86 -6.47 -9.22 2.45
N VAL A 87 -6.06 -8.27 1.62
CA VAL A 87 -5.02 -7.33 2.01
C VAL A 87 -5.66 -5.99 2.37
N LYS A 88 -4.88 -5.16 3.04
CA LYS A 88 -5.36 -3.84 3.45
C LYS A 88 -4.22 -2.84 3.33
N ILE A 89 -4.40 -1.88 2.43
CA ILE A 89 -3.40 -0.85 2.21
C ILE A 89 -3.89 0.47 2.80
N SER A 90 -3.17 0.94 3.82
CA SER A 90 -3.53 2.18 4.47
C SER A 90 -2.42 3.22 4.27
N GLY A 91 -2.49 4.28 5.07
CA GLY A 91 -1.50 5.33 4.99
C GLY A 91 -0.94 5.66 6.37
N PRO A 92 0.35 5.28 6.58
CA PRO A 92 1.01 5.52 7.84
C PRO A 92 1.40 7.00 7.99
N SER A 93 1.58 7.63 6.84
CA SER A 93 1.96 9.04 6.81
C SER A 93 3.38 9.21 7.33
N SER A 94 3.54 9.03 8.64
CA SER A 94 4.84 9.16 9.27
C SER A 94 4.86 8.39 10.58
N GLY A 95 6.07 8.15 11.07
CA GLY A 95 6.25 7.41 12.31
C GLY A 95 7.33 6.34 12.18
N GLY A 1 -19.33 24.34 -9.24
CA GLY A 1 -19.18 23.87 -7.87
C GLY A 1 -18.10 22.79 -7.77
N SER A 2 -18.38 21.67 -8.41
CA SER A 2 -17.45 20.55 -8.40
C SER A 2 -17.19 20.09 -6.97
N SER A 3 -17.72 18.92 -6.64
CA SER A 3 -17.56 18.36 -5.32
C SER A 3 -16.21 17.64 -5.22
N GLY A 4 -16.02 16.69 -6.12
CA GLY A 4 -14.78 15.92 -6.13
C GLY A 4 -13.57 16.82 -5.87
N SER A 5 -13.48 17.89 -6.65
CA SER A 5 -12.39 18.83 -6.50
C SER A 5 -12.14 19.12 -5.02
N SER A 6 -13.23 19.37 -4.31
CA SER A 6 -13.14 19.66 -2.89
C SER A 6 -12.97 18.36 -2.09
N GLY A 7 -13.92 17.47 -2.27
CA GLY A 7 -13.89 16.19 -1.58
C GLY A 7 -12.46 15.65 -1.50
N SER A 8 -11.91 15.36 -2.67
CA SER A 8 -10.55 14.83 -2.74
C SER A 8 -9.97 15.10 -4.13
N SER A 9 -9.51 16.34 -4.32
CA SER A 9 -8.93 16.73 -5.59
C SER A 9 -7.77 15.80 -5.94
N PHE A 10 -6.79 15.75 -5.04
CA PHE A 10 -5.63 14.91 -5.25
C PHE A 10 -4.98 14.52 -3.92
N GLN A 11 -4.66 15.54 -3.14
CA GLN A 11 -4.04 15.31 -1.84
C GLN A 11 -3.03 14.16 -1.92
N GLY A 12 -1.84 14.49 -2.42
CA GLY A 12 -0.79 13.52 -2.55
C GLY A 12 0.53 14.03 -1.97
N PRO A 13 1.07 13.26 -1.00
CA PRO A 13 2.32 13.63 -0.35
C PRO A 13 3.51 13.37 -1.28
N LEU A 14 4.69 13.63 -0.75
CA LEU A 14 5.92 13.43 -1.52
C LEU A 14 6.46 12.02 -1.25
N ASP A 15 6.61 11.72 0.03
CA ASP A 15 7.12 10.42 0.44
C ASP A 15 6.51 9.34 -0.46
N ALA A 16 5.18 9.28 -0.44
CA ALA A 16 4.47 8.31 -1.25
C ALA A 16 4.56 6.94 -0.57
N THR A 17 4.41 6.96 0.75
CA THR A 17 4.45 5.73 1.53
C THR A 17 3.04 5.26 1.89
N VAL A 18 2.86 3.96 1.87
CA VAL A 18 1.58 3.37 2.19
C VAL A 18 1.78 2.10 3.02
N VAL A 19 0.81 1.82 3.87
CA VAL A 19 0.88 0.65 4.73
C VAL A 19 0.03 -0.46 4.12
N VAL A 20 0.61 -1.66 4.09
CA VAL A 20 -0.08 -2.82 3.54
C VAL A 20 -0.21 -3.89 4.63
N ASN A 21 -1.42 -4.43 4.74
CA ASN A 21 -1.68 -5.46 5.73
C ASN A 21 -2.51 -6.57 5.08
N LEU A 22 -2.58 -7.70 5.78
CA LEU A 22 -3.33 -8.84 5.29
C LEU A 22 -4.63 -8.98 6.09
N GLN A 23 -5.73 -9.12 5.37
CA GLN A 23 -7.03 -9.27 6.00
C GLN A 23 -7.09 -10.57 6.80
N SER A 24 -6.55 -11.62 6.20
CA SER A 24 -6.54 -12.93 6.84
C SER A 24 -5.16 -13.58 6.68
N PRO A 25 -4.18 -13.03 7.44
CA PRO A 25 -2.82 -13.54 7.40
C PRO A 25 -2.71 -14.87 8.15
N THR A 26 -1.58 -15.53 7.96
CA THR A 26 -1.33 -16.80 8.61
C THR A 26 -0.23 -16.67 9.67
N LEU A 27 -0.02 -17.75 10.39
CA LEU A 27 1.01 -17.76 11.43
C LEU A 27 2.27 -17.10 10.90
N GLU A 28 2.80 -17.66 9.82
CA GLU A 28 4.00 -17.13 9.21
C GLU A 28 3.97 -15.60 9.21
N GLU A 29 2.91 -15.07 8.61
CA GLU A 29 2.74 -13.63 8.53
C GLU A 29 2.60 -13.03 9.93
N LYS A 30 1.69 -13.62 10.71
CA LYS A 30 1.45 -13.16 12.06
C LYS A 30 2.78 -12.82 12.72
N ASN A 31 3.82 -13.52 12.29
CA ASN A 31 5.15 -13.30 12.83
C ASN A 31 5.85 -12.20 12.03
N GLU A 32 5.78 -12.34 10.71
CA GLU A 32 6.40 -11.38 9.82
C GLU A 32 5.95 -11.62 8.38
N PHE A 33 5.64 -10.52 7.71
CA PHE A 33 5.19 -10.61 6.32
C PHE A 33 6.02 -11.64 5.54
N PRO A 34 5.29 -12.55 4.85
CA PRO A 34 5.94 -13.57 4.06
C PRO A 34 6.51 -13.00 2.76
N GLU A 35 7.73 -13.42 2.46
CA GLU A 35 8.40 -12.95 1.25
C GLU A 35 7.58 -13.34 0.01
N ASP A 36 7.15 -14.59 -0.01
CA ASP A 36 6.36 -15.09 -1.13
C ASP A 36 5.20 -14.13 -1.39
N LEU A 37 4.82 -13.41 -0.34
CA LEU A 37 3.72 -12.47 -0.45
C LEU A 37 4.28 -11.08 -0.81
N ARG A 38 5.25 -10.64 -0.02
CA ARG A 38 5.87 -9.35 -0.24
C ARG A 38 6.03 -9.09 -1.74
N THR A 39 6.99 -9.77 -2.33
CA THR A 39 7.26 -9.63 -3.76
C THR A 39 5.95 -9.54 -4.54
N GLU A 40 5.08 -10.50 -4.26
CA GLU A 40 3.78 -10.55 -4.93
C GLU A 40 3.10 -9.20 -4.87
N LEU A 41 3.22 -8.55 -3.71
CA LEU A 41 2.62 -7.24 -3.51
C LEU A 41 3.53 -6.18 -4.14
N MET A 42 4.76 -6.14 -3.66
CA MET A 42 5.74 -5.18 -4.16
C MET A 42 5.60 -5.00 -5.67
N GLN A 43 5.46 -6.13 -6.36
CA GLN A 43 5.33 -6.10 -7.80
C GLN A 43 3.93 -5.64 -8.20
N THR A 44 2.94 -6.19 -7.51
CA THR A 44 1.55 -5.84 -7.78
C THR A 44 1.36 -4.31 -7.69
N LEU A 45 1.47 -3.82 -6.47
CA LEU A 45 1.31 -2.39 -6.22
C LEU A 45 2.33 -1.62 -7.07
N GLY A 46 3.56 -2.11 -7.04
CA GLY A 46 4.62 -1.47 -7.79
C GLY A 46 4.17 -1.13 -9.22
N SER A 47 3.41 -2.06 -9.79
CA SER A 47 2.91 -1.87 -11.14
C SER A 47 2.25 -0.50 -11.27
N TYR A 48 1.20 -0.31 -10.50
CA TYR A 48 0.47 0.95 -10.52
C TYR A 48 1.43 2.14 -10.68
N GLY A 49 2.43 2.16 -9.80
CA GLY A 49 3.41 3.23 -9.83
C GLY A 49 4.83 2.65 -9.98
N THR A 50 5.69 3.03 -9.04
CA THR A 50 7.06 2.56 -9.06
C THR A 50 7.61 2.46 -7.64
N ILE A 51 8.12 1.28 -7.32
CA ILE A 51 8.68 1.03 -6.00
C ILE A 51 10.02 1.76 -5.87
N VAL A 52 9.97 2.90 -5.22
CA VAL A 52 11.17 3.70 -5.03
C VAL A 52 11.90 3.21 -3.77
N LEU A 53 11.15 2.54 -2.91
CA LEU A 53 11.71 2.02 -1.67
C LEU A 53 10.61 1.32 -0.88
N VAL A 54 11.03 0.38 -0.05
CA VAL A 54 10.09 -0.37 0.78
C VAL A 54 10.69 -0.58 2.17
N ARG A 55 9.81 -0.69 3.15
CA ARG A 55 10.25 -0.89 4.52
C ARG A 55 9.15 -1.60 5.32
N ILE A 56 9.51 -2.77 5.84
CA ILE A 56 8.58 -3.55 6.62
C ILE A 56 8.64 -3.10 8.08
N ASN A 57 7.45 -3.01 8.69
CA ASN A 57 7.35 -2.60 10.07
C ASN A 57 7.15 -3.82 10.95
N GLN A 58 7.58 -3.70 12.21
CA GLN A 58 7.46 -4.78 13.16
C GLN A 58 6.36 -5.75 12.71
N GLY A 59 5.19 -5.19 12.46
CA GLY A 59 4.05 -5.99 12.02
C GLY A 59 3.23 -5.25 10.97
N GLN A 60 3.94 -4.73 9.98
CA GLN A 60 3.28 -3.99 8.91
C GLN A 60 4.19 -3.91 7.68
N MET A 61 3.67 -3.32 6.62
CA MET A 61 4.43 -3.17 5.39
C MET A 61 4.31 -1.75 4.84
N LEU A 62 5.40 -1.01 4.98
CA LEU A 62 5.44 0.36 4.50
C LEU A 62 6.09 0.40 3.12
N VAL A 63 5.25 0.53 2.11
CA VAL A 63 5.73 0.57 0.73
C VAL A 63 5.80 2.03 0.28
N THR A 64 6.94 2.39 -0.30
CA THR A 64 7.15 3.75 -0.79
C THR A 64 7.17 3.77 -2.31
N PHE A 65 6.57 4.81 -2.87
CA PHE A 65 6.51 4.96 -4.31
C PHE A 65 7.13 6.29 -4.74
N ALA A 66 7.01 6.56 -6.04
CA ALA A 66 7.55 7.80 -6.60
C ALA A 66 6.44 8.85 -6.67
N ASP A 67 5.25 8.38 -7.02
CA ASP A 67 4.11 9.26 -7.13
C ASP A 67 3.12 8.97 -6.00
N SER A 68 2.14 9.84 -5.87
CA SER A 68 1.13 9.68 -4.83
C SER A 68 -0.09 8.93 -5.39
N HIS A 69 -0.55 9.40 -6.54
CA HIS A 69 -1.69 8.78 -7.19
C HIS A 69 -1.57 7.26 -7.12
N SER A 70 -0.44 6.77 -7.63
CA SER A 70 -0.18 5.34 -7.63
C SER A 70 -0.61 4.73 -6.29
N ALA A 71 0.08 5.17 -5.24
CA ALA A 71 -0.22 4.67 -3.90
C ALA A 71 -1.66 5.01 -3.54
N LEU A 72 -2.17 6.05 -4.18
CA LEU A 72 -3.54 6.48 -3.94
C LEU A 72 -4.51 5.44 -4.49
N SER A 73 -4.23 5.01 -5.72
CA SER A 73 -5.07 4.02 -6.37
C SER A 73 -5.04 2.71 -5.58
N VAL A 74 -3.86 2.11 -5.54
CA VAL A 74 -3.69 0.86 -4.82
C VAL A 74 -4.36 0.96 -3.44
N LEU A 75 -4.36 2.18 -2.91
CA LEU A 75 -4.97 2.42 -1.61
C LEU A 75 -6.48 2.23 -1.71
N ASP A 76 -7.05 2.76 -2.79
CA ASP A 76 -8.47 2.65 -3.01
C ASP A 76 -8.80 1.25 -3.54
N VAL A 77 -8.11 0.89 -4.61
CA VAL A 77 -8.32 -0.41 -5.23
C VAL A 77 -7.77 -1.50 -4.31
N ASP A 78 -7.10 -1.06 -3.25
CA ASP A 78 -6.53 -1.97 -2.29
C ASP A 78 -7.45 -3.19 -2.13
N GLY A 79 -8.74 -2.92 -2.21
CA GLY A 79 -9.73 -3.98 -2.09
C GLY A 79 -9.26 -5.26 -2.79
N MET A 80 -8.45 -5.06 -3.82
CA MET A 80 -7.93 -6.19 -4.58
C MET A 80 -7.45 -7.30 -3.65
N LYS A 81 -7.14 -8.44 -4.25
CA LYS A 81 -6.66 -9.58 -3.49
C LYS A 81 -5.34 -10.07 -4.08
N VAL A 82 -4.51 -10.63 -3.23
CA VAL A 82 -3.21 -11.14 -3.65
C VAL A 82 -3.15 -12.64 -3.35
N LYS A 83 -2.94 -13.41 -4.41
CA LYS A 83 -2.85 -14.87 -4.27
C LYS A 83 -4.14 -15.39 -3.66
N GLY A 84 -5.24 -14.72 -3.99
CA GLY A 84 -6.54 -15.11 -3.49
C GLY A 84 -6.74 -14.65 -2.05
N ARG A 85 -5.69 -14.04 -1.51
CA ARG A 85 -5.74 -13.55 -0.15
C ARG A 85 -6.22 -12.10 -0.12
N ALA A 86 -7.06 -11.80 0.87
CA ALA A 86 -7.60 -10.46 1.00
C ALA A 86 -6.55 -9.55 1.65
N VAL A 87 -6.20 -8.50 0.93
CA VAL A 87 -5.22 -7.54 1.42
C VAL A 87 -5.93 -6.29 1.92
N LYS A 88 -5.17 -5.45 2.62
CA LYS A 88 -5.71 -4.22 3.16
C LYS A 88 -4.61 -3.15 3.19
N ILE A 89 -4.72 -2.21 2.28
CA ILE A 89 -3.74 -1.14 2.20
C ILE A 89 -4.33 0.14 2.79
N SER A 90 -3.63 0.70 3.76
CA SER A 90 -4.08 1.90 4.42
C SER A 90 -2.91 2.87 4.60
N GLY A 91 -3.18 3.97 5.28
CA GLY A 91 -2.16 4.98 5.52
C GLY A 91 -1.44 4.71 6.85
N PRO A 92 -0.78 5.78 7.37
CA PRO A 92 -0.04 5.68 8.62
C PRO A 92 -1.01 5.64 9.81
N SER A 93 -1.82 4.59 9.84
CA SER A 93 -2.78 4.43 10.92
C SER A 93 -2.11 3.80 12.13
N SER A 94 -2.61 4.15 13.31
CA SER A 94 -2.07 3.63 14.54
C SER A 94 -3.03 3.89 15.70
N GLY A 95 -3.98 2.98 15.86
CA GLY A 95 -4.97 3.12 16.91
C GLY A 95 -4.77 2.04 17.99
N GLY A 1 -12.16 37.87 7.20
CA GLY A 1 -10.76 37.46 7.31
C GLY A 1 -10.53 36.09 6.67
N SER A 2 -9.41 35.98 5.98
CA SER A 2 -9.06 34.73 5.33
C SER A 2 -7.69 34.25 5.80
N SER A 3 -7.69 33.60 6.96
CA SER A 3 -6.46 33.09 7.54
C SER A 3 -6.10 31.75 6.90
N GLY A 4 -7.02 30.81 7.02
CA GLY A 4 -6.81 29.49 6.45
C GLY A 4 -6.57 29.56 4.94
N SER A 5 -7.56 30.11 4.24
CA SER A 5 -7.46 30.24 2.80
C SER A 5 -6.05 30.69 2.40
N SER A 6 -5.64 31.83 2.94
CA SER A 6 -4.33 32.37 2.65
C SER A 6 -3.26 31.33 3.02
N GLY A 7 -3.25 30.95 4.28
CA GLY A 7 -2.28 29.99 4.77
C GLY A 7 -2.10 28.84 3.77
N SER A 8 -3.20 28.13 3.53
CA SER A 8 -3.17 27.02 2.59
C SER A 8 -2.10 26.01 3.01
N SER A 9 -2.49 25.11 3.90
CA SER A 9 -1.58 24.09 4.40
C SER A 9 -0.97 23.33 3.22
N PHE A 10 -1.84 22.79 2.38
CA PHE A 10 -1.39 22.04 1.22
C PHE A 10 -0.21 21.13 1.57
N GLN A 11 -0.53 19.89 1.93
CA GLN A 11 0.49 18.92 2.28
C GLN A 11 0.65 17.89 1.17
N GLY A 12 1.35 18.28 0.13
CA GLY A 12 1.59 17.39 -1.00
C GLY A 12 2.33 16.12 -0.56
N PRO A 13 1.66 14.96 -0.81
CA PRO A 13 2.24 13.68 -0.44
C PRO A 13 3.36 13.29 -1.41
N LEU A 14 4.45 14.04 -1.34
CA LEU A 14 5.60 13.79 -2.20
C LEU A 14 6.17 12.41 -1.86
N ASP A 15 6.25 12.13 -0.58
CA ASP A 15 6.78 10.86 -0.12
C ASP A 15 6.19 9.73 -0.96
N ALA A 16 4.88 9.58 -0.86
CA ALA A 16 4.19 8.54 -1.60
C ALA A 16 4.33 7.20 -0.87
N THR A 17 4.20 7.28 0.45
CA THR A 17 4.31 6.09 1.27
C THR A 17 2.93 5.51 1.57
N VAL A 18 2.88 4.18 1.65
CA VAL A 18 1.63 3.50 1.92
C VAL A 18 1.91 2.32 2.87
N VAL A 19 0.90 2.02 3.67
CA VAL A 19 1.01 0.93 4.63
C VAL A 19 0.24 -0.29 4.10
N VAL A 20 0.84 -1.45 4.27
CA VAL A 20 0.23 -2.69 3.82
C VAL A 20 -0.06 -3.59 5.02
N ASN A 21 -1.18 -4.28 4.95
CA ASN A 21 -1.59 -5.17 6.03
C ASN A 21 -2.43 -6.30 5.45
N LEU A 22 -2.46 -7.41 6.19
CA LEU A 22 -3.21 -8.57 5.76
C LEU A 22 -4.54 -8.63 6.53
N GLN A 23 -5.62 -8.72 5.79
CA GLN A 23 -6.94 -8.78 6.39
C GLN A 23 -7.08 -10.04 7.24
N SER A 24 -6.92 -11.18 6.58
CA SER A 24 -7.04 -12.46 7.26
C SER A 24 -5.80 -13.32 6.95
N PRO A 25 -4.67 -12.94 7.60
CA PRO A 25 -3.42 -13.66 7.41
C PRO A 25 -3.44 -15.00 8.15
N THR A 26 -2.49 -15.85 7.79
CA THR A 26 -2.38 -17.16 8.42
C THR A 26 -1.31 -17.15 9.51
N LEU A 27 -1.06 -18.34 10.05
CA LEU A 27 -0.06 -18.48 11.09
C LEU A 27 1.27 -17.86 10.62
N GLU A 28 1.78 -18.40 9.53
CA GLU A 28 3.03 -17.92 8.97
C GLU A 28 3.04 -16.39 8.96
N GLU A 29 1.93 -15.82 8.49
CA GLU A 29 1.80 -14.37 8.43
C GLU A 29 1.72 -13.78 9.84
N LYS A 30 0.85 -14.38 10.64
CA LYS A 30 0.66 -13.92 12.01
C LYS A 30 2.02 -13.81 12.70
N ASN A 31 2.96 -14.59 12.20
CA ASN A 31 4.31 -14.60 12.75
C ASN A 31 5.12 -13.48 12.11
N GLU A 32 5.00 -13.37 10.79
CA GLU A 32 5.72 -12.35 10.05
C GLU A 32 5.36 -12.43 8.56
N PHE A 33 5.32 -11.25 7.93
CA PHE A 33 5.00 -11.18 6.52
C PHE A 33 5.91 -12.10 5.70
N PRO A 34 5.26 -12.95 4.87
CA PRO A 34 6.00 -13.88 4.03
C PRO A 34 6.65 -13.15 2.84
N GLU A 35 7.89 -13.52 2.57
CA GLU A 35 8.63 -12.91 1.48
C GLU A 35 8.02 -13.32 0.13
N ASP A 36 7.21 -14.37 0.19
CA ASP A 36 6.56 -14.87 -1.02
C ASP A 36 5.43 -13.92 -1.42
N LEU A 37 4.90 -13.22 -0.42
CA LEU A 37 3.83 -12.27 -0.65
C LEU A 37 4.43 -10.88 -0.88
N ARG A 38 5.38 -10.53 -0.03
CA ARG A 38 6.03 -9.23 -0.13
C ARG A 38 6.36 -8.91 -1.59
N THR A 39 7.30 -9.66 -2.13
CA THR A 39 7.72 -9.47 -3.51
C THR A 39 6.50 -9.43 -4.42
N GLU A 40 5.52 -10.26 -4.10
CA GLU A 40 4.30 -10.33 -4.88
C GLU A 40 3.47 -9.06 -4.70
N LEU A 41 3.72 -8.39 -3.58
CA LEU A 41 3.01 -7.17 -3.26
C LEU A 41 3.76 -5.98 -3.85
N MET A 42 4.99 -5.80 -3.40
CA MET A 42 5.82 -4.71 -3.87
C MET A 42 5.80 -4.63 -5.39
N GLN A 43 5.88 -5.80 -6.02
CA GLN A 43 5.88 -5.86 -7.47
C GLN A 43 4.47 -5.59 -8.01
N THR A 44 3.50 -6.21 -7.36
CA THR A 44 2.11 -6.04 -7.76
C THR A 44 1.75 -4.56 -7.86
N LEU A 45 2.06 -3.84 -6.77
CA LEU A 45 1.77 -2.42 -6.73
C LEU A 45 2.72 -1.69 -7.67
N GLY A 46 3.86 -2.32 -7.94
CA GLY A 46 4.85 -1.74 -8.83
C GLY A 46 4.25 -1.41 -10.19
N SER A 47 3.25 -2.20 -10.57
CA SER A 47 2.58 -1.99 -11.85
C SER A 47 1.76 -0.71 -11.81
N TYR A 48 1.06 -0.53 -10.70
CA TYR A 48 0.23 0.65 -10.53
C TYR A 48 1.07 1.93 -10.57
N GLY A 49 2.02 2.01 -9.65
CA GLY A 49 2.90 3.16 -9.57
C GLY A 49 4.34 2.77 -9.89
N THR A 50 5.21 2.97 -8.91
CA THR A 50 6.61 2.65 -9.06
C THR A 50 7.29 2.55 -7.70
N ILE A 51 7.85 1.37 -7.43
CA ILE A 51 8.53 1.14 -6.17
C ILE A 51 9.86 1.89 -6.15
N VAL A 52 9.91 2.91 -5.30
CA VAL A 52 11.11 3.73 -5.19
C VAL A 52 11.86 3.33 -3.91
N LEU A 53 11.17 2.58 -3.07
CA LEU A 53 11.77 2.13 -1.82
C LEU A 53 10.71 1.41 -0.98
N VAL A 54 11.13 0.36 -0.31
CA VAL A 54 10.23 -0.42 0.53
C VAL A 54 10.89 -0.66 1.89
N ARG A 55 10.04 -0.79 2.90
CA ARG A 55 10.52 -1.02 4.26
C ARG A 55 9.42 -1.66 5.11
N ILE A 56 9.69 -2.88 5.56
CA ILE A 56 8.74 -3.60 6.37
C ILE A 56 8.86 -3.13 7.83
N ASN A 57 7.72 -3.04 8.49
CA ASN A 57 7.67 -2.61 9.88
C ASN A 57 7.50 -3.83 10.78
N GLN A 58 8.13 -3.76 11.94
CA GLN A 58 8.05 -4.85 12.91
C GLN A 58 6.71 -5.58 12.78
N GLY A 59 5.64 -4.80 12.77
CA GLY A 59 4.31 -5.35 12.64
C GLY A 59 3.50 -4.62 11.57
N GLN A 60 4.11 -4.50 10.40
CA GLN A 60 3.47 -3.82 9.28
C GLN A 60 4.40 -3.81 8.07
N MET A 61 3.98 -3.07 7.05
CA MET A 61 4.76 -2.97 5.83
C MET A 61 4.59 -1.59 5.19
N LEU A 62 5.70 -0.86 5.12
CA LEU A 62 5.68 0.47 4.54
C LEU A 62 6.29 0.41 3.13
N VAL A 63 5.48 0.81 2.16
CA VAL A 63 5.93 0.81 0.77
C VAL A 63 5.92 2.24 0.24
N THR A 64 7.01 2.61 -0.40
CA THR A 64 7.14 3.95 -0.96
C THR A 64 7.02 3.89 -2.49
N PHE A 65 6.34 4.89 -3.04
CA PHE A 65 6.16 4.97 -4.48
C PHE A 65 6.84 6.21 -5.06
N ALA A 66 6.58 6.46 -6.33
CA ALA A 66 7.16 7.60 -7.01
C ALA A 66 6.10 8.72 -7.08
N ASP A 67 4.86 8.32 -7.26
CA ASP A 67 3.77 9.26 -7.34
C ASP A 67 2.73 8.95 -6.26
N SER A 68 1.87 9.92 -6.01
CA SER A 68 0.83 9.78 -5.00
C SER A 68 -0.45 9.25 -5.66
N HIS A 69 -0.81 9.88 -6.76
CA HIS A 69 -2.01 9.49 -7.49
C HIS A 69 -2.08 7.96 -7.58
N SER A 70 -0.92 7.36 -7.78
CA SER A 70 -0.84 5.92 -7.89
C SER A 70 -1.28 5.26 -6.58
N ALA A 71 -0.74 5.78 -5.48
CA ALA A 71 -1.07 5.26 -4.17
C ALA A 71 -2.58 5.37 -3.94
N LEU A 72 -3.09 6.56 -4.19
CA LEU A 72 -4.52 6.82 -4.03
C LEU A 72 -5.31 5.62 -4.55
N SER A 73 -4.96 5.19 -5.75
CA SER A 73 -5.62 4.05 -6.38
C SER A 73 -5.23 2.77 -5.65
N VAL A 74 -3.94 2.64 -5.40
CA VAL A 74 -3.42 1.46 -4.72
C VAL A 74 -4.07 1.34 -3.34
N LEU A 75 -4.64 2.45 -2.89
CA LEU A 75 -5.30 2.49 -1.60
C LEU A 75 -6.77 2.12 -1.77
N ASP A 76 -7.23 2.21 -3.01
CA ASP A 76 -8.62 1.90 -3.33
C ASP A 76 -8.72 0.42 -3.71
N VAL A 77 -7.90 0.04 -4.68
CA VAL A 77 -7.89 -1.34 -5.14
C VAL A 77 -7.33 -2.25 -4.05
N ASP A 78 -6.79 -1.61 -3.02
CA ASP A 78 -6.21 -2.35 -1.91
C ASP A 78 -7.15 -3.50 -1.53
N GLY A 79 -8.44 -3.23 -1.64
CA GLY A 79 -9.43 -4.23 -1.31
C GLY A 79 -9.11 -5.57 -1.98
N MET A 80 -8.33 -5.49 -3.04
CA MET A 80 -7.94 -6.68 -3.78
C MET A 80 -7.49 -7.79 -2.83
N LYS A 81 -7.27 -8.97 -3.40
CA LYS A 81 -6.86 -10.12 -2.62
C LYS A 81 -5.56 -10.68 -3.22
N VAL A 82 -4.59 -10.92 -2.33
CA VAL A 82 -3.32 -11.46 -2.76
C VAL A 82 -3.30 -12.97 -2.50
N LYS A 83 -3.26 -13.71 -3.60
CA LYS A 83 -3.25 -15.16 -3.52
C LYS A 83 -4.48 -15.65 -2.75
N GLY A 84 -5.56 -14.91 -2.92
CA GLY A 84 -6.81 -15.24 -2.26
C GLY A 84 -6.86 -14.64 -0.85
N ARG A 85 -5.70 -14.22 -0.38
CA ARG A 85 -5.60 -13.63 0.94
C ARG A 85 -5.99 -12.14 0.89
N ALA A 86 -7.05 -11.82 1.61
CA ALA A 86 -7.53 -10.45 1.66
C ALA A 86 -6.43 -9.55 2.24
N VAL A 87 -6.09 -8.53 1.47
CA VAL A 87 -5.07 -7.59 1.88
C VAL A 87 -5.70 -6.21 2.10
N LYS A 88 -4.92 -5.33 2.69
CA LYS A 88 -5.39 -3.98 2.97
C LYS A 88 -4.21 -3.00 2.87
N ILE A 89 -4.47 -1.87 2.24
CA ILE A 89 -3.46 -0.85 2.07
C ILE A 89 -4.00 0.49 2.57
N SER A 90 -3.26 1.07 3.51
CA SER A 90 -3.66 2.35 4.08
C SER A 90 -2.55 3.39 3.84
N GLY A 91 -2.77 4.57 4.39
CA GLY A 91 -1.81 5.65 4.25
C GLY A 91 -1.60 6.38 5.59
N PRO A 92 -0.31 6.46 5.99
CA PRO A 92 0.04 7.13 7.24
C PRO A 92 -0.06 8.65 7.09
N SER A 93 0.86 9.19 6.31
CA SER A 93 0.90 10.63 6.08
C SER A 93 2.00 10.98 5.07
N SER A 94 3.22 10.68 5.46
CA SER A 94 4.36 10.96 4.61
C SER A 94 5.67 10.64 5.36
N GLY A 95 6.01 9.36 5.35
CA GLY A 95 7.23 8.92 6.02
C GLY A 95 7.75 7.63 5.40
N GLY A 1 -15.95 18.99 -17.34
CA GLY A 1 -16.24 19.00 -15.92
C GLY A 1 -15.06 18.43 -15.11
N SER A 2 -14.12 19.32 -14.80
CA SER A 2 -12.95 18.92 -14.05
C SER A 2 -12.21 20.15 -13.53
N SER A 3 -12.50 20.50 -12.29
CA SER A 3 -11.87 21.66 -11.66
C SER A 3 -10.68 21.22 -10.83
N GLY A 4 -10.97 20.35 -9.86
CA GLY A 4 -9.93 19.84 -8.98
C GLY A 4 -9.22 18.64 -9.60
N SER A 5 -10.01 17.61 -9.89
CA SER A 5 -9.47 16.40 -10.49
C SER A 5 -8.41 16.76 -11.54
N SER A 6 -8.73 17.77 -12.33
CA SER A 6 -7.82 18.22 -13.37
C SER A 6 -6.49 18.65 -12.75
N GLY A 7 -6.59 19.50 -11.75
CA GLY A 7 -5.41 19.99 -11.06
C GLY A 7 -4.59 18.84 -10.46
N SER A 8 -5.18 18.21 -9.45
CA SER A 8 -4.52 17.10 -8.79
C SER A 8 -3.03 17.38 -8.63
N SER A 9 -2.71 18.11 -7.57
CA SER A 9 -1.32 18.45 -7.30
C SER A 9 -0.71 17.46 -6.31
N PHE A 10 -1.31 17.42 -5.12
CA PHE A 10 -0.85 16.53 -4.08
C PHE A 10 0.66 16.67 -3.86
N GLN A 11 1.01 17.41 -2.81
CA GLN A 11 2.41 17.62 -2.50
C GLN A 11 2.72 17.10 -1.09
N GLY A 12 3.91 16.52 -0.95
CA GLY A 12 4.33 15.98 0.32
C GLY A 12 4.25 14.45 0.32
N PRO A 13 5.20 13.82 1.07
CA PRO A 13 5.24 12.37 1.16
C PRO A 13 4.14 11.85 2.07
N LEU A 14 2.91 12.22 1.73
CA LEU A 14 1.75 11.80 2.51
C LEU A 14 1.17 10.52 1.89
N ASP A 15 0.66 10.68 0.68
CA ASP A 15 0.08 9.55 -0.04
C ASP A 15 1.20 8.67 -0.60
N ALA A 16 2.29 9.31 -0.97
CA ALA A 16 3.43 8.60 -1.51
C ALA A 16 3.65 7.31 -0.73
N THR A 17 3.83 7.47 0.58
CA THR A 17 4.05 6.33 1.46
C THR A 17 2.71 5.80 1.98
N VAL A 18 2.60 4.48 2.01
CA VAL A 18 1.39 3.84 2.48
C VAL A 18 1.76 2.59 3.30
N VAL A 19 0.82 2.15 4.11
CA VAL A 19 1.03 0.98 4.94
C VAL A 19 0.19 -0.18 4.40
N VAL A 20 0.84 -1.34 4.31
CA VAL A 20 0.16 -2.53 3.81
C VAL A 20 0.05 -3.55 4.94
N ASN A 21 -1.08 -4.23 4.97
CA ASN A 21 -1.34 -5.24 5.98
C ASN A 21 -2.27 -6.31 5.42
N LEU A 22 -2.35 -7.42 6.14
CA LEU A 22 -3.21 -8.51 5.73
C LEU A 22 -4.51 -8.48 6.53
N GLN A 23 -5.62 -8.59 5.80
CA GLN A 23 -6.93 -8.57 6.43
C GLN A 23 -7.11 -9.80 7.32
N SER A 24 -6.78 -10.96 6.75
CA SER A 24 -6.91 -12.20 7.47
C SER A 24 -5.62 -13.01 7.36
N PRO A 25 -4.57 -12.52 8.05
CA PRO A 25 -3.27 -13.18 8.03
C PRO A 25 -3.29 -14.44 8.89
N THR A 26 -2.44 -15.39 8.51
CA THR A 26 -2.35 -16.65 9.23
C THR A 26 -1.19 -16.61 10.23
N LEU A 27 -1.05 -17.70 10.96
CA LEU A 27 0.01 -17.80 11.95
C LEU A 27 1.35 -17.47 11.30
N GLU A 28 1.57 -18.07 10.14
CA GLU A 28 2.80 -17.84 9.40
C GLU A 28 3.00 -16.35 9.14
N GLU A 29 1.89 -15.67 8.92
CA GLU A 29 1.93 -14.24 8.65
C GLU A 29 1.99 -13.46 9.97
N LYS A 30 1.28 -13.98 10.96
CA LYS A 30 1.26 -13.33 12.27
C LYS A 30 2.68 -13.28 12.84
N ASN A 31 3.51 -14.19 12.35
CA ASN A 31 4.89 -14.25 12.79
C ASN A 31 5.72 -13.21 12.03
N GLU A 32 5.49 -13.16 10.73
CA GLU A 32 6.21 -12.21 9.88
C GLU A 32 5.73 -12.33 8.44
N PHE A 33 5.54 -11.17 7.82
CA PHE A 33 5.08 -11.13 6.43
C PHE A 33 5.86 -12.12 5.57
N PRO A 34 5.10 -12.91 4.77
CA PRO A 34 5.71 -13.90 3.89
C PRO A 34 6.35 -13.22 2.67
N GLU A 35 7.59 -13.61 2.42
CA GLU A 35 8.32 -13.05 1.29
C GLU A 35 7.68 -13.50 -0.03
N ASP A 36 6.93 -14.58 0.05
CA ASP A 36 6.26 -15.12 -1.12
C ASP A 36 5.04 -14.26 -1.45
N LEU A 37 4.67 -13.42 -0.49
CA LEU A 37 3.53 -12.54 -0.65
C LEU A 37 4.02 -11.17 -1.14
N ARG A 38 4.85 -10.54 -0.31
CA ARG A 38 5.39 -9.24 -0.65
C ARG A 38 6.00 -9.27 -2.05
N THR A 39 6.90 -10.21 -2.26
CA THR A 39 7.56 -10.34 -3.54
C THR A 39 6.55 -10.22 -4.69
N GLU A 40 5.32 -10.63 -4.39
CA GLU A 40 4.25 -10.57 -5.37
C GLU A 40 3.55 -9.22 -5.31
N LEU A 41 3.48 -8.68 -4.10
CA LEU A 41 2.84 -7.39 -3.90
C LEU A 41 3.75 -6.28 -4.41
N MET A 42 4.99 -6.31 -3.94
CA MET A 42 5.97 -5.30 -4.35
C MET A 42 5.91 -5.06 -5.86
N GLN A 43 6.04 -6.16 -6.60
CA GLN A 43 6.00 -6.07 -8.05
C GLN A 43 4.62 -5.61 -8.52
N THR A 44 3.59 -6.08 -7.82
CA THR A 44 2.23 -5.72 -8.15
C THR A 44 1.99 -4.23 -7.91
N LEU A 45 2.05 -3.85 -6.64
CA LEU A 45 1.84 -2.45 -6.27
C LEU A 45 2.80 -1.57 -7.06
N GLY A 46 4.00 -2.10 -7.28
CA GLY A 46 5.01 -1.37 -8.03
C GLY A 46 4.50 -0.99 -9.42
N SER A 47 3.82 -1.93 -10.04
CA SER A 47 3.26 -1.70 -11.37
C SER A 47 2.42 -0.43 -11.38
N TYR A 48 1.35 -0.46 -10.61
CA TYR A 48 0.46 0.69 -10.51
C TYR A 48 1.25 1.99 -10.50
N GLY A 49 2.34 1.98 -9.74
CA GLY A 49 3.18 3.16 -9.62
C GLY A 49 4.66 2.79 -9.76
N THR A 50 5.39 3.01 -8.67
CA THR A 50 6.81 2.71 -8.65
C THR A 50 7.33 2.68 -7.21
N ILE A 51 7.98 1.58 -6.87
CA ILE A 51 8.53 1.41 -5.53
C ILE A 51 9.83 2.20 -5.43
N VAL A 52 9.72 3.39 -4.84
CA VAL A 52 10.88 4.24 -4.66
C VAL A 52 11.62 3.84 -3.39
N LEU A 53 10.89 3.18 -2.50
CA LEU A 53 11.46 2.74 -1.24
C LEU A 53 10.44 1.89 -0.49
N VAL A 54 10.87 0.72 -0.05
CA VAL A 54 10.01 -0.18 0.68
C VAL A 54 10.63 -0.50 2.04
N ARG A 55 9.77 -0.64 3.04
CA ARG A 55 10.23 -0.94 4.39
C ARG A 55 9.19 -1.78 5.12
N ILE A 56 9.53 -3.05 5.31
CA ILE A 56 8.63 -3.98 5.99
C ILE A 56 8.99 -4.02 7.48
N ASN A 57 7.96 -3.95 8.31
CA ASN A 57 8.15 -3.98 9.74
C ASN A 57 7.70 -5.33 10.29
N GLN A 58 8.27 -5.69 11.42
CA GLN A 58 7.94 -6.96 12.06
C GLN A 58 6.52 -7.37 11.70
N GLY A 59 5.61 -6.40 11.76
CA GLY A 59 4.22 -6.65 11.45
C GLY A 59 3.61 -5.48 10.68
N GLN A 60 4.32 -5.06 9.65
CA GLN A 60 3.85 -3.95 8.84
C GLN A 60 4.57 -3.94 7.49
N MET A 61 4.08 -3.11 6.59
CA MET A 61 4.67 -3.00 5.26
C MET A 61 4.53 -1.58 4.72
N LEU A 62 5.54 -0.77 4.97
CA LEU A 62 5.54 0.61 4.52
C LEU A 62 6.08 0.66 3.09
N VAL A 63 5.21 1.06 2.17
CA VAL A 63 5.59 1.17 0.78
C VAL A 63 5.59 2.64 0.36
N THR A 64 6.70 3.03 -0.25
CA THR A 64 6.85 4.41 -0.70
C THR A 64 6.71 4.50 -2.22
N PHE A 65 5.82 5.37 -2.65
CA PHE A 65 5.58 5.55 -4.07
C PHE A 65 6.08 6.92 -4.54
N ALA A 66 6.33 7.01 -5.83
CA ALA A 66 6.82 8.25 -6.42
C ALA A 66 5.62 9.15 -6.75
N ASP A 67 4.52 8.51 -7.12
CA ASP A 67 3.32 9.24 -7.46
C ASP A 67 2.30 9.11 -6.32
N SER A 68 1.86 10.25 -5.83
CA SER A 68 0.89 10.28 -4.75
C SER A 68 -0.43 9.66 -5.21
N HIS A 69 -0.73 9.86 -6.49
CA HIS A 69 -1.96 9.32 -7.06
C HIS A 69 -1.88 7.80 -7.11
N SER A 70 -0.73 7.31 -7.58
CA SER A 70 -0.51 5.88 -7.69
C SER A 70 -1.04 5.17 -6.44
N ALA A 71 -0.70 5.73 -5.29
CA ALA A 71 -1.13 5.17 -4.02
C ALA A 71 -2.66 5.25 -3.92
N LEU A 72 -3.18 6.37 -4.40
CA LEU A 72 -4.62 6.59 -4.37
C LEU A 72 -5.34 5.34 -4.91
N SER A 73 -4.89 4.90 -6.08
CA SER A 73 -5.47 3.73 -6.71
C SER A 73 -5.13 2.48 -5.90
N VAL A 74 -3.83 2.27 -5.72
CA VAL A 74 -3.37 1.11 -4.96
C VAL A 74 -4.11 1.03 -3.64
N LEU A 75 -4.56 2.19 -3.17
CA LEU A 75 -5.29 2.26 -1.92
C LEU A 75 -6.69 1.65 -2.11
N ASP A 76 -7.45 2.27 -3.00
CA ASP A 76 -8.80 1.81 -3.29
C ASP A 76 -8.73 0.39 -3.86
N VAL A 77 -7.57 0.05 -4.40
CA VAL A 77 -7.35 -1.25 -4.97
C VAL A 77 -7.04 -2.26 -3.87
N ASP A 78 -6.80 -1.71 -2.68
CA ASP A 78 -6.48 -2.54 -1.52
C ASP A 78 -7.42 -3.75 -1.50
N GLY A 79 -8.65 -3.52 -1.92
CA GLY A 79 -9.65 -4.57 -1.95
C GLY A 79 -9.10 -5.83 -2.63
N MET A 80 -8.08 -5.62 -3.44
CA MET A 80 -7.45 -6.73 -4.15
C MET A 80 -7.21 -7.91 -3.22
N LYS A 81 -6.88 -9.04 -3.83
CA LYS A 81 -6.63 -10.26 -3.07
C LYS A 81 -5.37 -10.94 -3.61
N VAL A 82 -4.45 -11.21 -2.70
CA VAL A 82 -3.20 -11.86 -3.07
C VAL A 82 -3.19 -13.28 -2.50
N LYS A 83 -3.08 -14.24 -3.41
CA LYS A 83 -3.05 -15.64 -3.01
C LYS A 83 -4.31 -15.97 -2.23
N GLY A 84 -5.43 -15.40 -2.67
CA GLY A 84 -6.70 -15.62 -2.02
C GLY A 84 -6.75 -14.94 -0.65
N ARG A 85 -5.72 -14.13 -0.39
CA ARG A 85 -5.63 -13.42 0.87
C ARG A 85 -6.00 -11.94 0.68
N ALA A 86 -6.94 -11.49 1.49
CA ALA A 86 -7.39 -10.10 1.41
C ALA A 86 -6.32 -9.20 2.05
N VAL A 87 -5.88 -8.24 1.27
CA VAL A 87 -4.87 -7.30 1.74
C VAL A 87 -5.53 -5.95 2.03
N LYS A 88 -4.80 -5.12 2.76
CA LYS A 88 -5.30 -3.81 3.11
C LYS A 88 -4.15 -2.79 3.05
N ILE A 89 -4.43 -1.68 2.38
CA ILE A 89 -3.44 -0.62 2.24
C ILE A 89 -4.02 0.69 2.76
N SER A 90 -3.38 1.20 3.81
CA SER A 90 -3.82 2.46 4.40
C SER A 90 -2.77 3.54 4.17
N GLY A 91 -3.01 4.69 4.80
CA GLY A 91 -2.09 5.82 4.66
C GLY A 91 -1.78 6.44 6.02
N PRO A 92 -0.46 6.44 6.36
CA PRO A 92 -0.02 7.00 7.62
C PRO A 92 -0.05 8.53 7.59
N SER A 93 0.46 9.07 6.50
CA SER A 93 0.50 10.52 6.33
C SER A 93 1.32 11.15 7.45
N SER A 94 2.63 10.92 7.39
CA SER A 94 3.54 11.45 8.39
C SER A 94 4.94 11.60 7.80
N GLY A 95 5.46 10.49 7.31
CA GLY A 95 6.79 10.48 6.72
C GLY A 95 6.80 9.66 5.41
N GLY A 1 -11.90 19.55 -21.21
CA GLY A 1 -10.50 19.32 -20.91
C GLY A 1 -10.34 18.59 -19.57
N SER A 2 -9.38 19.06 -18.79
CA SER A 2 -9.12 18.47 -17.49
C SER A 2 -9.11 19.56 -16.41
N SER A 3 -10.30 19.94 -15.99
CA SER A 3 -10.44 20.97 -14.97
C SER A 3 -10.29 20.35 -13.59
N GLY A 4 -11.17 19.40 -13.28
CA GLY A 4 -11.13 18.73 -11.99
C GLY A 4 -9.73 18.19 -11.69
N SER A 5 -9.27 17.32 -12.58
CA SER A 5 -7.96 16.72 -12.43
C SER A 5 -6.93 17.81 -12.06
N SER A 6 -6.83 18.79 -12.94
CA SER A 6 -5.90 19.89 -12.72
C SER A 6 -5.98 20.37 -11.28
N GLY A 7 -7.17 20.80 -10.89
CA GLY A 7 -7.40 21.28 -9.54
C GLY A 7 -6.96 20.24 -8.51
N SER A 8 -7.56 19.06 -8.60
CA SER A 8 -7.24 17.99 -7.68
C SER A 8 -7.53 18.43 -6.24
N SER A 9 -8.81 18.39 -5.90
CA SER A 9 -9.25 18.77 -4.56
C SER A 9 -8.43 18.01 -3.52
N PHE A 10 -8.55 16.69 -3.57
CA PHE A 10 -7.84 15.83 -2.63
C PHE A 10 -6.33 15.99 -2.79
N GLN A 11 -5.69 16.33 -1.67
CA GLN A 11 -4.25 16.51 -1.67
C GLN A 11 -3.55 15.26 -1.14
N GLY A 12 -2.48 14.88 -1.83
CA GLY A 12 -1.72 13.71 -1.44
C GLY A 12 -0.36 14.09 -0.86
N PRO A 13 0.19 13.17 -0.03
CA PRO A 13 1.48 13.41 0.60
C PRO A 13 2.62 13.25 -0.41
N LEU A 14 3.74 13.89 -0.10
CA LEU A 14 4.91 13.83 -0.96
C LEU A 14 5.62 12.49 -0.75
N ASP A 15 5.76 12.13 0.51
CA ASP A 15 6.42 10.88 0.86
C ASP A 15 5.97 9.78 -0.09
N ALA A 16 4.67 9.52 -0.07
CA ALA A 16 4.10 8.50 -0.94
C ALA A 16 4.24 7.13 -0.27
N THR A 17 4.21 7.15 1.05
CA THR A 17 4.35 5.92 1.82
C THR A 17 2.97 5.35 2.16
N VAL A 18 2.89 4.04 2.16
CA VAL A 18 1.65 3.36 2.47
C VAL A 18 1.95 2.05 3.20
N VAL A 19 1.04 1.68 4.10
CA VAL A 19 1.20 0.46 4.87
C VAL A 19 0.26 -0.61 4.31
N VAL A 20 0.80 -1.81 4.17
CA VAL A 20 0.03 -2.93 3.65
C VAL A 20 -0.21 -3.94 4.77
N ASN A 21 -1.44 -4.42 4.83
CA ASN A 21 -1.82 -5.39 5.85
C ASN A 21 -2.69 -6.48 5.21
N LEU A 22 -2.84 -7.57 5.94
CA LEU A 22 -3.64 -8.68 5.46
C LEU A 22 -4.98 -8.70 6.21
N GLN A 23 -5.99 -9.22 5.52
CA GLN A 23 -7.32 -9.30 6.10
C GLN A 23 -7.48 -10.62 6.86
N SER A 24 -6.84 -11.65 6.35
CA SER A 24 -6.91 -12.97 6.96
C SER A 24 -5.55 -13.65 6.87
N PRO A 25 -4.56 -13.09 7.61
CA PRO A 25 -3.21 -13.64 7.62
C PRO A 25 -3.15 -14.91 8.47
N THR A 26 -1.93 -15.35 8.72
CA THR A 26 -1.71 -16.56 9.51
C THR A 26 -0.66 -16.31 10.59
N LEU A 27 -0.22 -17.39 11.20
CA LEU A 27 0.79 -17.30 12.25
C LEU A 27 2.12 -16.89 11.64
N GLU A 28 2.35 -17.36 10.43
CA GLU A 28 3.59 -17.05 9.72
C GLU A 28 3.69 -15.54 9.49
N GLU A 29 2.55 -14.93 9.23
CA GLU A 29 2.50 -13.49 9.00
C GLU A 29 2.41 -12.74 10.32
N LYS A 30 1.52 -13.23 11.19
CA LYS A 30 1.33 -12.61 12.48
C LYS A 30 2.68 -12.35 13.14
N ASN A 31 3.66 -13.14 12.72
CA ASN A 31 5.02 -13.01 13.25
C ASN A 31 5.79 -12.02 12.39
N GLU A 32 5.81 -12.29 11.09
CA GLU A 32 6.52 -11.44 10.15
C GLU A 32 5.94 -11.62 8.74
N PHE A 33 5.59 -10.49 8.15
CA PHE A 33 5.02 -10.50 6.81
C PHE A 33 5.71 -11.55 5.93
N PRO A 34 4.89 -12.25 5.10
CA PRO A 34 5.41 -13.27 4.21
C PRO A 34 6.13 -12.65 3.02
N GLU A 35 7.30 -13.20 2.73
CA GLU A 35 8.10 -12.71 1.62
C GLU A 35 7.49 -13.14 0.29
N ASP A 36 6.80 -14.28 0.33
CA ASP A 36 6.17 -14.81 -0.86
C ASP A 36 4.99 -13.91 -1.26
N LEU A 37 4.64 -13.01 -0.34
CA LEU A 37 3.55 -12.10 -0.58
C LEU A 37 4.09 -10.78 -1.12
N ARG A 38 4.91 -10.13 -0.29
CA ARG A 38 5.51 -8.87 -0.66
C ARG A 38 6.09 -8.95 -2.07
N THR A 39 6.92 -9.96 -2.28
CA THR A 39 7.56 -10.16 -3.57
C THR A 39 6.51 -10.04 -4.69
N GLU A 40 5.27 -10.35 -4.34
CA GLU A 40 4.18 -10.28 -5.29
C GLU A 40 3.58 -8.87 -5.32
N LEU A 41 3.58 -8.25 -4.15
CA LEU A 41 3.04 -6.91 -4.02
C LEU A 41 4.03 -5.90 -4.62
N MET A 42 5.27 -5.99 -4.14
CA MET A 42 6.31 -5.09 -4.62
C MET A 42 6.31 -5.01 -6.16
N GLN A 43 5.95 -6.13 -6.77
CA GLN A 43 5.91 -6.20 -8.22
C GLN A 43 4.54 -5.77 -8.73
N THR A 44 3.51 -6.21 -8.02
CA THR A 44 2.15 -5.88 -8.38
C THR A 44 1.92 -4.37 -8.28
N LEU A 45 2.14 -3.86 -7.08
CA LEU A 45 1.95 -2.43 -6.83
C LEU A 45 2.93 -1.64 -7.72
N GLY A 46 4.14 -2.18 -7.83
CA GLY A 46 5.17 -1.53 -8.63
C GLY A 46 4.62 -1.12 -10.00
N SER A 47 3.57 -1.82 -10.42
CA SER A 47 2.94 -1.54 -11.70
C SER A 47 2.17 -0.23 -11.62
N TYR A 48 1.14 -0.23 -10.77
CA TYR A 48 0.32 0.96 -10.60
C TYR A 48 1.17 2.22 -10.55
N GLY A 49 2.31 2.11 -9.87
CA GLY A 49 3.22 3.23 -9.74
C GLY A 49 4.67 2.77 -9.87
N THR A 50 5.41 2.97 -8.79
CA THR A 50 6.81 2.59 -8.76
C THR A 50 7.33 2.52 -7.32
N ILE A 51 7.91 1.39 -6.99
CA ILE A 51 8.45 1.19 -5.65
C ILE A 51 9.80 1.92 -5.52
N VAL A 52 9.74 3.09 -4.91
CA VAL A 52 10.94 3.90 -4.71
C VAL A 52 11.69 3.39 -3.49
N LEU A 53 10.95 2.77 -2.59
CA LEU A 53 11.54 2.23 -1.36
C LEU A 53 10.49 1.43 -0.61
N VAL A 54 10.93 0.32 -0.04
CA VAL A 54 10.04 -0.54 0.72
C VAL A 54 10.72 -0.94 2.03
N ARG A 55 9.89 -1.09 3.07
CA ARG A 55 10.40 -1.47 4.38
C ARG A 55 9.41 -2.41 5.07
N ILE A 56 9.97 -3.47 5.65
CA ILE A 56 9.15 -4.44 6.35
C ILE A 56 9.06 -4.06 7.83
N ASN A 57 7.83 -3.89 8.29
CA ASN A 57 7.59 -3.53 9.68
C ASN A 57 7.40 -4.80 10.51
N GLN A 58 7.93 -4.78 11.71
CA GLN A 58 7.83 -5.91 12.62
C GLN A 58 6.57 -6.72 12.29
N GLY A 59 5.46 -6.00 12.14
CA GLY A 59 4.20 -6.63 11.83
C GLY A 59 3.39 -5.80 10.83
N GLN A 60 4.07 -5.38 9.77
CA GLN A 60 3.43 -4.57 8.75
C GLN A 60 4.36 -4.43 7.53
N MET A 61 3.86 -3.73 6.53
CA MET A 61 4.63 -3.51 5.31
C MET A 61 4.55 -2.06 4.86
N LEU A 62 5.65 -1.36 5.03
CA LEU A 62 5.71 0.04 4.65
C LEU A 62 6.25 0.15 3.23
N VAL A 63 5.33 0.31 2.28
CA VAL A 63 5.70 0.42 0.89
C VAL A 63 5.63 1.89 0.46
N THR A 64 6.71 2.35 -0.15
CA THR A 64 6.77 3.73 -0.61
C THR A 64 6.69 3.80 -2.13
N PHE A 65 6.09 4.88 -2.62
CA PHE A 65 5.95 5.07 -4.06
C PHE A 65 6.60 6.37 -4.51
N ALA A 66 6.50 6.64 -5.80
CA ALA A 66 7.07 7.83 -6.37
C ALA A 66 6.01 8.94 -6.41
N ASP A 67 4.82 8.55 -6.83
CA ASP A 67 3.71 9.48 -6.92
C ASP A 67 2.73 9.23 -5.77
N SER A 68 1.89 10.22 -5.52
CA SER A 68 0.91 10.12 -4.46
C SER A 68 -0.36 9.42 -4.97
N HIS A 69 -0.94 10.02 -6.00
CA HIS A 69 -2.15 9.48 -6.59
C HIS A 69 -1.98 7.98 -6.80
N SER A 70 -0.82 7.61 -7.34
CA SER A 70 -0.52 6.21 -7.60
C SER A 70 -0.94 5.36 -6.41
N ALA A 71 -0.64 5.87 -5.22
CA ALA A 71 -0.96 5.16 -4.00
C ALA A 71 -2.48 5.25 -3.76
N LEU A 72 -3.00 6.45 -3.92
CA LEU A 72 -4.43 6.67 -3.72
C LEU A 72 -5.21 5.52 -4.35
N SER A 73 -4.84 5.20 -5.59
CA SER A 73 -5.50 4.13 -6.32
C SER A 73 -5.18 2.79 -5.65
N VAL A 74 -3.91 2.59 -5.35
CA VAL A 74 -3.45 1.36 -4.72
C VAL A 74 -4.17 1.19 -3.39
N LEU A 75 -4.58 2.33 -2.82
CA LEU A 75 -5.28 2.32 -1.54
C LEU A 75 -6.68 1.73 -1.73
N ASP A 76 -7.35 2.19 -2.77
CA ASP A 76 -8.69 1.72 -3.07
C ASP A 76 -8.60 0.35 -3.75
N VAL A 77 -7.60 0.20 -4.60
CA VAL A 77 -7.41 -1.04 -5.31
C VAL A 77 -7.21 -2.18 -4.30
N ASP A 78 -6.91 -1.78 -3.08
CA ASP A 78 -6.70 -2.75 -2.01
C ASP A 78 -7.74 -3.86 -2.12
N GLY A 79 -8.92 -3.49 -2.60
CA GLY A 79 -10.00 -4.43 -2.77
C GLY A 79 -9.50 -5.74 -3.38
N MET A 80 -8.45 -5.62 -4.19
CA MET A 80 -7.88 -6.78 -4.84
C MET A 80 -7.54 -7.87 -3.82
N LYS A 81 -7.39 -9.08 -4.34
CA LYS A 81 -7.07 -10.22 -3.49
C LYS A 81 -5.77 -10.86 -3.97
N VAL A 82 -4.89 -11.12 -3.02
CA VAL A 82 -3.60 -11.73 -3.32
C VAL A 82 -3.56 -13.15 -2.75
N LYS A 83 -3.38 -14.11 -3.64
CA LYS A 83 -3.32 -15.51 -3.23
C LYS A 83 -4.62 -15.87 -2.49
N GLY A 84 -5.72 -15.38 -3.02
CA GLY A 84 -7.01 -15.64 -2.42
C GLY A 84 -7.13 -14.99 -1.04
N ARG A 85 -6.15 -14.15 -0.74
CA ARG A 85 -6.12 -13.46 0.55
C ARG A 85 -6.47 -11.98 0.35
N ALA A 86 -7.38 -11.51 1.19
CA ALA A 86 -7.81 -10.12 1.12
C ALA A 86 -6.71 -9.23 1.71
N VAL A 87 -6.30 -8.26 0.92
CA VAL A 87 -5.25 -7.33 1.34
C VAL A 87 -5.90 -6.03 1.81
N LYS A 88 -5.13 -5.26 2.57
CA LYS A 88 -5.62 -4.00 3.08
C LYS A 88 -4.48 -2.97 3.06
N ILE A 89 -4.57 -2.05 2.11
CA ILE A 89 -3.55 -1.02 1.97
C ILE A 89 -4.05 0.27 2.64
N SER A 90 -3.41 0.60 3.76
CA SER A 90 -3.77 1.80 4.50
C SER A 90 -2.57 2.74 4.58
N GLY A 91 -2.80 3.87 5.23
CA GLY A 91 -1.75 4.86 5.39
C GLY A 91 -0.86 4.54 6.59
N PRO A 92 -0.14 5.59 7.07
CA PRO A 92 0.76 5.42 8.21
C PRO A 92 -0.04 5.31 9.52
N SER A 93 0.67 5.46 10.62
CA SER A 93 0.05 5.37 11.93
C SER A 93 -0.06 6.77 12.55
N SER A 94 -1.17 7.00 13.21
CA SER A 94 -1.41 8.29 13.85
C SER A 94 -1.55 8.09 15.37
N GLY A 95 -1.19 9.14 16.09
CA GLY A 95 -1.28 9.12 17.55
C GLY A 95 -0.40 10.20 18.16
N GLY A 1 -26.57 6.52 -5.26
CA GLY A 1 -27.16 7.68 -4.62
C GLY A 1 -26.12 8.43 -3.79
N SER A 2 -25.33 9.24 -4.50
CA SER A 2 -24.29 10.01 -3.84
C SER A 2 -23.59 9.18 -2.77
N SER A 3 -22.56 8.47 -3.19
CA SER A 3 -21.80 7.62 -2.29
C SER A 3 -20.58 8.38 -1.75
N GLY A 4 -19.77 8.86 -2.69
CA GLY A 4 -18.58 9.60 -2.34
C GLY A 4 -18.93 10.98 -1.80
N SER A 5 -19.62 11.76 -2.64
CA SER A 5 -20.01 13.10 -2.25
C SER A 5 -20.53 13.11 -0.82
N SER A 6 -21.53 12.27 -0.57
CA SER A 6 -22.12 12.17 0.75
C SER A 6 -21.06 11.74 1.76
N GLY A 7 -20.47 10.58 1.49
CA GLY A 7 -19.45 10.04 2.36
C GLY A 7 -18.52 11.15 2.89
N SER A 8 -17.80 11.76 1.95
CA SER A 8 -16.89 12.84 2.31
C SER A 8 -15.80 12.30 3.24
N SER A 9 -14.79 11.70 2.63
CA SER A 9 -13.68 11.14 3.40
C SER A 9 -12.52 12.15 3.44
N PHE A 10 -12.04 12.49 2.26
CA PHE A 10 -10.94 13.44 2.14
C PHE A 10 -9.74 12.99 2.99
N GLN A 11 -8.83 12.29 2.33
CA GLN A 11 -7.64 11.80 3.01
C GLN A 11 -6.81 10.93 2.05
N GLY A 12 -5.58 10.67 2.46
CA GLY A 12 -4.68 9.86 1.67
C GLY A 12 -3.24 9.94 2.20
N PRO A 13 -2.28 9.57 1.31
CA PRO A 13 -0.87 9.59 1.68
C PRO A 13 -0.34 11.02 1.71
N LEU A 14 0.80 11.18 2.35
CA LEU A 14 1.43 12.49 2.46
C LEU A 14 2.45 12.65 1.33
N ASP A 15 3.53 11.89 1.44
CA ASP A 15 4.58 11.95 0.44
C ASP A 15 4.27 10.96 -0.68
N ALA A 16 4.29 9.68 -0.32
CA ALA A 16 4.02 8.63 -1.28
C ALA A 16 4.26 7.27 -0.63
N THR A 17 3.85 7.16 0.62
CA THR A 17 4.02 5.93 1.37
C THR A 17 2.66 5.32 1.70
N VAL A 18 2.64 4.00 1.78
CA VAL A 18 1.42 3.27 2.08
C VAL A 18 1.75 2.10 3.00
N VAL A 19 0.86 1.89 3.97
CA VAL A 19 1.04 0.80 4.91
C VAL A 19 0.25 -0.42 4.45
N VAL A 20 0.95 -1.54 4.31
CA VAL A 20 0.33 -2.77 3.88
C VAL A 20 0.13 -3.69 5.08
N ASN A 21 -1.06 -4.29 5.13
CA ASN A 21 -1.38 -5.19 6.22
C ASN A 21 -2.43 -6.20 5.74
N LEU A 22 -2.16 -7.47 6.03
CA LEU A 22 -3.07 -8.53 5.63
C LEU A 22 -4.37 -8.41 6.43
N GLN A 23 -5.46 -8.83 5.79
CA GLN A 23 -6.75 -8.77 6.42
C GLN A 23 -6.92 -9.93 7.42
N SER A 24 -6.77 -11.14 6.90
CA SER A 24 -6.89 -12.32 7.72
C SER A 24 -5.67 -13.23 7.54
N PRO A 25 -4.51 -12.75 8.07
CA PRO A 25 -3.27 -13.49 7.96
C PRO A 25 -3.26 -14.69 8.92
N THR A 26 -2.49 -15.69 8.56
CA THR A 26 -2.39 -16.90 9.37
C THR A 26 -1.29 -16.73 10.43
N LEU A 27 -0.78 -17.86 10.89
CA LEU A 27 0.26 -17.86 11.89
C LEU A 27 1.59 -17.49 11.23
N GLU A 28 1.76 -17.97 10.01
CA GLU A 28 2.98 -17.69 9.26
C GLU A 28 3.07 -16.20 8.92
N GLU A 29 1.91 -15.56 8.92
CA GLU A 29 1.85 -14.13 8.61
C GLU A 29 1.86 -13.31 9.91
N LYS A 30 1.21 -13.87 10.93
CA LYS A 30 1.14 -13.21 12.22
C LYS A 30 2.54 -13.09 12.81
N ASN A 31 3.41 -14.01 12.39
CA ASN A 31 4.77 -14.04 12.88
C ASN A 31 5.59 -13.00 12.12
N GLU A 32 5.45 -13.02 10.81
CA GLU A 32 6.17 -12.08 9.95
C GLU A 32 5.75 -12.27 8.49
N PHE A 33 5.34 -11.16 7.89
CA PHE A 33 4.91 -11.19 6.50
C PHE A 33 5.81 -12.09 5.66
N PRO A 34 5.16 -12.99 4.87
CA PRO A 34 5.89 -13.91 4.03
C PRO A 34 6.46 -13.20 2.80
N GLU A 35 7.73 -13.45 2.54
CA GLU A 35 8.41 -12.84 1.41
C GLU A 35 7.75 -13.28 0.10
N ASP A 36 7.41 -14.56 0.04
CA ASP A 36 6.77 -15.11 -1.13
C ASP A 36 5.55 -14.25 -1.50
N LEU A 37 4.97 -13.64 -0.48
CA LEU A 37 3.79 -12.81 -0.67
C LEU A 37 4.25 -11.38 -0.99
N ARG A 38 5.11 -10.86 -0.12
CA ARG A 38 5.62 -9.51 -0.31
C ARG A 38 5.88 -9.23 -1.78
N THR A 39 6.88 -9.91 -2.31
CA THR A 39 7.23 -9.75 -3.71
C THR A 39 5.98 -9.60 -4.57
N GLU A 40 5.12 -10.61 -4.49
CA GLU A 40 3.89 -10.61 -5.26
C GLU A 40 3.25 -9.22 -5.22
N LEU A 41 3.34 -8.59 -4.05
CA LEU A 41 2.77 -7.27 -3.87
C LEU A 41 3.74 -6.22 -4.43
N MET A 42 4.96 -6.27 -3.93
CA MET A 42 5.99 -5.34 -4.38
C MET A 42 5.92 -5.12 -5.90
N GLN A 43 5.85 -6.24 -6.62
CA GLN A 43 5.78 -6.18 -8.07
C GLN A 43 4.39 -5.68 -8.51
N THR A 44 3.37 -6.27 -7.90
CA THR A 44 2.00 -5.91 -8.22
C THR A 44 1.79 -4.40 -8.00
N LEU A 45 1.86 -4.01 -6.74
CA LEU A 45 1.67 -2.61 -6.39
C LEU A 45 2.69 -1.75 -7.16
N GLY A 46 3.73 -2.41 -7.62
CA GLY A 46 4.77 -1.73 -8.37
C GLY A 46 4.19 -1.06 -9.62
N SER A 47 3.52 -1.87 -10.43
CA SER A 47 2.92 -1.37 -11.66
C SER A 47 2.29 0.01 -11.40
N TYR A 48 1.40 0.05 -10.44
CA TYR A 48 0.73 1.29 -10.08
C TYR A 48 1.74 2.43 -9.89
N GLY A 49 2.77 2.14 -9.12
CA GLY A 49 3.81 3.12 -8.85
C GLY A 49 5.13 2.70 -9.48
N THR A 50 6.19 2.86 -8.71
CA THR A 50 7.53 2.51 -9.17
C THR A 50 8.41 2.10 -8.00
N ILE A 51 7.76 1.76 -6.89
CA ILE A 51 8.47 1.35 -5.70
C ILE A 51 9.76 2.17 -5.57
N VAL A 52 9.64 3.31 -4.90
CA VAL A 52 10.78 4.18 -4.71
C VAL A 52 11.57 3.72 -3.48
N LEU A 53 10.91 2.92 -2.66
CA LEU A 53 11.53 2.41 -1.45
C LEU A 53 10.51 1.57 -0.67
N VAL A 54 11.03 0.62 0.09
CA VAL A 54 10.18 -0.25 0.89
C VAL A 54 10.73 -0.31 2.32
N ARG A 55 9.80 -0.44 3.26
CA ARG A 55 10.17 -0.52 4.66
C ARG A 55 9.15 -1.37 5.43
N ILE A 56 9.59 -2.56 5.81
CA ILE A 56 8.73 -3.47 6.54
C ILE A 56 8.97 -3.28 8.04
N ASN A 57 7.89 -3.39 8.80
CA ASN A 57 7.97 -3.24 10.24
C ASN A 57 7.66 -4.58 10.91
N GLN A 58 8.09 -4.70 12.16
CA GLN A 58 7.86 -5.91 12.92
C GLN A 58 6.70 -6.70 12.32
N GLY A 59 5.57 -6.03 12.19
CA GLY A 59 4.38 -6.65 11.64
C GLY A 59 3.64 -5.69 10.70
N GLN A 60 4.39 -5.11 9.79
CA GLN A 60 3.82 -4.17 8.83
C GLN A 60 4.68 -4.10 7.57
N MET A 61 4.13 -3.49 6.54
CA MET A 61 4.83 -3.35 5.28
C MET A 61 4.57 -1.97 4.65
N LEU A 62 5.45 -1.04 4.98
CA LEU A 62 5.32 0.31 4.45
C LEU A 62 6.01 0.40 3.09
N VAL A 63 5.18 0.51 2.05
CA VAL A 63 5.69 0.60 0.70
C VAL A 63 5.64 2.05 0.23
N THR A 64 6.71 2.46 -0.43
CA THR A 64 6.81 3.82 -0.93
C THR A 64 6.77 3.83 -2.47
N PHE A 65 6.29 4.93 -3.01
CA PHE A 65 6.19 5.08 -4.45
C PHE A 65 6.75 6.43 -4.90
N ALA A 66 6.85 6.59 -6.22
CA ALA A 66 7.36 7.82 -6.79
C ALA A 66 6.22 8.84 -6.88
N ASP A 67 5.04 8.34 -7.20
CA ASP A 67 3.88 9.19 -7.33
C ASP A 67 2.91 8.90 -6.17
N SER A 68 2.30 9.97 -5.68
CA SER A 68 1.35 9.84 -4.58
C SER A 68 0.00 9.36 -5.10
N HIS A 69 -0.34 9.84 -6.29
CA HIS A 69 -1.60 9.48 -6.91
C HIS A 69 -1.70 7.96 -7.02
N SER A 70 -0.69 7.37 -7.64
CA SER A 70 -0.64 5.93 -7.82
C SER A 70 -1.09 5.24 -6.52
N ALA A 71 -0.50 5.68 -5.42
CA ALA A 71 -0.81 5.12 -4.12
C ALA A 71 -2.33 5.14 -3.91
N LEU A 72 -2.87 6.35 -3.97
CA LEU A 72 -4.31 6.54 -3.79
C LEU A 72 -5.06 5.54 -4.68
N SER A 73 -4.52 5.35 -5.88
CA SER A 73 -5.13 4.44 -6.83
C SER A 73 -5.14 3.01 -6.27
N VAL A 74 -4.16 2.76 -5.40
CA VAL A 74 -4.04 1.44 -4.79
C VAL A 74 -4.90 1.40 -3.52
N LEU A 75 -5.09 2.58 -2.93
CA LEU A 75 -5.89 2.68 -1.72
C LEU A 75 -7.28 2.09 -1.97
N ASP A 76 -7.79 2.36 -3.16
CA ASP A 76 -9.10 1.86 -3.53
C ASP A 76 -8.97 0.43 -4.08
N VAL A 77 -7.78 0.14 -4.58
CA VAL A 77 -7.51 -1.17 -5.13
C VAL A 77 -7.23 -2.16 -3.99
N ASP A 78 -7.12 -1.61 -2.79
CA ASP A 78 -6.86 -2.42 -1.61
C ASP A 78 -7.64 -3.74 -1.73
N GLY A 79 -8.88 -3.61 -2.16
CA GLY A 79 -9.74 -4.78 -2.31
C GLY A 79 -8.95 -5.97 -2.85
N MET A 80 -7.93 -5.65 -3.64
CA MET A 80 -7.09 -6.68 -4.22
C MET A 80 -6.80 -7.80 -3.22
N LYS A 81 -6.69 -9.00 -3.74
CA LYS A 81 -6.42 -10.16 -2.89
C LYS A 81 -5.22 -10.93 -3.47
N VAL A 82 -4.49 -11.57 -2.58
CA VAL A 82 -3.32 -12.34 -2.97
C VAL A 82 -3.44 -13.75 -2.40
N LYS A 83 -3.51 -14.72 -3.30
CA LYS A 83 -3.61 -16.11 -2.90
C LYS A 83 -4.88 -16.31 -2.07
N GLY A 84 -5.84 -15.42 -2.30
CA GLY A 84 -7.11 -15.47 -1.59
C GLY A 84 -7.06 -14.60 -0.32
N ARG A 85 -5.85 -14.22 0.05
CA ARG A 85 -5.66 -13.39 1.22
C ARG A 85 -5.91 -11.92 0.88
N ALA A 86 -6.93 -11.35 1.52
CA ALA A 86 -7.28 -9.96 1.29
C ALA A 86 -6.22 -9.07 1.95
N VAL A 87 -5.58 -8.26 1.12
CA VAL A 87 -4.56 -7.35 1.60
C VAL A 87 -5.17 -5.95 1.79
N LYS A 88 -4.68 -5.26 2.82
CA LYS A 88 -5.16 -3.93 3.11
C LYS A 88 -4.00 -2.93 3.01
N ILE A 89 -4.17 -1.96 2.13
CA ILE A 89 -3.15 -0.95 1.92
C ILE A 89 -3.71 0.42 2.33
N SER A 90 -3.25 0.88 3.49
CA SER A 90 -3.69 2.17 4.00
C SER A 90 -2.56 3.20 3.88
N GLY A 91 -2.86 4.42 4.30
CA GLY A 91 -1.89 5.49 4.25
C GLY A 91 -1.83 6.24 5.59
N PRO A 92 -0.76 5.93 6.37
CA PRO A 92 -0.58 6.57 7.66
C PRO A 92 -0.09 8.01 7.49
N SER A 93 1.06 8.15 6.84
CA SER A 93 1.65 9.45 6.62
C SER A 93 2.94 9.32 5.81
N SER A 94 3.64 10.43 5.68
CA SER A 94 4.89 10.44 4.93
C SER A 94 5.82 9.35 5.45
N GLY A 95 6.03 9.36 6.76
CA GLY A 95 6.89 8.37 7.39
C GLY A 95 8.14 9.04 7.97
N GLY A 1 -22.75 11.02 -1.62
CA GLY A 1 -21.77 11.36 -2.65
C GLY A 1 -21.10 12.69 -2.34
N SER A 2 -19.94 12.89 -2.94
CA SER A 2 -19.19 14.12 -2.75
C SER A 2 -19.16 14.93 -4.05
N SER A 3 -19.48 16.21 -3.91
CA SER A 3 -19.49 17.10 -5.06
C SER A 3 -18.14 17.80 -5.20
N GLY A 4 -17.76 18.51 -4.14
CA GLY A 4 -16.50 19.23 -4.14
C GLY A 4 -15.32 18.26 -4.12
N SER A 5 -15.22 17.50 -3.04
CA SER A 5 -14.14 16.53 -2.89
C SER A 5 -13.90 15.82 -4.22
N SER A 6 -14.95 15.19 -4.73
CA SER A 6 -14.87 14.47 -5.98
C SER A 6 -14.39 15.40 -7.09
N GLY A 7 -15.14 16.47 -7.30
CA GLY A 7 -14.81 17.44 -8.31
C GLY A 7 -13.30 17.68 -8.36
N SER A 8 -12.78 18.17 -7.24
CA SER A 8 -11.35 18.45 -7.15
C SER A 8 -10.87 18.24 -5.71
N SER A 9 -10.10 17.18 -5.52
CA SER A 9 -9.57 16.86 -4.21
C SER A 9 -8.24 17.59 -3.99
N PHE A 10 -7.30 17.30 -4.88
CA PHE A 10 -5.99 17.92 -4.79
C PHE A 10 -5.37 17.72 -3.40
N GLN A 11 -4.68 16.60 -3.24
CA GLN A 11 -4.05 16.28 -1.97
C GLN A 11 -3.34 14.93 -2.07
N GLY A 12 -2.03 15.01 -2.29
CA GLY A 12 -1.22 13.80 -2.41
C GLY A 12 0.00 13.88 -1.48
N PRO A 13 0.25 12.75 -0.77
CA PRO A 13 1.37 12.68 0.15
C PRO A 13 2.69 12.53 -0.61
N LEU A 14 3.44 13.62 -0.66
CA LEU A 14 4.72 13.63 -1.35
C LEU A 14 5.51 12.38 -0.95
N ASP A 15 5.56 12.13 0.35
CA ASP A 15 6.28 10.99 0.87
C ASP A 15 5.94 9.76 0.03
N ALA A 16 4.66 9.60 -0.24
CA ALA A 16 4.19 8.47 -1.04
C ALA A 16 4.46 7.18 -0.27
N THR A 17 3.69 6.99 0.79
CA THR A 17 3.82 5.80 1.61
C THR A 17 2.45 5.22 1.94
N VAL A 18 2.39 3.89 1.99
CA VAL A 18 1.15 3.21 2.30
C VAL A 18 1.44 2.04 3.25
N VAL A 19 0.52 1.83 4.17
CA VAL A 19 0.66 0.76 5.14
C VAL A 19 -0.09 -0.48 4.64
N VAL A 20 0.66 -1.36 4.00
CA VAL A 20 0.09 -2.58 3.47
C VAL A 20 -0.07 -3.61 4.59
N ASN A 21 -1.29 -4.03 4.80
CA ASN A 21 -1.58 -5.01 5.84
C ASN A 21 -2.28 -6.23 5.21
N LEU A 22 -2.52 -7.22 6.06
CA LEU A 22 -3.16 -8.44 5.60
C LEU A 22 -4.48 -8.62 6.35
N GLN A 23 -5.48 -9.12 5.63
CA GLN A 23 -6.79 -9.34 6.21
C GLN A 23 -6.73 -10.50 7.21
N SER A 24 -6.46 -11.69 6.68
CA SER A 24 -6.37 -12.87 7.51
C SER A 24 -5.00 -13.54 7.34
N PRO A 25 -3.98 -12.93 8.00
CA PRO A 25 -2.63 -13.45 7.92
C PRO A 25 -2.48 -14.71 8.79
N THR A 26 -1.49 -15.51 8.44
CA THR A 26 -1.23 -16.74 9.16
C THR A 26 -0.03 -16.56 10.10
N LEU A 27 0.43 -17.68 10.63
CA LEU A 27 1.57 -17.66 11.54
C LEU A 27 2.70 -16.84 10.93
N GLU A 28 3.29 -17.37 9.87
CA GLU A 28 4.38 -16.70 9.19
C GLU A 28 4.12 -15.20 9.15
N GLU A 29 2.96 -14.83 8.63
CA GLU A 29 2.58 -13.43 8.53
C GLU A 29 2.54 -12.80 9.92
N LYS A 30 1.90 -13.51 10.84
CA LYS A 30 1.76 -13.03 12.20
C LYS A 30 3.16 -12.72 12.76
N ASN A 31 4.14 -13.47 12.27
CA ASN A 31 5.51 -13.28 12.71
C ASN A 31 6.17 -12.20 11.86
N GLU A 32 5.98 -12.31 10.55
CA GLU A 32 6.55 -11.36 9.62
C GLU A 32 6.13 -11.69 8.19
N PHE A 33 5.70 -10.65 7.48
CA PHE A 33 5.27 -10.82 6.10
C PHE A 33 6.15 -11.84 5.37
N PRO A 34 5.47 -12.73 4.59
CA PRO A 34 6.17 -13.75 3.84
C PRO A 34 6.88 -13.16 2.62
N GLU A 35 7.86 -13.90 2.13
CA GLU A 35 8.62 -13.46 0.97
C GLU A 35 7.90 -13.88 -0.32
N ASP A 36 7.00 -14.83 -0.18
CA ASP A 36 6.25 -15.33 -1.32
C ASP A 36 5.12 -14.34 -1.64
N LEU A 37 4.72 -13.59 -0.64
CA LEU A 37 3.67 -12.60 -0.80
C LEU A 37 4.28 -11.24 -1.11
N ARG A 38 5.30 -10.89 -0.33
CA ARG A 38 5.98 -9.63 -0.50
C ARG A 38 6.12 -9.30 -1.99
N THR A 39 7.04 -9.98 -2.65
CA THR A 39 7.28 -9.76 -4.06
C THR A 39 5.95 -9.52 -4.79
N GLU A 40 5.14 -10.56 -4.83
CA GLU A 40 3.85 -10.47 -5.49
C GLU A 40 3.18 -9.14 -5.17
N LEU A 41 3.25 -8.77 -3.90
CA LEU A 41 2.66 -7.52 -3.45
C LEU A 41 3.46 -6.34 -4.01
N MET A 42 4.76 -6.38 -3.73
CA MET A 42 5.66 -5.33 -4.19
C MET A 42 5.45 -5.06 -5.69
N GLN A 43 5.30 -6.15 -6.43
CA GLN A 43 5.10 -6.05 -7.87
C GLN A 43 3.65 -5.66 -8.18
N THR A 44 2.74 -6.28 -7.45
CA THR A 44 1.32 -6.01 -7.64
C THR A 44 1.04 -4.51 -7.49
N LEU A 45 1.40 -3.99 -6.32
CA LEU A 45 1.18 -2.59 -6.03
C LEU A 45 2.15 -1.75 -6.87
N GLY A 46 3.38 -2.22 -6.96
CA GLY A 46 4.40 -1.53 -7.73
C GLY A 46 3.90 -1.21 -9.14
N SER A 47 3.22 -2.19 -9.72
CA SER A 47 2.68 -2.03 -11.06
C SER A 47 2.12 -0.61 -11.23
N TYR A 48 1.10 -0.32 -10.44
CA TYR A 48 0.47 0.99 -10.49
C TYR A 48 1.50 2.09 -10.71
N GLY A 49 2.47 2.13 -9.80
CA GLY A 49 3.53 3.13 -9.88
C GLY A 49 4.90 2.47 -9.86
N THR A 50 5.67 2.78 -8.83
CA THR A 50 7.01 2.24 -8.69
C THR A 50 7.40 2.16 -7.21
N ILE A 51 8.20 1.15 -6.90
CA ILE A 51 8.65 0.95 -5.53
C ILE A 51 9.94 1.74 -5.30
N VAL A 52 9.80 2.86 -4.60
CA VAL A 52 10.93 3.72 -4.31
C VAL A 52 11.62 3.21 -3.04
N LEU A 53 10.85 2.52 -2.22
CA LEU A 53 11.37 1.99 -0.97
C LEU A 53 10.25 1.25 -0.22
N VAL A 54 10.65 0.22 0.51
CA VAL A 54 9.70 -0.56 1.26
C VAL A 54 10.26 -0.82 2.67
N ARG A 55 9.34 -0.90 3.63
CA ARG A 55 9.73 -1.14 5.01
C ARG A 55 8.73 -2.08 5.69
N ILE A 56 9.18 -3.31 5.91
CA ILE A 56 8.33 -4.31 6.54
C ILE A 56 8.25 -4.02 8.04
N ASN A 57 7.15 -4.45 8.64
CA ASN A 57 6.94 -4.24 10.06
C ASN A 57 6.45 -5.55 10.70
N GLN A 58 6.86 -5.76 11.94
CA GLN A 58 6.48 -6.95 12.66
C GLN A 58 5.14 -7.49 12.13
N GLY A 59 4.19 -6.58 11.98
CA GLY A 59 2.88 -6.95 11.49
C GLY A 59 2.33 -5.88 10.54
N GLN A 60 3.17 -5.47 9.61
CA GLN A 60 2.78 -4.45 8.65
C GLN A 60 3.79 -4.39 7.50
N MET A 61 3.51 -3.52 6.54
CA MET A 61 4.38 -3.37 5.39
C MET A 61 4.23 -1.97 4.78
N LEU A 62 5.12 -1.08 5.22
CA LEU A 62 5.11 0.29 4.73
C LEU A 62 5.74 0.34 3.34
N VAL A 63 4.88 0.43 2.34
CA VAL A 63 5.34 0.49 0.96
C VAL A 63 5.34 1.94 0.49
N THR A 64 6.49 2.35 -0.04
CA THR A 64 6.65 3.71 -0.53
C THR A 64 6.72 3.72 -2.06
N PHE A 65 6.11 4.75 -2.64
CA PHE A 65 6.11 4.88 -4.10
C PHE A 65 6.77 6.19 -4.52
N ALA A 66 6.80 6.41 -5.83
CA ALA A 66 7.40 7.60 -6.38
C ALA A 66 6.33 8.68 -6.52
N ASP A 67 5.24 8.31 -7.18
CA ASP A 67 4.14 9.23 -7.39
C ASP A 67 3.08 9.01 -6.31
N SER A 68 2.28 10.04 -6.09
CA SER A 68 1.23 9.98 -5.09
C SER A 68 -0.05 9.39 -5.71
N HIS A 69 -0.36 9.87 -6.91
CA HIS A 69 -1.53 9.41 -7.62
C HIS A 69 -1.59 7.88 -7.57
N SER A 70 -0.44 7.27 -7.76
CA SER A 70 -0.35 5.81 -7.74
C SER A 70 -0.85 5.28 -6.40
N ALA A 71 -0.05 5.50 -5.37
CA ALA A 71 -0.40 5.05 -4.03
C ALA A 71 -1.90 5.23 -3.81
N LEU A 72 -2.42 6.35 -4.34
CA LEU A 72 -3.83 6.65 -4.20
C LEU A 72 -4.65 5.58 -4.93
N SER A 73 -4.33 5.41 -6.22
CA SER A 73 -5.03 4.44 -7.03
C SER A 73 -5.02 3.07 -6.34
N VAL A 74 -3.82 2.60 -6.03
CA VAL A 74 -3.67 1.32 -5.37
C VAL A 74 -4.36 1.37 -4.01
N LEU A 75 -4.36 2.56 -3.42
CA LEU A 75 -4.99 2.74 -2.12
C LEU A 75 -6.48 2.44 -2.23
N ASP A 76 -6.97 2.48 -3.46
CA ASP A 76 -8.37 2.21 -3.72
C ASP A 76 -8.56 0.72 -4.02
N VAL A 77 -7.86 0.28 -5.05
CA VAL A 77 -7.93 -1.12 -5.45
C VAL A 77 -7.30 -2.00 -4.37
N ASP A 78 -6.66 -1.35 -3.42
CA ASP A 78 -6.02 -2.05 -2.32
C ASP A 78 -6.89 -3.22 -1.89
N GLY A 79 -8.19 -2.97 -1.85
CA GLY A 79 -9.14 -4.00 -1.46
C GLY A 79 -8.76 -5.35 -2.06
N MET A 80 -8.09 -5.29 -3.20
CA MET A 80 -7.66 -6.50 -3.88
C MET A 80 -7.07 -7.51 -2.89
N LYS A 81 -6.87 -8.72 -3.39
CA LYS A 81 -6.30 -9.78 -2.57
C LYS A 81 -5.25 -10.54 -3.36
N VAL A 82 -4.36 -11.22 -2.63
CA VAL A 82 -3.31 -11.98 -3.26
C VAL A 82 -3.39 -13.43 -2.79
N LYS A 83 -3.64 -14.31 -3.74
CA LYS A 83 -3.75 -15.73 -3.45
C LYS A 83 -4.83 -15.95 -2.38
N GLY A 84 -5.84 -15.10 -2.44
CA GLY A 84 -6.94 -15.18 -1.49
C GLY A 84 -6.69 -14.29 -0.27
N ARG A 85 -5.42 -13.96 -0.07
CA ARG A 85 -5.03 -13.12 1.05
C ARG A 85 -5.34 -11.66 0.75
N ALA A 86 -6.49 -11.22 1.23
CA ALA A 86 -6.91 -9.85 1.03
C ALA A 86 -5.95 -8.90 1.74
N VAL A 87 -5.41 -7.97 0.96
CA VAL A 87 -4.47 -7.00 1.50
C VAL A 87 -5.21 -5.70 1.82
N LYS A 88 -4.78 -5.06 2.90
CA LYS A 88 -5.38 -3.82 3.33
C LYS A 88 -4.33 -2.72 3.36
N ILE A 89 -4.32 -1.90 2.32
CA ILE A 89 -3.37 -0.81 2.22
C ILE A 89 -3.97 0.44 2.85
N SER A 90 -3.22 1.00 3.79
CA SER A 90 -3.66 2.21 4.48
C SER A 90 -2.69 3.36 4.21
N GLY A 91 -2.90 4.45 4.91
CA GLY A 91 -2.06 5.62 4.76
C GLY A 91 -1.57 6.13 6.12
N PRO A 92 -0.22 6.21 6.25
CA PRO A 92 0.38 6.67 7.50
C PRO A 92 0.24 8.19 7.63
N SER A 93 -0.96 8.62 7.96
CA SER A 93 -1.24 10.04 8.12
C SER A 93 -1.21 10.41 9.60
N SER A 94 -0.65 11.58 9.88
CA SER A 94 -0.56 12.06 11.24
C SER A 94 -0.32 13.57 11.26
N GLY A 95 0.59 14.00 10.39
CA GLY A 95 0.92 15.41 10.27
C GLY A 95 2.04 15.78 11.24
#